data_6X1O
#
_entry.id   6X1O
#
_cell.length_a   123.092
_cell.length_b   126.821
_cell.length_c   141.289
_cell.angle_alpha   90.00
_cell.angle_beta   90.00
_cell.angle_gamma   90.00
#
_symmetry.space_group_name_H-M   'P 21 21 2'
#
loop_
_entity.id
_entity.type
_entity.pdbx_description
1 polymer 'Formaldehyde:ferredoxin oxidoreductase wor5'
2 polymer 'Oxidoreductase, Fe-S subunit'
3 non-polymer '(1R)-1-hydroxybutane-1-sulfonic acid'
4 non-polymer 'TUNGSTOPTERIN COFACTOR'
5 non-polymer 'IRON/SULFUR CLUSTER'
6 non-polymer 'MAGNESIUM ION'
7 non-polymer 'PHOSPHATE ION'
8 non-polymer 'CHLORIDE ION'
9 water water
#
loop_
_entity_poly.entity_id
_entity_poly.type
_entity_poly.pdbx_seq_one_letter_code
_entity_poly.pdbx_strand_id
1 'polypeptide(L)'
;MYAYNGKLLDVDLTREKVKEVELSEDVLKKFYGGRGLGTYILWKELGEKWEKVDPLGEENLLLILTGPLTGYYPGMKTSI
VSKSPESNGVVGSVLSSELGLELKAAGYDGIIIRGKAKSPVYLFIHNDTVEIRDATKYWGMGGIELYKTLLKEVHEEIRK
KEKLKGVPKEPAMIYIGKGGENKVRFAAIMTKLMHAAGYGGYGAVMGSKNLKAVIAKGSGPLPEVYDKEKMKVLLREFWK
ELFSMTTFREWGTGAGGYSVGHDRSSEPIRNWQEEYHDNEEISVVNFENRTWIKKYWADYGCPVNCMKISYLRYGPYKGS
ISDAPDYELQAYMGTNLGIFEPEKIVYLSYLVDELGLDGINTGNILGFAAELYQRGILTKEDLGFELNWGDEKAFAKLLH
LIVEKEGIGKILAEGTYRAALKISEIKGIDVTKYAVHVKGIAVGAHGIRSELDYTKDISYAVSVQGGDHTSTAALPAKGY
TGELVEAFYDSAVICNFVTKPGFEKIIEFGNALSGFNITPEQWLNEIGLRIIHLQRILLLLGGPDVYWDPRKDDDNPPRF
YEPLPSGPVKGKAPNREDIKAKVKQYYEEIGYDEHGIPKEEVLEELGIGEAKREVKRIKKRLNL
;
A,C
2 'polypeptide(L)'
;AIWILITPDKCSGCRLCEVTCSLEHEGIIWPEASRIRVFELFPGINVPHTCVQCPDYPCVNACPTNALSVDEKTGAVVVN
EEKCITCGACVLACPGKVPRIPAGKGSVVICDLCGGNPKCVEICHEAGHDALKIVTGNYRPIYRTFAKDPQEKSLDIARK
VFGEDF
;
B,D
#
loop_
_chem_comp.id
_chem_comp.type
_chem_comp.name
_chem_comp.formula
CL non-polymer 'CHLORIDE ION' 'Cl -1'
MG non-polymer 'MAGNESIUM ION' 'Mg 2'
PO4 non-polymer 'PHOSPHATE ION' 'O4 P -3'
PTE non-polymer 'TUNGSTOPTERIN COFACTOR' 'C20 H29 Mg N10 O14 P2 S4 W'
SF4 non-polymer 'IRON/SULFUR CLUSTER' 'Fe4 S4'
UKM non-polymer '(1R)-1-hydroxybutane-1-sulfonic acid' 'C4 H10 O4 S'
#
# COMPACT_ATOMS: atom_id res chain seq x y z
N MET A 1 9.09 -41.25 -12.53
CA MET A 1 7.71 -41.40 -12.17
C MET A 1 6.92 -40.10 -12.28
N TYR A 2 5.63 -40.17 -12.05
CA TYR A 2 4.76 -39.00 -12.06
C TYR A 2 4.75 -38.35 -10.69
N ALA A 3 4.81 -37.01 -10.67
CA ALA A 3 4.63 -36.19 -9.48
C ALA A 3 5.84 -36.23 -8.55
N TYR A 4 6.64 -37.30 -8.61
CA TYR A 4 7.83 -37.41 -7.77
C TYR A 4 9.07 -37.46 -8.64
N ASN A 5 10.20 -37.05 -8.09
CA ASN A 5 11.48 -37.36 -8.70
C ASN A 5 11.94 -38.79 -8.42
N GLY A 6 11.37 -39.42 -7.39
CA GLY A 6 11.80 -40.75 -6.97
C GLY A 6 13.13 -40.81 -6.28
N LYS A 7 13.49 -39.78 -5.53
CA LYS A 7 14.86 -39.58 -5.11
C LYS A 7 14.90 -38.70 -3.86
N LEU A 8 15.71 -39.10 -2.88
CA LEU A 8 16.01 -38.24 -1.75
C LEU A 8 17.50 -37.95 -1.73
N LEU A 9 17.86 -36.77 -1.25
CA LEU A 9 19.23 -36.53 -0.83
C LEU A 9 19.46 -37.12 0.55
N ASP A 10 20.65 -37.68 0.75
CA ASP A 10 21.07 -38.28 2.01
C ASP A 10 22.37 -37.59 2.41
N VAL A 11 22.33 -36.82 3.49
CA VAL A 11 23.43 -35.93 3.88
C VAL A 11 23.93 -36.39 5.24
N ASP A 12 25.16 -36.88 5.30
CA ASP A 12 25.79 -37.30 6.54
C ASP A 12 26.67 -36.13 7.01
N LEU A 13 26.14 -35.32 7.92
CA LEU A 13 26.95 -34.19 8.39
C LEU A 13 28.19 -34.66 9.14
N THR A 14 28.15 -35.84 9.77
CA THR A 14 29.31 -36.26 10.56
C THR A 14 30.49 -36.59 9.67
N ARG A 15 30.29 -37.38 8.62
CA ARG A 15 31.35 -37.72 7.67
C ARG A 15 31.47 -36.71 6.55
N GLU A 16 30.57 -35.73 6.48
CA GLU A 16 30.53 -34.72 5.41
C GLU A 16 30.41 -35.37 4.05
N LYS A 17 29.35 -36.17 3.89
CA LYS A 17 29.14 -36.92 2.66
C LYS A 17 27.69 -36.78 2.22
N VAL A 18 27.47 -36.65 0.91
CA VAL A 18 26.14 -36.56 0.34
C VAL A 18 25.97 -37.68 -0.67
N LYS A 19 24.79 -38.27 -0.73
CA LYS A 19 24.48 -39.21 -1.80
C LYS A 19 22.99 -39.13 -2.11
N GLU A 20 22.62 -39.75 -3.24
CA GLU A 20 21.22 -39.85 -3.64
C GLU A 20 20.72 -41.26 -3.33
N VAL A 21 19.48 -41.36 -2.88
CA VAL A 21 18.90 -42.66 -2.58
C VAL A 21 17.54 -42.74 -3.24
N GLU A 22 17.19 -43.95 -3.68
CA GLU A 22 15.99 -44.13 -4.48
C GLU A 22 14.75 -44.22 -3.60
N LEU A 23 13.68 -43.57 -4.06
CA LEU A 23 12.36 -43.69 -3.45
C LEU A 23 11.54 -44.63 -4.32
N SER A 24 11.31 -45.84 -3.82
CA SER A 24 10.56 -46.84 -4.56
C SER A 24 9.10 -46.44 -4.68
N GLU A 25 8.49 -46.83 -5.79
CA GLU A 25 7.06 -46.65 -5.95
C GLU A 25 6.28 -47.40 -4.87
N ASP A 26 6.79 -48.56 -4.43
CA ASP A 26 6.15 -49.32 -3.36
C ASP A 26 6.05 -48.50 -2.08
N VAL A 27 7.15 -47.83 -1.70
CA VAL A 27 7.13 -47.02 -0.49
C VAL A 27 6.14 -45.86 -0.62
N LEU A 28 6.13 -45.20 -1.78
CA LEU A 28 5.28 -44.02 -1.97
C LEU A 28 3.81 -44.39 -1.99
N LYS A 29 3.46 -45.54 -2.58
CA LYS A 29 2.08 -46.02 -2.50
C LYS A 29 1.67 -46.38 -1.09
N LYS A 30 2.62 -46.72 -0.24
CA LYS A 30 2.30 -47.12 1.12
C LYS A 30 2.21 -45.96 2.10
N PHE A 31 3.03 -44.93 1.89
CA PHE A 31 3.17 -43.83 2.83
C PHE A 31 3.06 -42.44 2.22
N TYR A 32 2.99 -42.30 0.88
CA TYR A 32 2.58 -41.08 0.16
C TYR A 32 3.63 -39.99 0.13
N GLY A 33 4.00 -39.46 1.29
CA GLY A 33 5.03 -38.43 1.34
C GLY A 33 5.01 -37.77 2.71
N GLY A 34 5.74 -36.65 2.81
CA GLY A 34 5.74 -35.83 4.01
C GLY A 34 5.70 -36.57 5.33
N ARG A 35 4.67 -36.28 6.14
CA ARG A 35 4.54 -36.85 7.49
C ARG A 35 4.57 -38.38 7.46
N GLY A 36 3.75 -38.99 6.60
CA GLY A 36 3.78 -40.44 6.43
C GLY A 36 5.14 -40.97 6.01
N LEU A 37 5.73 -40.40 4.96
CA LEU A 37 7.03 -40.88 4.50
C LEU A 37 8.09 -40.73 5.59
N GLY A 38 8.05 -39.62 6.32
CA GLY A 38 9.04 -39.41 7.37
C GLY A 38 8.86 -40.36 8.54
N THR A 39 7.59 -40.69 8.85
CA THR A 39 7.34 -41.60 9.97
C THR A 39 7.88 -42.99 9.63
N TYR A 40 7.61 -43.46 8.40
CA TYR A 40 8.21 -44.71 7.91
C TYR A 40 9.74 -44.70 8.00
N ILE A 41 10.39 -43.70 7.43
CA ILE A 41 11.85 -43.65 7.46
C ILE A 41 12.36 -43.70 8.88
N LEU A 42 11.71 -42.97 9.80
CA LEU A 42 12.15 -42.93 11.19
CA LEU A 42 12.17 -42.92 11.18
C LEU A 42 11.98 -44.28 11.87
N TRP A 43 10.84 -44.92 11.65
CA TRP A 43 10.62 -46.23 12.22
C TRP A 43 11.58 -47.25 11.62
N LYS A 44 11.68 -47.26 10.29
CA LYS A 44 12.59 -48.15 9.59
C LYS A 44 14.02 -48.02 10.12
N GLU A 45 14.53 -46.80 10.26
CA GLU A 45 15.94 -46.63 10.63
C GLU A 45 16.20 -46.65 12.13
N LEU A 46 15.23 -46.25 12.94
CA LEU A 46 15.45 -46.03 14.36
C LEU A 46 14.47 -46.78 15.25
N GLY A 47 13.42 -47.38 14.69
CA GLY A 47 12.35 -47.92 15.52
C GLY A 47 12.80 -49.04 16.44
N GLU A 48 13.82 -49.81 16.02
CA GLU A 48 14.29 -50.91 16.84
C GLU A 48 15.03 -50.42 18.08
N LYS A 49 15.62 -49.22 18.03
CA LYS A 49 16.37 -48.67 19.15
C LYS A 49 15.77 -47.35 19.62
N TRP A 50 14.47 -47.16 19.40
CA TRP A 50 13.87 -45.84 19.48
C TRP A 50 14.07 -45.21 20.85
N GLU A 51 13.74 -45.94 21.92
CA GLU A 51 13.83 -45.40 23.28
C GLU A 51 15.26 -45.07 23.70
N LYS A 52 16.27 -45.42 22.89
CA LYS A 52 17.67 -45.04 23.12
C LYS A 52 18.13 -43.85 22.28
N VAL A 53 17.35 -43.42 21.31
CA VAL A 53 17.75 -42.32 20.44
C VAL A 53 17.45 -41.00 21.15
N ASP A 54 18.48 -40.26 21.49
CA ASP A 54 18.25 -38.91 22.00
C ASP A 54 17.84 -37.99 20.84
N PRO A 55 16.66 -37.33 20.89
CA PRO A 55 16.31 -36.39 19.79
C PRO A 55 17.37 -35.32 19.55
N LEU A 56 18.14 -34.97 20.57
CA LEU A 56 19.18 -33.95 20.50
C LEU A 56 20.57 -34.53 20.31
N GLY A 57 20.67 -35.84 20.03
CA GLY A 57 21.94 -36.48 19.83
C GLY A 57 22.23 -36.77 18.36
N GLU A 58 23.48 -37.18 18.13
CA GLU A 58 24.03 -37.41 16.78
C GLU A 58 23.18 -38.37 15.94
N GLU A 59 22.42 -39.27 16.56
CA GLU A 59 21.76 -40.37 15.87
C GLU A 59 20.35 -40.05 15.38
N ASN A 60 19.73 -38.96 15.83
CA ASN A 60 18.44 -38.53 15.30
C ASN A 60 18.55 -38.23 13.80
N LEU A 61 17.41 -38.31 13.12
CA LEU A 61 17.31 -37.94 11.71
C LEU A 61 16.41 -36.71 11.57
N LEU A 62 16.87 -35.71 10.84
CA LEU A 62 16.05 -34.56 10.47
C LEU A 62 15.61 -34.75 9.02
N LEU A 63 14.31 -34.91 8.79
CA LEU A 63 13.82 -35.22 7.44
C LEU A 63 13.12 -33.99 6.88
N ILE A 64 13.49 -33.59 5.68
CA ILE A 64 12.87 -32.45 5.01
C ILE A 64 12.20 -33.00 3.76
N LEU A 65 10.86 -32.98 3.73
CA LEU A 65 10.15 -33.80 2.75
C LEU A 65 9.09 -33.01 2.01
N THR A 66 8.67 -33.59 0.89
CA THR A 66 7.55 -33.18 0.05
C THR A 66 6.59 -34.34 -0.11
N GLY A 67 5.58 -34.12 -0.91
CA GLY A 67 4.69 -35.16 -1.33
C GLY A 67 4.35 -34.90 -2.78
N PRO A 68 3.57 -35.80 -3.37
CA PRO A 68 3.26 -35.68 -4.80
C PRO A 68 2.50 -34.39 -5.16
N LEU A 69 1.68 -33.84 -4.25
CA LEU A 69 0.93 -32.62 -4.59
C LEU A 69 1.78 -31.37 -4.43
N THR A 70 2.90 -31.62 -3.73
CA THR A 70 3.94 -30.68 -3.38
C THR A 70 4.13 -29.59 -4.40
N GLY A 71 4.39 -29.93 -5.66
CA GLY A 71 4.58 -28.73 -6.54
C GLY A 71 3.36 -28.11 -7.23
N TYR A 72 2.18 -28.70 -7.11
CA TYR A 72 1.11 -28.51 -8.07
C TYR A 72 -0.18 -28.03 -7.45
N TYR A 73 -0.53 -28.55 -6.27
CA TYR A 73 -1.70 -28.06 -5.57
C TYR A 73 -1.48 -26.60 -5.17
N PRO A 74 -2.54 -25.78 -5.16
CA PRO A 74 -2.39 -24.37 -4.74
C PRO A 74 -1.74 -24.24 -3.37
N GLY A 75 -0.98 -23.16 -3.19
CA GLY A 75 -0.26 -22.94 -1.96
C GLY A 75 1.03 -23.73 -1.91
N MET A 76 1.73 -23.63 -0.78
CA MET A 76 3.09 -24.19 -0.70
C MET A 76 3.43 -24.52 0.75
N LYS A 77 3.81 -25.77 0.97
CA LYS A 77 4.29 -26.24 2.26
C LYS A 77 5.47 -27.18 2.04
N THR A 78 6.45 -27.11 2.94
CA THR A 78 7.46 -28.15 3.07
C THR A 78 7.22 -28.90 4.39
N SER A 79 7.35 -30.22 4.37
CA SER A 79 7.16 -31.06 5.56
C SER A 79 8.48 -31.25 6.32
N ILE A 80 8.42 -31.23 7.66
CA ILE A 80 9.60 -31.53 8.47
C ILE A 80 9.21 -32.57 9.50
N VAL A 81 10.03 -33.62 9.62
CA VAL A 81 9.75 -34.77 10.47
C VAL A 81 11.03 -35.22 11.14
N SER A 82 10.95 -35.53 12.43
CA SER A 82 12.11 -35.97 13.17
C SER A 82 11.62 -36.62 14.46
N LYS A 83 12.53 -37.14 15.26
CA LYS A 83 12.16 -37.48 16.63
C LYS A 83 12.03 -36.19 17.44
N SER A 84 10.91 -36.02 18.17
CA SER A 84 10.60 -34.71 18.78
C SER A 84 11.29 -34.52 20.14
N PRO A 85 12.07 -33.44 20.32
CA PRO A 85 12.59 -33.11 21.65
C PRO A 85 11.50 -32.87 22.69
N GLU A 86 10.23 -32.70 22.29
CA GLU A 86 9.17 -32.40 23.25
C GLU A 86 8.44 -33.67 23.70
N SER A 87 7.86 -34.41 22.77
CA SER A 87 7.06 -35.57 23.10
C SER A 87 7.86 -36.88 23.06
N ASN A 88 9.06 -36.87 22.48
CA ASN A 88 9.83 -38.06 22.16
C ASN A 88 9.12 -38.97 21.16
N GLY A 89 8.02 -38.51 20.57
CA GLY A 89 7.39 -39.18 19.47
C GLY A 89 7.79 -38.50 18.17
N VAL A 90 6.83 -38.39 17.24
CA VAL A 90 7.03 -37.80 15.93
C VAL A 90 5.97 -36.73 15.71
N VAL A 91 6.37 -35.60 15.10
CA VAL A 91 5.43 -34.57 14.66
C VAL A 91 5.62 -34.33 13.16
N GLY A 92 4.54 -34.45 12.40
CA GLY A 92 4.60 -33.99 11.04
C GLY A 92 4.38 -32.49 10.96
N SER A 93 5.42 -31.67 11.09
CA SER A 93 5.13 -30.25 10.95
C SER A 93 5.31 -29.80 9.52
N VAL A 94 4.80 -28.61 9.22
CA VAL A 94 4.95 -28.01 7.91
C VAL A 94 5.26 -26.53 8.09
N LEU A 95 5.80 -25.92 7.02
CA LEU A 95 6.01 -24.48 6.97
C LEU A 95 5.98 -24.08 5.49
N SER A 96 5.53 -22.84 5.23
CA SER A 96 5.33 -22.39 3.86
C SER A 96 6.63 -21.91 3.20
N SER A 97 7.67 -22.74 3.27
CA SER A 97 8.88 -22.53 2.49
C SER A 97 8.69 -23.11 1.09
N GLU A 98 9.19 -22.39 0.09
CA GLU A 98 9.36 -22.90 -1.26
C GLU A 98 10.52 -23.91 -1.37
N LEU A 99 11.15 -24.26 -0.25
CA LEU A 99 12.22 -25.26 -0.26
C LEU A 99 11.78 -26.54 -0.95
N GLY A 100 10.58 -27.01 -0.66
CA GLY A 100 10.12 -28.25 -1.28
C GLY A 100 9.98 -28.11 -2.78
N LEU A 101 9.50 -26.94 -3.23
CA LEU A 101 9.35 -26.69 -4.67
C LEU A 101 10.71 -26.62 -5.36
N GLU A 102 11.68 -25.91 -4.75
CA GLU A 102 12.99 -25.81 -5.36
C GLU A 102 13.69 -27.17 -5.40
N LEU A 103 13.56 -27.95 -4.33
CA LEU A 103 14.08 -29.31 -4.35
C LEU A 103 13.47 -30.09 -5.49
N LYS A 104 12.14 -30.05 -5.63
CA LYS A 104 11.50 -30.82 -6.70
C LYS A 104 11.94 -30.33 -8.06
N ALA A 105 12.13 -29.01 -8.23
CA ALA A 105 12.61 -28.47 -9.49
C ALA A 105 14.08 -28.79 -9.73
N ALA A 106 14.82 -29.15 -8.68
CA ALA A 106 16.21 -29.52 -8.82
C ALA A 106 16.42 -31.01 -8.97
N GLY A 107 15.36 -31.83 -8.87
CA GLY A 107 15.48 -33.27 -9.04
C GLY A 107 15.27 -34.13 -7.81
N TYR A 108 14.93 -33.56 -6.65
CA TYR A 108 14.81 -34.35 -5.43
C TYR A 108 13.42 -34.20 -4.82
N ASP A 109 13.06 -35.15 -3.95
CA ASP A 109 11.81 -35.07 -3.22
C ASP A 109 11.99 -34.75 -1.75
N GLY A 110 13.22 -34.72 -1.26
CA GLY A 110 13.43 -34.46 0.15
C GLY A 110 14.89 -34.68 0.49
N ILE A 111 15.19 -34.46 1.77
CA ILE A 111 16.53 -34.59 2.31
C ILE A 111 16.45 -35.41 3.59
N ILE A 112 17.32 -36.42 3.73
CA ILE A 112 17.56 -37.08 5.02
C ILE A 112 18.84 -36.50 5.58
N ILE A 113 18.78 -35.87 6.75
CA ILE A 113 19.95 -35.24 7.35
C ILE A 113 20.36 -36.06 8.57
N ARG A 114 21.57 -36.64 8.51
CA ARG A 114 22.13 -37.55 9.51
C ARG A 114 23.28 -36.88 10.26
N GLY A 115 23.51 -37.38 11.46
CA GLY A 115 24.76 -37.07 12.12
C GLY A 115 24.78 -35.66 12.66
N LYS A 116 25.97 -35.08 12.66
CA LYS A 116 26.22 -33.83 13.36
C LYS A 116 27.52 -33.23 12.83
N ALA A 117 27.47 -31.97 12.37
CA ALA A 117 28.67 -31.36 11.85
C ALA A 117 29.57 -30.90 13.00
N LYS A 118 30.88 -30.89 12.75
CA LYS A 118 31.85 -30.56 13.79
C LYS A 118 31.76 -29.10 14.18
N SER A 119 31.42 -28.25 13.22
CA SER A 119 31.26 -26.81 13.32
C SER A 119 30.01 -26.41 12.58
N PRO A 120 29.47 -25.22 12.84
CA PRO A 120 28.30 -24.73 12.09
C PRO A 120 28.49 -24.78 10.58
N VAL A 121 27.52 -25.38 9.91
CA VAL A 121 27.50 -25.51 8.46
C VAL A 121 26.14 -25.07 7.93
N TYR A 122 26.06 -24.87 6.62
CA TYR A 122 24.77 -24.82 5.96
C TYR A 122 24.82 -25.72 4.73
N LEU A 123 23.65 -26.18 4.30
CA LEU A 123 23.50 -27.07 3.16
C LEU A 123 23.04 -26.24 1.96
N PHE A 124 23.78 -26.34 0.86
CA PHE A 124 23.57 -25.55 -0.34
C PHE A 124 23.22 -26.51 -1.47
N ILE A 125 22.03 -26.35 -2.03
CA ILE A 125 21.56 -27.21 -3.10
C ILE A 125 21.20 -26.30 -4.26
N HIS A 126 21.89 -26.49 -5.39
CA HIS A 126 21.62 -25.72 -6.60
C HIS A 126 21.66 -26.70 -7.78
N ASN A 127 20.49 -27.17 -8.21
CA ASN A 127 20.33 -28.14 -9.30
C ASN A 127 21.16 -29.37 -8.92
N ASP A 128 22.17 -29.78 -9.72
CA ASP A 128 22.97 -30.96 -9.42
C ASP A 128 24.01 -30.72 -8.33
N THR A 129 24.34 -29.47 -8.03
CA THR A 129 25.34 -29.20 -7.00
C THR A 129 24.74 -29.32 -5.60
N VAL A 130 25.35 -30.15 -4.75
CA VAL A 130 25.03 -30.19 -3.32
C VAL A 130 26.32 -30.06 -2.52
N GLU A 131 26.36 -29.11 -1.59
CA GLU A 131 27.57 -28.83 -0.83
C GLU A 131 27.26 -28.56 0.64
N ILE A 132 28.12 -29.08 1.51
CA ILE A 132 28.10 -28.72 2.93
C ILE A 132 29.14 -27.63 3.13
N ARG A 133 28.72 -26.51 3.70
CA ARG A 133 29.53 -25.30 3.68
C ARG A 133 29.63 -24.68 5.07
N ASP A 134 30.78 -24.07 5.33
CA ASP A 134 31.01 -23.46 6.62
C ASP A 134 30.01 -22.35 6.87
N ALA A 135 29.35 -22.37 8.04
CA ALA A 135 28.37 -21.35 8.39
C ALA A 135 28.75 -20.61 9.66
N THR A 136 30.04 -20.56 9.99
CA THR A 136 30.38 -19.98 11.30
C THR A 136 30.20 -18.48 11.30
N LYS A 137 30.27 -17.83 10.15
CA LYS A 137 30.02 -16.39 10.13
C LYS A 137 28.56 -16.06 10.41
N TYR A 138 27.64 -16.99 10.12
CA TYR A 138 26.22 -16.69 10.29
C TYR A 138 25.64 -17.27 11.57
N TRP A 139 26.34 -18.19 12.23
CA TRP A 139 25.86 -18.69 13.52
C TRP A 139 25.63 -17.53 14.48
N GLY A 140 24.40 -17.40 14.97
CA GLY A 140 24.08 -16.31 15.85
C GLY A 140 23.16 -15.29 15.22
N MET A 141 23.00 -15.34 13.90
CA MET A 141 22.15 -14.40 13.22
C MET A 141 20.68 -14.78 13.32
N GLY A 142 19.83 -13.76 13.47
CA GLY A 142 18.41 -13.95 13.27
C GLY A 142 18.04 -13.90 11.80
N GLY A 143 16.76 -14.13 11.53
CA GLY A 143 16.30 -14.27 10.16
C GLY A 143 16.54 -13.03 9.29
N ILE A 144 16.27 -11.83 9.83
CA ILE A 144 16.41 -10.61 9.02
C ILE A 144 17.84 -10.45 8.54
N GLU A 145 18.79 -10.57 9.46
CA GLU A 145 20.19 -10.46 9.06
C GLU A 145 20.60 -11.62 8.17
N LEU A 146 20.05 -12.82 8.41
CA LEU A 146 20.37 -13.96 7.56
C LEU A 146 19.92 -13.73 6.11
N TYR A 147 18.75 -13.10 5.90
CA TYR A 147 18.34 -12.76 4.53
C TYR A 147 19.25 -11.71 3.92
N LYS A 148 19.71 -10.74 4.70
CA LYS A 148 20.51 -9.65 4.18
C LYS A 148 21.94 -10.05 3.87
N THR A 149 22.41 -11.17 4.42
CA THR A 149 23.79 -11.60 4.21
C THR A 149 23.83 -12.96 3.50
N LEU A 150 23.69 -14.06 4.26
CA LEU A 150 23.81 -15.41 3.68
C LEU A 150 22.95 -15.60 2.43
N LEU A 151 21.64 -15.34 2.53
CA LEU A 151 20.74 -15.55 1.38
C LEU A 151 21.11 -14.62 0.22
N LYS A 152 21.42 -13.36 0.53
CA LYS A 152 21.82 -12.45 -0.53
C LYS A 152 23.10 -12.93 -1.21
N GLU A 153 24.12 -13.27 -0.41
CA GLU A 153 25.39 -13.73 -0.95
C GLU A 153 25.21 -14.99 -1.81
N VAL A 154 24.32 -15.90 -1.40
CA VAL A 154 24.13 -17.12 -2.18
C VAL A 154 23.42 -16.81 -3.50
N HIS A 155 22.44 -15.89 -3.46
CA HIS A 155 21.78 -15.48 -4.68
C HIS A 155 22.75 -14.81 -5.66
N GLU A 156 23.65 -13.97 -5.15
CA GLU A 156 24.64 -13.36 -6.04
C GLU A 156 25.58 -14.41 -6.61
N GLU A 157 26.00 -15.37 -5.79
CA GLU A 157 26.83 -16.47 -6.27
C GLU A 157 26.14 -17.19 -7.42
N ILE A 158 24.86 -17.53 -7.23
CA ILE A 158 24.10 -18.24 -8.24
C ILE A 158 23.92 -17.35 -9.48
N ARG A 159 23.72 -16.05 -9.28
CA ARG A 159 23.57 -15.17 -10.42
C ARG A 159 24.87 -15.06 -11.23
N LYS A 160 26.02 -14.98 -10.54
CA LYS A 160 27.31 -15.00 -11.24
C LYS A 160 27.46 -16.30 -12.02
N LYS A 161 27.18 -17.44 -11.37
CA LYS A 161 27.28 -18.74 -12.03
C LYS A 161 26.45 -18.77 -13.32
N GLU A 162 25.19 -18.34 -13.26
CA GLU A 162 24.32 -18.40 -14.44
C GLU A 162 24.24 -17.08 -15.19
N LYS A 163 25.30 -16.26 -15.14
CA LYS A 163 25.28 -14.98 -15.85
C LYS A 163 24.68 -15.13 -17.27
N LEU A 164 25.15 -16.12 -18.03
CA LEU A 164 24.75 -16.34 -19.43
C LEU A 164 23.41 -17.06 -19.59
N LYS A 165 22.74 -17.45 -18.48
CA LYS A 165 21.41 -18.04 -18.52
C LYS A 165 20.32 -17.10 -17.97
N GLY A 166 20.68 -15.88 -17.58
CA GLY A 166 19.74 -14.95 -17.01
C GLY A 166 19.80 -14.92 -15.49
N VAL A 167 18.88 -14.16 -14.90
CA VAL A 167 18.87 -13.92 -13.47
C VAL A 167 17.90 -14.92 -12.83
N PRO A 168 18.39 -15.89 -12.06
CA PRO A 168 17.48 -16.80 -11.37
C PRO A 168 16.72 -16.09 -10.26
N LYS A 169 15.52 -16.60 -9.99
CA LYS A 169 14.79 -16.18 -8.81
C LYS A 169 15.59 -16.52 -7.56
N GLU A 170 15.17 -15.98 -6.42
CA GLU A 170 15.89 -16.21 -5.19
C GLU A 170 15.77 -17.68 -4.78
N PRO A 171 16.80 -18.22 -4.15
CA PRO A 171 16.68 -19.54 -3.53
C PRO A 171 15.78 -19.49 -2.28
N ALA A 172 15.20 -20.63 -1.94
CA ALA A 172 14.43 -20.77 -0.72
C ALA A 172 15.36 -21.18 0.42
N MET A 173 14.97 -20.80 1.64
CA MET A 173 15.85 -20.99 2.78
C MET A 173 15.02 -21.31 4.01
N ILE A 174 15.37 -22.41 4.69
CA ILE A 174 14.89 -22.68 6.03
C ILE A 174 16.10 -22.58 6.96
N TYR A 175 15.87 -22.19 8.21
CA TYR A 175 16.99 -21.81 9.07
C TYR A 175 16.55 -21.85 10.53
N ILE A 176 17.52 -21.77 11.43
CA ILE A 176 17.24 -21.62 12.84
C ILE A 176 17.76 -20.28 13.33
N GLY A 177 17.16 -19.80 14.42
CA GLY A 177 17.68 -18.68 15.17
C GLY A 177 18.48 -19.15 16.37
N LYS A 178 18.76 -18.21 17.27
CA LYS A 178 19.57 -18.53 18.45
C LYS A 178 18.90 -19.54 19.37
N GLY A 179 17.57 -19.61 19.37
CA GLY A 179 16.89 -20.61 20.19
C GLY A 179 17.25 -22.03 19.76
N GLY A 180 17.26 -22.29 18.46
CA GLY A 180 17.64 -23.60 17.98
C GLY A 180 19.13 -23.85 18.16
N GLU A 181 19.94 -22.79 17.96
CA GLU A 181 21.39 -22.92 18.10
C GLU A 181 21.77 -23.35 19.49
N ASN A 182 21.01 -22.93 20.50
CA ASN A 182 21.29 -23.30 21.89
C ASN A 182 20.38 -24.43 22.38
N LYS A 183 19.68 -25.12 21.47
CA LYS A 183 18.92 -26.33 21.78
C LYS A 183 17.82 -26.12 22.81
N VAL A 184 17.21 -24.93 22.83
CA VAL A 184 15.97 -24.74 23.55
C VAL A 184 14.96 -25.72 22.97
N ARG A 185 14.40 -26.54 23.86
CA ARG A 185 13.49 -27.65 23.49
C ARG A 185 12.34 -27.37 22.52
N PHE A 186 11.87 -26.14 22.52
CA PHE A 186 10.73 -25.75 21.69
C PHE A 186 11.17 -24.73 20.63
N ALA A 187 12.42 -24.79 20.22
CA ALA A 187 12.89 -23.99 19.10
C ALA A 187 12.25 -24.48 17.81
N ALA A 188 11.95 -23.54 16.92
CA ALA A 188 11.32 -23.84 15.63
C ALA A 188 12.36 -23.78 14.52
N ILE A 189 11.96 -24.28 13.35
CA ILE A 189 12.67 -24.06 12.10
C ILE A 189 11.90 -22.99 11.34
N MET A 190 12.59 -21.95 10.90
CA MET A 190 11.93 -20.76 10.34
C MET A 190 12.17 -20.64 8.83
N THR A 191 11.30 -19.84 8.19
CA THR A 191 11.53 -19.38 6.83
C THR A 191 10.82 -18.03 6.63
N LYS A 192 11.46 -17.15 5.83
CA LYS A 192 10.86 -15.86 5.47
C LYS A 192 10.39 -15.07 6.69
N LEU A 193 11.22 -15.10 7.75
CA LEU A 193 11.03 -14.35 9.00
C LEU A 193 9.90 -14.86 9.89
N MET A 194 8.76 -15.20 9.28
CA MET A 194 7.50 -15.29 9.99
C MET A 194 6.83 -16.64 9.90
N HIS A 195 7.34 -17.54 9.09
CA HIS A 195 6.75 -18.86 8.92
C HIS A 195 7.56 -19.82 9.74
N ALA A 196 6.90 -20.85 10.29
CA ALA A 196 7.57 -21.75 11.20
C ALA A 196 7.13 -23.19 10.96
N ALA A 197 8.08 -24.09 11.10
CA ALA A 197 7.76 -25.45 11.45
C ALA A 197 7.70 -25.41 12.98
N GLY A 198 6.50 -25.19 13.51
CA GLY A 198 6.33 -24.73 14.87
C GLY A 198 6.31 -25.81 15.97
N TYR A 199 5.49 -26.82 15.81
CA TYR A 199 5.39 -27.85 16.82
C TYR A 199 6.51 -28.88 16.67
N GLY A 200 7.02 -29.38 17.78
CA GLY A 200 7.91 -30.52 17.78
C GLY A 200 9.30 -30.25 18.29
N GLY A 201 9.78 -29.00 18.28
CA GLY A 201 11.13 -28.77 18.77
C GLY A 201 12.21 -28.99 17.75
N TYR A 202 11.84 -29.05 16.46
CA TYR A 202 12.79 -29.39 15.42
C TYR A 202 13.86 -28.33 15.25
N GLY A 203 13.62 -27.07 15.65
CA GLY A 203 14.71 -26.11 15.69
C GLY A 203 15.88 -26.61 16.52
N ALA A 204 15.59 -27.29 17.64
CA ALA A 204 16.64 -27.84 18.51
C ALA A 204 17.34 -29.04 17.87
N VAL A 205 16.61 -29.86 17.12
CA VAL A 205 17.23 -30.97 16.39
C VAL A 205 18.20 -30.43 15.34
N MET A 206 17.70 -29.53 14.51
CA MET A 206 18.57 -28.87 13.55
C MET A 206 19.77 -28.23 14.25
N GLY A 207 19.52 -27.50 15.33
CA GLY A 207 20.63 -26.86 16.03
C GLY A 207 21.61 -27.86 16.61
N SER A 208 21.12 -29.03 17.04
CA SER A 208 21.97 -30.06 17.64
C SER A 208 22.88 -30.74 16.62
N LYS A 209 22.62 -30.60 15.32
CA LYS A 209 23.48 -31.11 14.27
C LYS A 209 24.40 -30.03 13.73
N ASN A 210 24.37 -28.82 14.32
CA ASN A 210 25.19 -27.70 13.88
C ASN A 210 24.79 -27.21 12.49
N LEU A 211 23.51 -27.36 12.15
CA LEU A 211 23.00 -26.98 10.83
C LEU A 211 22.30 -25.62 10.95
N LYS A 212 22.92 -24.58 10.39
CA LYS A 212 22.34 -23.23 10.45
C LYS A 212 21.15 -23.09 9.50
N ALA A 213 21.26 -23.64 8.30
CA ALA A 213 20.31 -23.33 7.26
C ALA A 213 20.41 -24.36 6.15
N VAL A 214 19.31 -24.54 5.43
CA VAL A 214 19.27 -25.25 4.16
C VAL A 214 18.78 -24.28 3.09
N ILE A 215 19.54 -24.15 2.00
CA ILE A 215 19.24 -23.23 0.90
C ILE A 215 19.19 -24.04 -0.38
N ALA A 216 18.11 -23.88 -1.13
CA ALA A 216 17.91 -24.70 -2.32
C ALA A 216 17.36 -23.86 -3.46
N LYS A 217 17.86 -24.15 -4.67
CA LYS A 217 17.46 -23.47 -5.90
C LYS A 217 17.42 -24.52 -7.00
N GLY A 218 16.26 -24.67 -7.63
CA GLY A 218 16.12 -25.56 -8.77
C GLY A 218 15.61 -24.75 -9.94
N SER A 219 16.03 -25.16 -11.16
CA SER A 219 15.63 -24.39 -12.33
C SER A 219 14.99 -25.23 -13.41
N GLY A 220 14.85 -26.53 -13.19
CA GLY A 220 14.20 -27.37 -14.16
C GLY A 220 12.72 -27.46 -13.88
N PRO A 221 11.99 -28.20 -14.70
CA PRO A 221 10.56 -28.40 -14.46
C PRO A 221 10.28 -29.33 -13.29
N LEU A 222 9.05 -29.28 -12.80
CA LEU A 222 8.59 -30.28 -11.84
C LEU A 222 8.44 -31.60 -12.58
N PRO A 223 8.43 -32.75 -11.88
CA PRO A 223 8.21 -34.03 -12.56
C PRO A 223 6.94 -33.94 -13.39
N GLU A 224 6.87 -34.75 -14.45
CA GLU A 224 5.64 -34.82 -15.23
C GLU A 224 4.50 -35.37 -14.41
N VAL A 225 3.28 -35.14 -14.90
CA VAL A 225 2.08 -35.56 -14.19
C VAL A 225 1.32 -36.54 -15.07
N TYR A 226 0.58 -37.42 -14.40
CA TYR A 226 -0.16 -38.47 -15.08
C TYR A 226 -1.21 -37.92 -16.05
N ASP A 227 -2.08 -37.00 -15.58
CA ASP A 227 -3.17 -36.47 -16.40
C ASP A 227 -3.12 -34.94 -16.35
N LYS A 228 -2.41 -34.35 -17.30
CA LYS A 228 -2.12 -32.92 -17.22
C LYS A 228 -3.35 -32.06 -17.42
N GLU A 229 -4.30 -32.51 -18.25
CA GLU A 229 -5.46 -31.65 -18.48
C GLU A 229 -6.51 -31.81 -17.40
N LYS A 230 -6.54 -32.95 -16.71
CA LYS A 230 -7.39 -33.02 -15.52
C LYS A 230 -6.81 -32.14 -14.42
N MET A 231 -5.48 -32.14 -14.30
CA MET A 231 -4.83 -31.22 -13.36
C MET A 231 -5.22 -29.77 -13.63
N LYS A 232 -5.14 -29.33 -14.90
CA LYS A 232 -5.45 -27.94 -15.23
C LYS A 232 -6.91 -27.63 -14.92
N VAL A 233 -7.83 -28.54 -15.24
CA VAL A 233 -9.23 -28.26 -15.02
C VAL A 233 -9.53 -28.10 -13.53
N LEU A 234 -8.98 -28.99 -12.71
CA LEU A 234 -9.24 -28.92 -11.27
C LEU A 234 -8.63 -27.66 -10.66
N LEU A 235 -7.41 -27.32 -11.10
CA LEU A 235 -6.73 -26.11 -10.65
C LEU A 235 -7.60 -24.86 -10.84
N ARG A 236 -8.16 -24.68 -12.04
CA ARG A 236 -9.04 -23.54 -12.26
C ARG A 236 -10.23 -23.57 -11.32
N GLU A 237 -10.83 -24.75 -11.16
CA GLU A 237 -11.91 -24.96 -10.21
C GLU A 237 -11.52 -24.52 -8.81
N PHE A 238 -10.35 -25.00 -8.34
CA PHE A 238 -9.91 -24.73 -6.98
C PHE A 238 -9.66 -23.22 -6.77
N TRP A 239 -8.97 -22.58 -7.73
CA TRP A 239 -8.73 -21.14 -7.64
C TRP A 239 -10.04 -20.36 -7.48
N LYS A 240 -11.03 -20.66 -8.32
CA LYS A 240 -12.28 -19.90 -8.32
C LYS A 240 -12.94 -19.98 -6.95
N GLU A 241 -12.93 -21.19 -6.38
CA GLU A 241 -13.54 -21.43 -5.07
C GLU A 241 -12.76 -20.75 -3.95
N LEU A 242 -11.43 -20.88 -4.00
CA LEU A 242 -10.58 -20.27 -2.96
C LEU A 242 -10.60 -18.75 -3.02
N PHE A 243 -10.76 -18.15 -4.21
CA PHE A 243 -10.80 -16.69 -4.30
C PHE A 243 -11.97 -16.13 -3.50
N SER A 244 -13.03 -16.91 -3.33
CA SER A 244 -14.27 -16.46 -2.71
C SER A 244 -14.22 -16.37 -1.18
N MET A 245 -13.15 -16.83 -0.53
CA MET A 245 -13.07 -16.80 0.94
C MET A 245 -12.63 -15.41 1.42
N THR A 246 -13.57 -14.46 1.32
CA THR A 246 -13.25 -13.03 1.42
C THR A 246 -12.59 -12.65 2.75
N THR A 247 -13.22 -12.98 3.89
CA THR A 247 -12.64 -12.52 5.15
C THR A 247 -11.33 -13.23 5.46
N PHE A 248 -11.20 -14.51 5.11
CA PHE A 248 -9.93 -15.19 5.38
C PHE A 248 -8.80 -14.64 4.49
N ARG A 249 -9.09 -14.25 3.25
CA ARG A 249 -8.07 -13.59 2.43
C ARG A 249 -7.73 -12.21 2.98
N GLU A 250 -8.72 -11.48 3.50
CA GLU A 250 -8.48 -10.11 3.93
C GLU A 250 -7.82 -10.06 5.29
N TRP A 251 -8.23 -10.95 6.20
CA TRP A 251 -7.73 -10.91 7.57
C TRP A 251 -6.87 -12.10 7.99
N GLY A 252 -6.86 -13.21 7.24
CA GLY A 252 -6.08 -14.37 7.71
C GLY A 252 -6.61 -14.89 9.04
N THR A 253 -5.70 -15.35 9.92
CA THR A 253 -6.11 -15.76 11.26
C THR A 253 -6.12 -14.59 12.24
N GLY A 254 -5.90 -13.37 11.76
CA GLY A 254 -5.67 -12.21 12.61
C GLY A 254 -6.91 -11.73 13.31
N ALA A 255 -8.09 -12.17 12.86
CA ALA A 255 -9.31 -11.92 13.60
C ALA A 255 -9.47 -12.87 14.79
N GLY A 256 -8.56 -13.82 14.97
CA GLY A 256 -8.73 -14.80 16.04
C GLY A 256 -8.48 -14.25 17.42
N GLY A 257 -7.50 -13.34 17.55
CA GLY A 257 -7.15 -12.80 18.85
C GLY A 257 -8.33 -12.23 19.60
N TYR A 258 -9.27 -11.60 18.88
CA TYR A 258 -10.53 -11.20 19.48
C TYR A 258 -11.56 -12.32 19.47
N SER A 259 -11.77 -12.95 18.31
CA SER A 259 -12.95 -13.80 18.16
C SER A 259 -12.84 -15.13 18.91
N VAL A 260 -11.65 -15.71 19.07
CA VAL A 260 -11.63 -17.01 19.75
C VAL A 260 -12.04 -16.84 21.21
N GLY A 261 -11.54 -15.78 21.87
CA GLY A 261 -11.92 -15.59 23.27
C GLY A 261 -13.33 -15.08 23.46
N HIS A 262 -13.74 -14.10 22.64
CA HIS A 262 -15.04 -13.47 22.79
C HIS A 262 -16.17 -14.34 22.27
N ASP A 263 -15.98 -15.00 21.12
CA ASP A 263 -17.07 -15.76 20.51
C ASP A 263 -17.09 -17.21 20.96
N ARG A 264 -15.92 -17.84 21.15
CA ARG A 264 -15.91 -19.26 21.47
C ARG A 264 -15.44 -19.56 22.88
N SER A 265 -15.00 -18.57 23.62
CA SER A 265 -14.59 -18.75 25.01
C SER A 265 -13.56 -19.90 25.16
N SER A 266 -12.60 -19.97 24.23
CA SER A 266 -11.67 -21.10 24.21
C SER A 266 -10.24 -20.65 23.96
N GLU A 267 -9.90 -19.37 24.30
CA GLU A 267 -8.61 -18.73 24.07
C GLU A 267 -7.82 -18.68 25.38
N PRO A 268 -6.55 -19.05 25.44
CA PRO A 268 -5.82 -18.99 26.73
C PRO A 268 -5.63 -17.54 27.20
N ILE A 269 -6.08 -17.25 28.43
CA ILE A 269 -5.92 -15.94 29.06
C ILE A 269 -5.23 -16.15 30.40
N ARG A 270 -4.02 -15.63 30.53
CA ARG A 270 -3.17 -15.76 31.72
C ARG A 270 -2.99 -17.24 32.12
N ASN A 271 -2.29 -17.96 31.23
CA ASN A 271 -2.05 -19.40 31.39
C ASN A 271 -3.35 -20.19 31.56
N TRP A 272 -4.34 -19.88 30.74
CA TRP A 272 -5.61 -20.60 30.71
C TRP A 272 -6.47 -20.40 31.97
N GLN A 273 -6.10 -19.49 32.87
CA GLN A 273 -6.97 -19.24 34.03
C GLN A 273 -8.33 -18.68 33.61
N GLU A 274 -8.39 -17.97 32.48
CA GLU A 274 -9.66 -17.64 31.83
C GLU A 274 -9.56 -18.08 30.37
N GLU A 275 -10.72 -18.17 29.70
CA GLU A 275 -10.72 -18.44 28.26
C GLU A 275 -11.67 -17.50 27.51
N TYR A 276 -12.25 -16.52 28.19
CA TYR A 276 -13.13 -15.53 27.59
C TYR A 276 -12.61 -14.13 27.87
N HIS A 277 -12.75 -13.24 26.89
CA HIS A 277 -12.54 -11.81 27.12
C HIS A 277 -13.48 -11.05 26.18
N ASP A 278 -13.64 -9.76 26.47
CA ASP A 278 -14.36 -8.83 25.61
C ASP A 278 -13.50 -7.61 25.31
N ASN A 279 -12.21 -7.79 25.05
CA ASN A 279 -11.30 -6.67 24.92
C ASN A 279 -11.09 -6.38 23.44
N GLU A 280 -11.66 -5.27 22.99
CA GLU A 280 -11.64 -4.93 21.57
C GLU A 280 -10.29 -4.36 21.13
N GLU A 281 -9.38 -4.02 22.05
CA GLU A 281 -8.04 -3.59 21.64
C GLU A 281 -7.40 -4.57 20.65
N ILE A 282 -7.63 -5.87 20.84
CA ILE A 282 -6.96 -6.91 20.07
C ILE A 282 -7.69 -7.27 18.78
N SER A 283 -8.79 -6.61 18.46
CA SER A 283 -9.45 -6.83 17.18
C SER A 283 -8.50 -6.55 16.00
N VAL A 284 -8.64 -7.36 14.95
CA VAL A 284 -7.92 -7.18 13.67
C VAL A 284 -8.00 -5.74 13.13
N VAL A 285 -9.12 -5.02 13.35
CA VAL A 285 -9.16 -3.64 12.85
C VAL A 285 -8.00 -2.82 13.41
N ASN A 286 -7.60 -3.10 14.65
CA ASN A 286 -6.50 -2.36 15.26
C ASN A 286 -5.13 -2.86 14.82
N PHE A 287 -4.97 -4.18 14.56
CA PHE A 287 -3.71 -4.66 13.97
C PHE A 287 -3.51 -4.05 12.61
N GLU A 288 -4.57 -4.06 11.81
CA GLU A 288 -4.52 -3.51 10.47
C GLU A 288 -4.16 -2.02 10.49
N ASN A 289 -4.91 -1.21 11.25
CA ASN A 289 -4.70 0.23 11.18
C ASN A 289 -3.41 0.66 11.84
N ARG A 290 -2.96 -0.07 12.89
CA ARG A 290 -1.77 0.36 13.62
C ARG A 290 -0.48 -0.30 13.15
N THR A 291 -0.54 -1.44 12.46
CA THR A 291 0.70 -2.21 12.23
C THR A 291 0.83 -2.82 10.84
N TRP A 292 -0.24 -3.12 10.09
CA TRP A 292 -0.08 -3.87 8.85
C TRP A 292 0.52 -3.01 7.74
N ILE A 293 1.72 -3.35 7.26
CA ILE A 293 2.31 -2.69 6.10
C ILE A 293 2.14 -3.50 4.82
N LYS A 294 1.71 -4.74 4.90
CA LYS A 294 1.33 -5.50 3.72
C LYS A 294 0.11 -6.33 4.07
N LYS A 295 -0.98 -6.10 3.37
CA LYS A 295 -2.25 -6.75 3.70
C LYS A 295 -2.44 -8.08 2.98
N TYR A 296 -1.82 -8.26 1.82
CA TYR A 296 -2.00 -9.44 1.01
C TYR A 296 -0.62 -10.02 0.71
N TRP A 297 -0.29 -11.16 1.33
CA TRP A 297 1.01 -11.76 1.14
C TRP A 297 0.79 -13.26 0.99
N ALA A 298 1.45 -13.86 0.02
CA ALA A 298 1.11 -15.21 -0.36
C ALA A 298 2.37 -16.04 -0.54
N ASP A 299 2.21 -17.35 -0.34
CA ASP A 299 3.23 -18.33 -0.68
C ASP A 299 3.00 -18.82 -2.12
N TYR A 300 3.94 -19.62 -2.62
CA TYR A 300 3.97 -19.96 -4.04
C TYR A 300 2.64 -20.52 -4.53
N GLY A 301 2.09 -19.93 -5.59
CA GLY A 301 0.88 -20.48 -6.19
C GLY A 301 -0.34 -20.47 -5.26
N CYS A 302 -0.40 -19.53 -4.33
CA CYS A 302 -1.53 -19.49 -3.40
C CYS A 302 -2.56 -18.41 -3.68
N PRO A 303 -3.79 -18.83 -4.04
CA PRO A 303 -4.88 -17.87 -4.29
C PRO A 303 -5.51 -17.33 -3.02
N VAL A 304 -5.11 -17.80 -1.85
CA VAL A 304 -5.71 -17.34 -0.60
C VAL A 304 -5.01 -16.11 -0.05
N ASN A 305 -3.67 -16.06 -0.09
CA ASN A 305 -2.90 -14.89 0.39
C ASN A 305 -3.32 -14.49 1.80
N CYS A 306 -3.30 -15.48 2.69
CA CYS A 306 -3.74 -15.29 4.06
C CYS A 306 -2.73 -14.57 4.91
N MET A 307 -1.51 -14.37 4.42
CA MET A 307 -0.47 -13.80 5.26
C MET A 307 -0.51 -12.27 5.19
N LYS A 308 -0.01 -11.63 6.26
CA LYS A 308 0.11 -10.18 6.35
C LYS A 308 1.47 -9.89 6.97
N ILE A 309 1.96 -8.66 6.81
CA ILE A 309 3.19 -8.25 7.47
C ILE A 309 2.88 -7.05 8.34
N SER A 310 3.16 -7.19 9.63
CA SER A 310 3.01 -6.13 10.61
C SER A 310 4.40 -5.58 10.86
N TYR A 311 4.49 -4.26 11.00
CA TYR A 311 5.77 -3.58 11.15
C TYR A 311 5.57 -2.34 12.01
N LEU A 312 6.42 -2.13 13.01
CA LEU A 312 6.28 -1.02 13.93
C LEU A 312 7.28 0.08 13.59
N ARG A 313 6.76 1.27 13.29
CA ARG A 313 7.60 2.43 12.96
C ARG A 313 7.67 3.44 14.10
N TYR A 314 7.03 3.15 15.22
CA TYR A 314 6.87 4.09 16.33
C TYR A 314 7.09 3.36 17.63
N GLY A 315 7.33 4.12 18.69
CA GLY A 315 7.37 3.56 20.02
C GLY A 315 8.66 2.84 20.35
N PRO A 316 8.72 2.32 21.57
CA PRO A 316 9.94 1.64 22.03
C PRO A 316 10.28 0.36 21.26
N TYR A 317 9.32 -0.28 20.58
CA TYR A 317 9.56 -1.53 19.86
C TYR A 317 9.64 -1.31 18.37
N LYS A 318 9.82 -0.05 17.96
CA LYS A 318 10.07 0.33 16.59
C LYS A 318 11.11 -0.58 15.96
N GLY A 319 10.78 -1.12 14.78
CA GLY A 319 11.61 -2.10 14.11
C GLY A 319 11.09 -3.53 14.19
N SER A 320 10.19 -3.83 15.13
CA SER A 320 9.58 -5.14 15.19
C SER A 320 8.79 -5.47 13.92
N ILE A 321 9.03 -6.64 13.36
CA ILE A 321 8.29 -7.11 12.19
C ILE A 321 7.74 -8.50 12.49
N SER A 322 6.46 -8.73 12.18
CA SER A 322 5.88 -10.08 12.24
C SER A 322 4.81 -10.21 11.16
N ASP A 323 3.98 -11.26 11.26
CA ASP A 323 2.84 -11.39 10.35
C ASP A 323 1.61 -10.73 10.94
N ALA A 324 0.43 -11.38 10.93
CA ALA A 324 -0.78 -10.64 11.26
C ALA A 324 -0.79 -10.06 12.68
N PRO A 325 -0.13 -10.65 13.69
CA PRO A 325 0.57 -11.93 13.79
C PRO A 325 -0.42 -13.07 13.71
N ASP A 326 0.02 -14.30 13.42
CA ASP A 326 -0.88 -15.45 13.43
C ASP A 326 -1.64 -15.48 14.74
N TYR A 327 -2.88 -15.96 14.69
CA TYR A 327 -3.71 -16.04 15.89
C TYR A 327 -2.99 -16.76 17.06
N GLU A 328 -2.23 -17.84 16.77
CA GLU A 328 -1.60 -18.55 17.88
C GLU A 328 -0.58 -17.68 18.62
N LEU A 329 0.00 -16.69 17.93
CA LEU A 329 0.91 -15.74 18.56
C LEU A 329 0.13 -14.63 19.27
N GLN A 330 -1.02 -14.24 18.69
CA GLN A 330 -1.87 -13.25 19.35
C GLN A 330 -2.38 -13.77 20.69
N ALA A 331 -2.69 -15.06 20.76
CA ALA A 331 -3.13 -15.69 22.00
C ALA A 331 -1.95 -16.01 22.91
N TYR A 332 -0.99 -16.78 22.41
CA TYR A 332 0.04 -17.28 23.33
C TYR A 332 1.08 -16.22 23.67
N MET A 333 1.42 -15.30 22.75
CA MET A 333 2.32 -14.21 23.08
C MET A 333 1.56 -12.93 23.45
N GLY A 334 0.23 -13.03 23.59
CA GLY A 334 -0.64 -11.91 23.88
C GLY A 334 -1.56 -12.19 25.06
N THR A 335 -2.79 -12.63 24.79
CA THR A 335 -3.78 -12.79 25.86
C THR A 335 -3.33 -13.79 26.93
N ASN A 336 -2.58 -14.84 26.54
CA ASN A 336 -2.05 -15.80 27.51
C ASN A 336 -1.06 -15.17 28.47
N LEU A 337 -0.43 -14.05 28.10
CA LEU A 337 0.43 -13.30 28.98
C LEU A 337 -0.29 -12.09 29.58
N GLY A 338 -1.60 -11.98 29.37
CA GLY A 338 -2.32 -10.82 29.84
C GLY A 338 -2.11 -9.57 29.00
N ILE A 339 -1.75 -9.72 27.73
CA ILE A 339 -1.36 -8.59 26.88
C ILE A 339 -2.35 -8.48 25.73
N PHE A 340 -2.99 -7.33 25.59
CA PHE A 340 -4.02 -7.20 24.57
C PHE A 340 -3.72 -6.16 23.50
N GLU A 341 -2.61 -5.47 23.59
CA GLU A 341 -2.40 -4.38 22.65
C GLU A 341 -1.56 -4.85 21.45
N PRO A 342 -2.02 -4.51 20.23
CA PRO A 342 -1.26 -4.86 19.01
C PRO A 342 0.21 -4.50 19.05
N GLU A 343 0.57 -3.29 19.46
CA GLU A 343 1.98 -2.91 19.46
C GLU A 343 2.82 -3.88 20.30
N LYS A 344 2.33 -4.24 21.50
CA LYS A 344 3.09 -5.17 22.35
C LYS A 344 3.11 -6.59 21.79
N ILE A 345 2.02 -7.01 21.12
CA ILE A 345 1.92 -8.36 20.61
C ILE A 345 2.79 -8.53 19.37
N VAL A 346 2.80 -7.50 18.50
CA VAL A 346 3.73 -7.53 17.36
C VAL A 346 5.17 -7.56 17.85
N TYR A 347 5.47 -6.81 18.90
CA TYR A 347 6.83 -6.84 19.47
C TYR A 347 7.22 -8.25 19.93
N LEU A 348 6.35 -8.90 20.72
CA LEU A 348 6.70 -10.22 21.27
C LEU A 348 6.69 -11.28 20.18
N SER A 349 5.81 -11.13 19.19
CA SER A 349 5.78 -12.05 18.06
C SER A 349 7.05 -11.92 17.24
N TYR A 350 7.52 -10.68 17.04
CA TYR A 350 8.79 -10.44 16.36
C TYR A 350 9.94 -11.13 17.08
N LEU A 351 9.94 -11.11 18.43
CA LEU A 351 11.05 -11.67 19.19
C LEU A 351 11.12 -13.20 19.06
N VAL A 352 9.99 -13.89 19.13
CA VAL A 352 10.04 -15.35 18.99
C VAL A 352 10.41 -15.76 17.57
N ASP A 353 9.92 -15.01 16.56
CA ASP A 353 10.32 -15.26 15.18
C ASP A 353 11.83 -15.06 15.00
N GLU A 354 12.34 -13.94 15.49
CA GLU A 354 13.76 -13.62 15.34
C GLU A 354 14.65 -14.63 16.08
N LEU A 355 14.25 -15.05 17.29
CA LEU A 355 14.98 -16.03 18.05
C LEU A 355 14.75 -17.47 17.57
N GLY A 356 13.80 -17.67 16.66
CA GLY A 356 13.50 -19.00 16.15
C GLY A 356 12.89 -19.90 17.21
N LEU A 357 12.00 -19.34 18.03
CA LEU A 357 11.27 -20.08 19.06
C LEU A 357 9.83 -20.28 18.63
N ASP A 358 9.29 -21.47 18.85
CA ASP A 358 7.89 -21.70 18.55
C ASP A 358 7.02 -20.86 19.49
N GLY A 359 6.21 -19.97 18.91
CA GLY A 359 5.43 -19.04 19.72
C GLY A 359 4.46 -19.71 20.66
N ILE A 360 3.92 -20.87 20.26
CA ILE A 360 2.96 -21.59 21.09
C ILE A 360 3.62 -22.11 22.35
N ASN A 361 4.65 -22.94 22.20
CA ASN A 361 5.29 -23.50 23.38
C ASN A 361 6.07 -22.44 24.14
N THR A 362 6.52 -21.36 23.47
CA THR A 362 7.17 -20.28 24.19
C THR A 362 6.19 -19.53 25.07
N GLY A 363 5.08 -19.07 24.48
CA GLY A 363 4.09 -18.39 25.28
C GLY A 363 3.57 -19.26 26.41
N ASN A 364 3.56 -20.57 26.18
CA ASN A 364 3.07 -21.47 27.22
C ASN A 364 4.02 -21.50 28.41
N ILE A 365 5.33 -21.63 28.15
CA ILE A 365 6.29 -21.59 29.24
C ILE A 365 6.32 -20.22 29.93
N LEU A 366 6.12 -19.11 29.16
CA LEU A 366 6.13 -17.78 29.79
C LEU A 366 4.89 -17.58 30.67
N GLY A 367 3.71 -17.98 30.20
CA GLY A 367 2.53 -17.85 31.03
C GLY A 367 2.54 -18.77 32.24
N PHE A 368 3.14 -19.97 32.07
CA PHE A 368 3.38 -20.88 33.19
C PHE A 368 4.21 -20.19 34.27
N ALA A 369 5.36 -19.63 33.87
CA ALA A 369 6.21 -18.92 34.82
C ALA A 369 5.46 -17.77 35.48
N ALA A 370 4.69 -17.01 34.69
CA ALA A 370 3.98 -15.88 35.25
C ALA A 370 2.90 -16.33 36.22
N GLU A 371 2.32 -17.52 36.00
CA GLU A 371 1.37 -17.99 37.00
C GLU A 371 2.09 -18.43 38.26
N LEU A 372 3.26 -19.06 38.12
CA LEU A 372 4.03 -19.42 39.31
C LEU A 372 4.43 -18.18 40.10
N TYR A 373 4.75 -17.09 39.41
CA TYR A 373 5.04 -15.82 40.07
C TYR A 373 3.82 -15.27 40.79
N GLN A 374 2.66 -15.29 40.12
CA GLN A 374 1.43 -14.81 40.73
C GLN A 374 1.07 -15.59 42.00
N ARG A 375 1.40 -16.87 42.04
CA ARG A 375 1.08 -17.72 43.18
C ARG A 375 2.17 -17.76 44.23
N GLY A 376 3.28 -17.05 44.02
CA GLY A 376 4.35 -16.99 44.98
C GLY A 376 5.32 -18.15 44.92
N ILE A 377 5.15 -19.06 43.97
CA ILE A 377 5.98 -20.26 43.86
C ILE A 377 7.34 -19.93 43.26
N LEU A 378 7.36 -19.14 42.19
CA LEU A 378 8.58 -18.52 41.68
C LEU A 378 8.62 -17.09 42.20
N THR A 379 9.65 -16.77 42.99
CA THR A 379 9.78 -15.47 43.61
C THR A 379 10.59 -14.52 42.71
N LYS A 380 10.52 -13.24 43.04
CA LYS A 380 11.38 -12.24 42.42
C LYS A 380 12.85 -12.66 42.48
N GLU A 381 13.26 -13.36 43.53
CA GLU A 381 14.65 -13.81 43.59
C GLU A 381 14.93 -14.97 42.65
N ASP A 382 13.95 -15.85 42.42
CA ASP A 382 14.16 -16.92 41.44
C ASP A 382 14.32 -16.36 40.04
N LEU A 383 13.49 -15.36 39.69
CA LEU A 383 13.47 -14.80 38.35
C LEU A 383 14.57 -13.77 38.15
N GLY A 384 14.83 -12.96 39.17
CA GLY A 384 15.65 -11.77 39.03
C GLY A 384 14.86 -10.50 38.82
N PHE A 385 13.53 -10.57 38.70
CA PHE A 385 12.69 -9.41 38.44
C PHE A 385 11.25 -9.84 38.62
N GLU A 386 10.36 -8.87 38.69
CA GLU A 386 8.92 -9.17 38.74
C GLU A 386 8.39 -9.59 37.38
N LEU A 387 7.40 -10.49 37.41
CA LEU A 387 6.82 -11.06 36.19
C LEU A 387 5.31 -10.94 36.31
N ASN A 388 4.81 -9.73 36.06
CA ASN A 388 3.39 -9.43 36.15
C ASN A 388 2.70 -9.63 34.82
N TRP A 389 1.48 -10.17 34.87
CA TRP A 389 0.64 -10.19 33.69
C TRP A 389 0.66 -8.83 33.00
N GLY A 390 0.68 -8.84 31.67
CA GLY A 390 0.60 -7.60 30.94
C GLY A 390 1.92 -6.88 30.72
N ASP A 391 3.00 -7.27 31.40
CA ASP A 391 4.26 -6.54 31.28
C ASP A 391 5.13 -7.15 30.17
N GLU A 392 5.04 -6.56 28.97
CA GLU A 392 5.77 -7.12 27.82
C GLU A 392 7.29 -7.06 28.01
N LYS A 393 7.80 -6.11 28.79
CA LYS A 393 9.25 -6.04 28.98
C LYS A 393 9.76 -7.16 29.88
N ALA A 394 8.98 -7.49 30.92
CA ALA A 394 9.34 -8.62 31.78
C ALA A 394 9.36 -9.92 30.98
N PHE A 395 8.35 -10.12 30.13
CA PHE A 395 8.33 -11.32 29.29
C PHE A 395 9.49 -11.33 28.29
N ALA A 396 9.89 -10.17 27.74
CA ALA A 396 11.03 -10.18 26.82
C ALA A 396 12.35 -10.47 27.54
N LYS A 397 12.53 -9.91 28.74
CA LYS A 397 13.66 -10.27 29.58
C LYS A 397 13.72 -11.79 29.82
N LEU A 398 12.58 -12.40 30.15
CA LEU A 398 12.54 -13.84 30.36
C LEU A 398 12.89 -14.62 29.08
N LEU A 399 12.39 -14.15 27.92
CA LEU A 399 12.73 -14.79 26.65
C LEU A 399 14.22 -14.85 26.46
N HIS A 400 14.92 -13.79 26.85
CA HIS A 400 16.35 -13.80 26.60
C HIS A 400 17.10 -14.65 27.61
N LEU A 401 16.59 -14.77 28.85
CA LEU A 401 17.18 -15.74 29.78
C LEU A 401 17.04 -17.16 29.23
N ILE A 402 15.90 -17.45 28.60
CA ILE A 402 15.65 -18.79 28.08
C ILE A 402 16.63 -19.14 26.99
N VAL A 403 16.79 -18.25 26.01
CA VAL A 403 17.66 -18.52 24.86
C VAL A 403 19.12 -18.60 25.27
N GLU A 404 19.54 -17.81 26.26
CA GLU A 404 20.91 -17.93 26.74
C GLU A 404 21.06 -18.98 27.84
N LYS A 405 19.96 -19.63 28.24
CA LYS A 405 19.95 -20.59 29.35
C LYS A 405 20.68 -20.02 30.58
N GLU A 406 20.33 -18.78 30.94
CA GLU A 406 20.87 -18.11 32.11
C GLU A 406 19.88 -18.17 33.27
N GLY A 407 20.42 -18.43 34.46
CA GLY A 407 19.58 -18.51 35.66
C GLY A 407 18.41 -19.43 35.45
N ILE A 408 17.21 -18.92 35.78
CA ILE A 408 15.97 -19.70 35.63
C ILE A 408 15.74 -20.04 34.16
N GLY A 409 16.40 -19.34 33.25
CA GLY A 409 16.23 -19.66 31.84
C GLY A 409 16.68 -21.06 31.50
N LYS A 410 17.68 -21.58 32.23
CA LYS A 410 18.19 -22.92 31.92
C LYS A 410 17.14 -23.99 32.18
N ILE A 411 16.29 -23.77 33.17
CA ILE A 411 15.24 -24.73 33.48
C ILE A 411 14.11 -24.60 32.47
N LEU A 412 13.67 -23.36 32.24
CA LEU A 412 12.54 -23.09 31.36
C LEU A 412 12.84 -23.48 29.93
N ALA A 413 14.11 -23.43 29.51
CA ALA A 413 14.51 -23.78 28.16
C ALA A 413 14.23 -25.24 27.83
N GLU A 414 13.90 -26.04 28.84
CA GLU A 414 13.57 -27.44 28.64
C GLU A 414 12.11 -27.66 28.26
N GLY A 415 11.29 -26.61 28.21
CA GLY A 415 9.88 -26.74 27.88
C GLY A 415 9.01 -26.93 29.11
N THR A 416 7.71 -26.63 28.94
CA THR A 416 6.80 -26.56 30.07
C THR A 416 6.75 -27.88 30.86
N TYR A 417 6.67 -29.03 30.16
CA TYR A 417 6.54 -30.30 30.88
C TYR A 417 7.77 -30.56 31.75
N ARG A 418 8.95 -30.57 31.14
CA ARG A 418 10.17 -30.84 31.90
C ARG A 418 10.45 -29.76 32.96
N ALA A 419 10.18 -28.49 32.66
CA ALA A 419 10.39 -27.45 33.68
C ALA A 419 9.49 -27.67 34.88
N ALA A 420 8.21 -28.01 34.64
CA ALA A 420 7.26 -28.20 35.71
C ALA A 420 7.65 -29.39 36.61
N LEU A 421 8.27 -30.44 36.05
CA LEU A 421 8.81 -31.52 36.87
C LEU A 421 10.02 -31.03 37.68
N LYS A 422 10.92 -30.28 37.03
CA LYS A 422 12.12 -29.82 37.75
C LYS A 422 11.75 -28.85 38.87
N ILE A 423 10.82 -27.94 38.61
CA ILE A 423 10.41 -26.97 39.63
C ILE A 423 9.65 -27.68 40.75
N SER A 424 8.81 -28.65 40.39
CA SER A 424 8.09 -29.45 41.39
C SER A 424 9.10 -30.10 42.34
N GLU A 425 10.11 -30.76 41.77
CA GLU A 425 11.16 -31.39 42.56
C GLU A 425 11.85 -30.40 43.49
N ILE A 426 12.23 -29.22 42.94
CA ILE A 426 12.97 -28.20 43.69
C ILE A 426 12.11 -27.56 44.78
N LYS A 427 10.85 -27.27 44.48
CA LYS A 427 10.03 -26.54 45.43
C LYS A 427 9.25 -27.43 46.39
N GLY A 428 9.22 -28.75 46.18
CA GLY A 428 8.37 -29.62 46.97
C GLY A 428 6.89 -29.32 46.84
N ILE A 429 6.47 -28.81 45.69
CA ILE A 429 5.07 -28.46 45.42
C ILE A 429 4.76 -28.99 44.03
N ASP A 430 3.52 -29.42 43.80
CA ASP A 430 3.14 -29.92 42.49
C ASP A 430 2.76 -28.76 41.56
N VAL A 431 3.73 -28.24 40.79
CA VAL A 431 3.38 -27.21 39.80
C VAL A 431 2.98 -27.81 38.46
N THR A 432 3.04 -29.14 38.28
CA THR A 432 2.52 -29.74 37.05
C THR A 432 1.03 -29.49 36.91
N LYS A 433 0.32 -29.17 37.98
CA LYS A 433 -1.10 -28.86 37.80
C LYS A 433 -1.32 -27.53 37.07
N TYR A 434 -0.29 -26.70 36.91
CA TYR A 434 -0.42 -25.48 36.11
C TYR A 434 0.18 -25.63 34.71
N ALA A 435 0.68 -26.82 34.35
CA ALA A 435 1.28 -27.02 33.04
C ALA A 435 0.19 -27.48 32.09
N VAL A 436 -0.09 -26.68 31.06
CA VAL A 436 -1.14 -27.02 30.10
C VAL A 436 -0.43 -27.60 28.88
N HIS A 437 -0.22 -28.92 28.92
CA HIS A 437 0.47 -29.71 27.91
C HIS A 437 -0.28 -31.02 27.75
N VAL A 438 -0.05 -31.70 26.63
CA VAL A 438 -0.43 -33.10 26.46
C VAL A 438 0.73 -33.78 25.78
N LYS A 439 1.17 -34.90 26.35
CA LYS A 439 2.35 -35.65 25.88
C LYS A 439 3.59 -34.76 25.74
N GLY A 440 3.72 -33.74 26.59
CA GLY A 440 4.90 -32.89 26.58
C GLY A 440 4.87 -31.77 25.57
N ILE A 441 3.75 -31.58 24.87
CA ILE A 441 3.62 -30.53 23.87
C ILE A 441 2.55 -29.57 24.36
N ALA A 442 2.89 -28.28 24.41
CA ALA A 442 1.92 -27.29 24.87
C ALA A 442 0.64 -27.41 24.06
N VAL A 443 -0.51 -27.31 24.75
CA VAL A 443 -1.79 -27.36 24.06
C VAL A 443 -1.96 -26.09 23.24
N GLY A 444 -2.23 -26.27 21.94
CA GLY A 444 -2.57 -25.14 21.08
C GLY A 444 -3.68 -24.28 21.66
N ALA A 445 -3.81 -23.05 21.15
CA ALA A 445 -4.68 -22.03 21.75
C ALA A 445 -6.16 -22.22 21.39
N HIS A 446 -6.66 -23.46 21.53
CA HIS A 446 -8.07 -23.78 21.34
C HIS A 446 -8.47 -24.70 22.48
N GLY A 447 -9.18 -24.15 23.49
CA GLY A 447 -9.57 -24.93 24.65
C GLY A 447 -10.74 -25.86 24.37
N ILE A 448 -10.97 -26.80 25.30
CA ILE A 448 -12.08 -27.75 25.17
C ILE A 448 -13.27 -27.46 26.10
N ARG A 449 -13.13 -26.57 27.08
CA ARG A 449 -14.13 -26.47 28.14
C ARG A 449 -15.43 -25.86 27.65
N SER A 450 -15.36 -24.88 26.74
CA SER A 450 -16.58 -24.22 26.32
C SER A 450 -17.38 -25.08 25.36
N GLU A 451 -16.71 -26.00 24.66
CA GLU A 451 -17.28 -26.73 23.53
C GLU A 451 -17.89 -25.81 22.46
N LEU A 452 -17.44 -24.55 22.38
CA LEU A 452 -17.82 -23.70 21.27
C LEU A 452 -16.77 -23.66 20.15
N ASP A 453 -15.63 -24.31 20.35
CA ASP A 453 -14.60 -24.35 19.34
C ASP A 453 -14.62 -25.73 18.66
N TYR A 454 -13.74 -25.92 17.68
CA TYR A 454 -13.65 -27.23 17.04
C TYR A 454 -13.01 -28.28 17.96
N THR A 455 -12.25 -27.86 18.95
CA THR A 455 -11.60 -28.77 19.88
C THR A 455 -12.53 -29.10 21.06
N LYS A 456 -12.59 -30.38 21.43
CA LYS A 456 -13.35 -30.80 22.60
C LYS A 456 -12.90 -32.19 23.02
N ASP A 457 -13.40 -32.61 24.18
CA ASP A 457 -13.05 -33.82 24.95
C ASP A 457 -11.73 -34.53 24.63
N ILE A 458 -11.68 -35.43 23.64
CA ILE A 458 -10.47 -36.22 23.42
C ILE A 458 -9.57 -35.63 22.31
N SER A 459 -9.91 -34.44 21.77
CA SER A 459 -9.14 -33.79 20.70
C SER A 459 -7.63 -33.89 20.87
N TYR A 460 -7.13 -33.49 22.04
CA TYR A 460 -5.71 -33.60 22.34
C TYR A 460 -5.35 -34.92 23.03
N ALA A 461 -6.29 -35.47 23.81
CA ALA A 461 -5.99 -36.53 24.78
C ALA A 461 -5.40 -37.77 24.12
N VAL A 462 -5.96 -38.21 22.99
CA VAL A 462 -5.52 -39.43 22.34
C VAL A 462 -4.60 -39.19 21.15
N SER A 463 -4.31 -37.93 20.82
CA SER A 463 -3.59 -37.64 19.58
C SER A 463 -2.13 -38.07 19.66
N VAL A 464 -1.60 -38.58 18.53
CA VAL A 464 -0.17 -38.92 18.46
C VAL A 464 0.74 -37.70 18.40
N GLN A 465 0.18 -36.49 18.27
CA GLN A 465 0.96 -35.25 18.33
C GLN A 465 0.57 -34.39 19.53
N GLY A 466 -0.12 -34.97 20.52
CA GLY A 466 -0.28 -34.35 21.83
C GLY A 466 -1.05 -33.04 21.81
N GLY A 467 -0.41 -31.99 22.35
CA GLY A 467 -1.05 -30.68 22.41
C GLY A 467 -1.22 -29.97 21.08
N ASP A 468 -0.73 -30.55 19.98
CA ASP A 468 -0.77 -29.95 18.66
C ASP A 468 -2.20 -29.76 18.16
N HIS A 469 -2.70 -28.52 18.21
CA HIS A 469 -4.07 -28.24 17.77
C HIS A 469 -4.27 -28.43 16.26
N THR A 470 -3.19 -28.50 15.48
CA THR A 470 -3.36 -28.71 14.04
C THR A 470 -3.53 -30.18 13.64
N SER A 471 -3.36 -31.15 14.54
CA SER A 471 -3.61 -32.56 14.22
C SER A 471 -4.37 -33.24 15.35
N THR A 472 -5.59 -32.78 15.66
CA THR A 472 -6.35 -33.31 16.79
C THR A 472 -7.14 -34.55 16.40
N ALA A 473 -7.55 -35.30 17.42
CA ALA A 473 -8.42 -36.44 17.19
C ALA A 473 -9.88 -36.04 17.25
N ALA A 474 -10.71 -36.83 16.57
CA ALA A 474 -12.16 -36.65 16.54
C ALA A 474 -12.84 -38.01 16.70
N LEU A 475 -14.14 -37.97 17.00
CA LEU A 475 -14.99 -39.17 16.96
C LEU A 475 -16.12 -38.89 15.98
N PRO A 476 -16.34 -39.70 14.94
CA PRO A 476 -15.70 -40.94 14.48
C PRO A 476 -14.21 -40.81 14.20
N ALA A 477 -13.45 -41.84 14.60
CA ALA A 477 -12.01 -41.77 14.44
C ALA A 477 -11.61 -41.68 12.98
N LYS A 478 -12.34 -42.37 12.10
CA LYS A 478 -12.17 -42.18 10.65
C LYS A 478 -13.03 -40.98 10.29
N GLY A 479 -13.61 -40.93 9.12
CA GLY A 479 -14.37 -39.72 8.86
C GLY A 479 -13.49 -38.50 8.71
N TYR A 480 -14.06 -37.42 8.19
CA TYR A 480 -13.31 -36.40 7.47
C TYR A 480 -12.71 -35.33 8.36
N THR A 481 -12.94 -35.38 9.66
CA THR A 481 -12.15 -34.63 10.60
C THR A 481 -11.33 -35.63 11.41
N GLY A 482 -10.25 -35.17 12.01
CA GLY A 482 -9.46 -36.05 12.85
C GLY A 482 -8.07 -36.29 12.27
N GLU A 483 -7.33 -37.14 12.99
CA GLU A 483 -5.91 -37.34 12.72
C GLU A 483 -5.68 -37.82 11.29
N LEU A 484 -6.56 -38.67 10.76
CA LEU A 484 -6.28 -39.33 9.47
C LEU A 484 -6.38 -38.34 8.31
N VAL A 485 -7.42 -37.52 8.27
CA VAL A 485 -7.48 -36.52 7.22
C VAL A 485 -6.36 -35.49 7.41
N GLU A 486 -6.02 -35.15 8.65
CA GLU A 486 -4.91 -34.22 8.84
C GLU A 486 -3.57 -34.84 8.45
N ALA A 487 -3.38 -36.13 8.72
CA ALA A 487 -2.15 -36.79 8.30
C ALA A 487 -2.02 -36.77 6.78
N PHE A 488 -3.14 -36.80 6.07
CA PHE A 488 -3.10 -36.67 4.62
C PHE A 488 -2.49 -35.33 4.20
N TYR A 489 -3.05 -34.22 4.69
CA TYR A 489 -2.57 -32.91 4.25
C TYR A 489 -1.11 -32.69 4.64
N ASP A 490 -0.69 -33.23 5.79
CA ASP A 490 0.72 -33.19 6.16
C ASP A 490 1.59 -34.15 5.36
N SER A 491 1.00 -35.05 4.60
CA SER A 491 1.77 -35.96 3.76
C SER A 491 1.69 -35.62 2.27
N ALA A 492 0.72 -34.77 1.92
CA ALA A 492 0.54 -34.34 0.53
C ALA A 492 1.76 -33.76 -0.23
N VAL A 493 2.56 -32.86 0.35
CA VAL A 493 2.18 -31.93 1.42
C VAL A 493 1.57 -30.63 0.91
N ILE A 494 0.44 -30.25 1.50
CA ILE A 494 -0.27 -29.03 1.15
C ILE A 494 -0.68 -28.27 2.42
N CYS A 495 -0.89 -26.98 2.24
CA CYS A 495 -1.37 -26.10 3.30
C CYS A 495 -2.84 -26.36 3.63
N ASN A 496 -3.11 -26.53 4.93
CA ASN A 496 -4.46 -26.68 5.50
C ASN A 496 -5.44 -25.65 5.03
N PHE A 497 -5.00 -24.41 4.88
CA PHE A 497 -5.92 -23.32 4.62
C PHE A 497 -6.46 -23.36 3.22
N VAL A 498 -5.90 -24.22 2.39
CA VAL A 498 -6.23 -24.21 0.99
C VAL A 498 -7.03 -25.47 0.62
N THR A 499 -7.67 -26.10 1.61
CA THR A 499 -8.39 -27.35 1.38
C THR A 499 -9.90 -27.15 1.24
N LYS A 500 -10.36 -25.95 0.91
CA LYS A 500 -11.79 -25.76 0.65
C LYS A 500 -12.41 -26.79 -0.30
N PRO A 501 -11.77 -27.22 -1.40
CA PRO A 501 -12.39 -28.20 -2.29
C PRO A 501 -12.84 -29.49 -1.60
N GLY A 502 -12.24 -29.84 -0.47
CA GLY A 502 -12.65 -31.03 0.25
C GLY A 502 -11.68 -32.20 0.05
N PHE A 503 -11.61 -33.04 1.09
CA PHE A 503 -10.71 -34.20 1.15
C PHE A 503 -10.78 -35.09 -0.09
N GLU A 504 -11.98 -35.41 -0.56
CA GLU A 504 -12.10 -36.32 -1.70
C GLU A 504 -11.56 -35.69 -2.98
N LYS A 505 -11.97 -34.46 -3.26
CA LYS A 505 -11.49 -33.74 -4.42
C LYS A 505 -9.98 -33.61 -4.39
N ILE A 506 -9.40 -33.55 -3.20
CA ILE A 506 -7.96 -33.34 -3.09
C ILE A 506 -7.23 -34.65 -3.33
N ILE A 507 -7.79 -35.77 -2.83
CA ILE A 507 -7.27 -37.08 -3.20
C ILE A 507 -7.38 -37.29 -4.70
N GLU A 508 -8.51 -36.88 -5.29
CA GLU A 508 -8.67 -37.03 -6.73
C GLU A 508 -7.63 -36.22 -7.50
N PHE A 509 -7.37 -34.98 -7.06
CA PHE A 509 -6.29 -34.21 -7.65
C PHE A 509 -4.97 -34.96 -7.53
N GLY A 510 -4.68 -35.51 -6.35
CA GLY A 510 -3.44 -36.27 -6.19
C GLY A 510 -3.30 -37.45 -7.15
N ASN A 511 -4.40 -38.18 -7.38
CA ASN A 511 -4.35 -39.29 -8.33
C ASN A 511 -4.05 -38.80 -9.75
N ALA A 512 -4.59 -37.64 -10.14
CA ALA A 512 -4.33 -37.11 -11.48
C ALA A 512 -2.87 -36.73 -11.64
N LEU A 513 -2.22 -36.30 -10.56
CA LEU A 513 -0.78 -36.05 -10.60
C LEU A 513 0.01 -37.35 -10.72
N SER A 514 -0.27 -38.31 -9.85
CA SER A 514 0.66 -39.41 -9.59
C SER A 514 0.39 -40.68 -10.40
N GLY A 515 -0.80 -40.81 -10.99
CA GLY A 515 -1.22 -42.06 -11.56
C GLY A 515 -1.69 -43.10 -10.55
N PHE A 516 -1.76 -42.75 -9.27
CA PHE A 516 -2.25 -43.68 -8.25
C PHE A 516 -3.77 -43.76 -8.33
N ASN A 517 -4.34 -44.75 -7.65
CA ASN A 517 -5.79 -44.84 -7.59
C ASN A 517 -6.28 -44.80 -6.15
N ILE A 518 -5.59 -44.04 -5.30
CA ILE A 518 -5.96 -43.97 -3.89
C ILE A 518 -7.38 -43.45 -3.73
N THR A 519 -8.15 -44.11 -2.88
CA THR A 519 -9.51 -43.71 -2.54
C THR A 519 -9.55 -43.11 -1.14
N PRO A 520 -10.55 -42.27 -0.81
CA PRO A 520 -10.70 -41.84 0.58
C PRO A 520 -10.74 -42.98 1.58
N GLU A 521 -11.47 -44.05 1.25
CA GLU A 521 -11.56 -45.21 2.12
C GLU A 521 -10.20 -45.85 2.35
N GLN A 522 -9.36 -45.95 1.30
CA GLN A 522 -8.03 -46.51 1.49
C GLN A 522 -7.14 -45.60 2.33
N TRP A 523 -7.33 -44.28 2.21
CA TRP A 523 -6.58 -43.39 3.10
C TRP A 523 -7.03 -43.60 4.53
N LEU A 524 -8.34 -43.58 4.76
CA LEU A 524 -8.85 -43.68 6.12
C LEU A 524 -8.60 -45.04 6.74
N ASN A 525 -8.61 -46.12 5.93
CA ASN A 525 -8.49 -47.47 6.48
C ASN A 525 -7.12 -48.09 6.34
N GLU A 526 -6.22 -47.49 5.57
CA GLU A 526 -4.95 -48.16 5.37
C GLU A 526 -3.76 -47.22 5.45
N ILE A 527 -3.63 -46.28 4.50
CA ILE A 527 -2.42 -45.47 4.42
C ILE A 527 -2.37 -44.51 5.59
N GLY A 528 -3.44 -43.73 5.79
CA GLY A 528 -3.51 -42.87 6.95
C GLY A 528 -3.38 -43.66 8.23
N LEU A 529 -4.12 -44.75 8.35
CA LEU A 529 -4.13 -45.54 9.59
C LEU A 529 -2.74 -46.05 9.94
N ARG A 530 -1.95 -46.48 8.95
CA ARG A 530 -0.62 -46.99 9.28
C ARG A 530 0.34 -45.87 9.65
N ILE A 531 0.14 -44.67 9.13
CA ILE A 531 0.90 -43.51 9.59
C ILE A 531 0.59 -43.24 11.06
N ILE A 532 -0.69 -43.22 11.41
CA ILE A 532 -1.09 -42.94 12.79
C ILE A 532 -0.59 -44.03 13.73
N HIS A 533 -0.64 -45.31 13.29
CA HIS A 533 -0.22 -46.39 14.21
C HIS A 533 1.27 -46.35 14.46
N LEU A 534 2.07 -46.06 13.41
CA LEU A 534 3.51 -45.97 13.60
C LEU A 534 3.88 -44.79 14.48
N GLN A 535 3.15 -43.67 14.37
CA GLN A 535 3.41 -42.53 15.25
C GLN A 535 3.00 -42.84 16.68
N ARG A 536 1.84 -43.47 16.87
CA ARG A 536 1.45 -43.94 18.21
C ARG A 536 2.52 -44.86 18.81
N ILE A 537 3.05 -45.79 18.02
CA ILE A 537 4.08 -46.71 18.51
C ILE A 537 5.33 -45.96 18.95
N LEU A 538 5.87 -45.08 18.07
CA LEU A 538 7.08 -44.34 18.41
C LEU A 538 6.86 -43.43 19.61
N LEU A 539 5.65 -42.88 19.76
CA LEU A 539 5.32 -42.05 20.91
C LEU A 539 5.24 -42.90 22.17
N LEU A 540 4.62 -44.09 22.09
CA LEU A 540 4.57 -44.98 23.27
C LEU A 540 5.95 -45.51 23.61
N LEU A 541 6.85 -45.63 22.62
CA LEU A 541 8.19 -46.08 22.96
C LEU A 541 8.98 -44.98 23.68
N GLY A 542 8.74 -43.72 23.29
CA GLY A 542 9.27 -42.65 24.10
C GLY A 542 10.77 -42.58 24.01
N GLY A 543 11.22 -41.44 24.51
CA GLY A 543 12.60 -41.07 24.41
C GLY A 543 13.46 -41.58 25.52
N PRO A 544 14.65 -41.02 25.62
CA PRO A 544 15.49 -41.55 26.70
C PRO A 544 15.11 -41.00 28.07
N ASP A 545 14.46 -39.84 28.14
CA ASP A 545 14.26 -39.14 29.41
C ASP A 545 12.83 -39.15 29.90
N VAL A 546 11.86 -39.27 29.01
CA VAL A 546 10.46 -39.11 29.34
C VAL A 546 9.74 -40.23 28.64
N TYR A 547 8.83 -40.87 29.33
CA TYR A 547 8.03 -41.93 28.76
C TYR A 547 6.58 -41.65 29.11
N TRP A 548 5.71 -42.06 28.22
CA TRP A 548 4.28 -41.88 28.39
C TRP A 548 3.62 -43.20 28.72
N ASP A 549 2.57 -43.13 29.53
CA ASP A 549 1.75 -44.29 29.86
C ASP A 549 0.32 -43.96 29.49
N PRO A 550 -0.27 -44.68 28.54
CA PRO A 550 -1.61 -44.31 28.06
C PRO A 550 -2.65 -44.31 29.16
N ARG A 551 -2.45 -45.08 30.23
CA ARG A 551 -3.40 -45.08 31.34
C ARG A 551 -3.32 -43.84 32.20
N LYS A 552 -2.24 -43.08 32.10
CA LYS A 552 -2.02 -41.79 32.76
C LYS A 552 -2.04 -40.61 31.80
N ASP A 553 -1.49 -40.78 30.60
CA ASP A 553 -1.16 -39.64 29.74
C ASP A 553 -2.08 -39.49 28.53
N ASP A 554 -3.05 -40.38 28.34
CA ASP A 554 -4.12 -40.16 27.36
C ASP A 554 -5.23 -39.37 28.05
N ASP A 555 -4.92 -38.12 28.39
CA ASP A 555 -5.83 -37.32 29.19
C ASP A 555 -5.54 -35.85 28.97
N ASN A 556 -6.49 -35.02 29.37
CA ASN A 556 -6.36 -33.56 29.37
C ASN A 556 -5.59 -33.08 30.60
N PRO A 557 -4.87 -31.98 30.49
CA PRO A 557 -4.30 -31.35 31.68
C PRO A 557 -5.39 -31.01 32.67
N PRO A 558 -5.09 -31.02 33.96
CA PRO A 558 -6.18 -30.89 34.95
C PRO A 558 -6.85 -29.53 34.93
N ARG A 559 -6.18 -28.47 34.44
CA ARG A 559 -6.88 -27.19 34.34
C ARG A 559 -8.11 -27.32 33.44
N PHE A 560 -8.12 -28.24 32.48
CA PHE A 560 -9.27 -28.34 31.58
C PHE A 560 -10.48 -29.01 32.23
N TYR A 561 -10.35 -29.53 33.47
CA TYR A 561 -11.49 -30.01 34.23
C TYR A 561 -12.01 -28.99 35.24
N GLU A 562 -11.37 -27.80 35.39
CA GLU A 562 -11.95 -26.75 36.24
C GLU A 562 -13.03 -25.97 35.49
N PRO A 563 -14.15 -25.64 36.15
CA PRO A 563 -15.19 -24.88 35.45
C PRO A 563 -14.67 -23.54 34.96
N LEU A 564 -15.11 -23.15 33.78
CA LEU A 564 -14.72 -21.85 33.24
C LEU A 564 -15.17 -20.75 34.21
N PRO A 565 -14.27 -19.86 34.62
CA PRO A 565 -14.65 -18.85 35.62
C PRO A 565 -15.38 -17.63 35.06
N SER A 566 -15.58 -17.50 33.76
CA SER A 566 -16.15 -16.27 33.21
C SER A 566 -16.69 -16.55 31.80
N GLY A 567 -17.38 -15.55 31.27
CA GLY A 567 -17.87 -15.61 29.92
C GLY A 567 -19.25 -16.20 29.81
N PRO A 568 -19.74 -16.35 28.59
CA PRO A 568 -21.12 -16.82 28.39
C PRO A 568 -21.33 -18.31 28.69
N VAL A 569 -20.27 -19.11 28.91
CA VAL A 569 -20.47 -20.47 29.43
C VAL A 569 -19.66 -20.65 30.70
N LYS A 570 -19.70 -19.64 31.57
CA LYS A 570 -19.22 -19.76 32.95
C LYS A 570 -19.77 -21.04 33.60
N GLY A 571 -18.88 -21.79 34.24
CA GLY A 571 -19.25 -23.01 34.92
C GLY A 571 -19.02 -24.29 34.13
N LYS A 572 -18.75 -24.18 32.83
CA LYS A 572 -18.63 -25.36 31.97
C LYS A 572 -17.21 -25.95 31.98
N ALA A 573 -17.12 -27.29 32.01
CA ALA A 573 -15.87 -28.04 31.84
C ALA A 573 -16.26 -29.48 31.61
N PRO A 574 -15.44 -30.28 30.93
CA PRO A 574 -15.80 -31.68 30.70
C PRO A 574 -15.67 -32.50 31.97
N ASN A 575 -16.27 -33.68 31.92
CA ASN A 575 -16.25 -34.60 33.05
C ASN A 575 -15.24 -35.73 32.79
N ARG A 576 -14.38 -35.97 33.78
CA ARG A 576 -13.23 -36.86 33.62
C ARG A 576 -13.64 -38.28 33.22
N GLU A 577 -14.77 -38.76 33.74
CA GLU A 577 -15.13 -40.12 33.36
C GLU A 577 -15.79 -40.17 31.99
N ASP A 578 -16.40 -39.07 31.54
CA ASP A 578 -16.88 -39.04 30.15
C ASP A 578 -15.71 -39.06 29.19
N ILE A 579 -14.62 -38.36 29.52
CA ILE A 579 -13.44 -38.38 28.65
C ILE A 579 -12.89 -39.80 28.55
N LYS A 580 -12.74 -40.47 29.69
CA LYS A 580 -12.20 -41.83 29.69
C LYS A 580 -13.05 -42.77 28.83
N ALA A 581 -14.38 -42.66 28.95
CA ALA A 581 -15.26 -43.41 28.07
C ALA A 581 -14.98 -43.11 26.60
N LYS A 582 -14.76 -41.84 26.26
CA LYS A 582 -14.51 -41.51 24.86
C LYS A 582 -13.12 -41.98 24.41
N VAL A 583 -12.13 -41.91 25.31
CA VAL A 583 -10.82 -42.46 25.01
C VAL A 583 -10.91 -43.94 24.69
N LYS A 584 -11.64 -44.70 25.52
CA LYS A 584 -11.88 -46.12 25.27
C LYS A 584 -12.52 -46.31 23.90
N GLN A 585 -13.55 -45.52 23.58
CA GLN A 585 -14.20 -45.65 22.28
C GLN A 585 -13.26 -45.27 21.14
N TYR A 586 -12.40 -44.25 21.35
CA TYR A 586 -11.45 -43.91 20.30
C TYR A 586 -10.48 -45.06 20.03
N TYR A 587 -9.99 -45.70 21.10
CA TYR A 587 -9.12 -46.87 20.96
C TYR A 587 -9.72 -47.93 20.03
N GLU A 588 -11.00 -48.29 20.23
CA GLU A 588 -11.59 -49.33 19.41
C GLU A 588 -11.70 -48.92 17.96
N GLU A 589 -12.23 -47.72 17.70
CA GLU A 589 -12.43 -47.24 16.33
C GLU A 589 -11.12 -47.09 15.58
N ILE A 590 -10.04 -46.72 16.28
CA ILE A 590 -8.75 -46.51 15.61
C ILE A 590 -7.95 -47.78 15.49
N GLY A 591 -8.34 -48.86 16.20
CA GLY A 591 -7.59 -50.10 16.14
C GLY A 591 -6.51 -50.27 17.20
N TYR A 592 -6.62 -49.56 18.32
CA TYR A 592 -5.78 -49.85 19.48
C TYR A 592 -6.51 -50.82 20.39
N ASP A 593 -5.75 -51.56 21.18
CA ASP A 593 -6.43 -52.44 22.15
C ASP A 593 -7.06 -51.62 23.27
N GLU A 594 -7.37 -52.25 24.39
CA GLU A 594 -8.11 -51.60 25.46
C GLU A 594 -7.19 -50.75 26.34
N HIS A 595 -5.88 -51.00 26.29
CA HIS A 595 -4.87 -50.16 26.92
C HIS A 595 -4.34 -49.06 25.99
N GLY A 596 -4.91 -48.90 24.79
CA GLY A 596 -4.43 -47.91 23.85
C GLY A 596 -3.17 -48.26 23.10
N ILE A 597 -2.78 -49.53 23.05
CA ILE A 597 -1.63 -49.95 22.24
C ILE A 597 -2.14 -50.56 20.95
N PRO A 598 -1.57 -50.21 19.78
CA PRO A 598 -2.10 -50.74 18.51
C PRO A 598 -2.19 -52.26 18.51
N LYS A 599 -3.32 -52.75 18.01
CA LYS A 599 -3.55 -54.19 17.92
C LYS A 599 -2.58 -54.81 16.91
N GLU A 600 -1.90 -55.88 17.33
CA GLU A 600 -0.98 -56.55 16.42
C GLU A 600 -1.68 -57.15 15.21
N GLU A 601 -2.90 -57.65 15.37
CA GLU A 601 -3.70 -58.05 14.20
C GLU A 601 -3.87 -56.90 13.22
N VAL A 602 -4.19 -55.70 13.73
CA VAL A 602 -4.35 -54.52 12.88
C VAL A 602 -3.02 -54.19 12.19
N LEU A 603 -1.91 -54.23 12.94
CA LEU A 603 -0.61 -53.96 12.35
C LEU A 603 -0.32 -54.87 11.17
N GLU A 604 -0.70 -56.15 11.25
CA GLU A 604 -0.46 -57.04 10.11
C GLU A 604 -1.41 -56.74 8.97
N GLU A 605 -2.68 -56.51 9.24
CA GLU A 605 -3.61 -56.15 8.18
C GLU A 605 -3.15 -54.88 7.46
N LEU A 606 -2.53 -53.94 8.20
CA LEU A 606 -1.99 -52.72 7.63
C LEU A 606 -0.69 -52.93 6.88
N GLY A 607 -0.06 -54.10 7.01
CA GLY A 607 1.18 -54.34 6.32
C GLY A 607 2.41 -53.89 7.08
N ILE A 608 2.28 -53.54 8.34
CA ILE A 608 3.45 -53.15 9.12
C ILE A 608 3.64 -54.15 10.25
N GLY A 609 3.48 -55.43 9.93
CA GLY A 609 3.58 -56.48 10.93
C GLY A 609 4.86 -56.46 11.74
N GLU A 610 5.99 -56.06 11.15
CA GLU A 610 7.22 -56.12 11.91
C GLU A 610 7.28 -55.08 13.04
N ALA A 611 6.30 -54.17 13.12
CA ALA A 611 6.18 -53.24 14.25
C ALA A 611 5.68 -53.93 15.53
N LYS A 612 5.22 -55.18 15.44
CA LYS A 612 4.92 -55.97 16.64
C LYS A 612 6.14 -56.10 17.53
N ARG A 613 7.32 -56.18 16.93
CA ARG A 613 8.55 -56.11 17.72
C ARG A 613 8.55 -54.88 18.62
N GLU A 614 8.07 -53.74 18.10
CA GLU A 614 8.06 -52.56 18.95
C GLU A 614 6.95 -52.63 19.97
N VAL A 615 5.77 -53.14 19.59
CA VAL A 615 4.66 -53.28 20.53
C VAL A 615 5.04 -54.18 21.72
N LYS A 616 5.90 -55.18 21.51
CA LYS A 616 6.27 -56.05 22.63
C LYS A 616 7.15 -55.31 23.63
N ARG A 617 8.08 -54.49 23.15
CA ARG A 617 8.85 -53.69 24.08
C ARG A 617 7.94 -52.73 24.84
N ILE A 618 6.94 -52.17 24.15
CA ILE A 618 6.01 -51.27 24.84
C ILE A 618 5.35 -52.02 25.98
N LYS A 619 4.80 -53.21 25.70
CA LYS A 619 4.09 -53.98 26.71
C LYS A 619 5.01 -54.40 27.85
N LYS A 620 6.30 -54.61 27.58
CA LYS A 620 7.19 -54.96 28.69
C LYS A 620 7.31 -53.80 29.66
N ARG A 621 7.72 -52.64 29.16
CA ARG A 621 7.86 -51.46 30.00
C ARG A 621 6.47 -50.90 30.27
N LEU A 622 5.47 -51.78 30.25
CA LEU A 622 4.09 -51.37 30.50
C LEU A 622 3.45 -52.21 31.59
N ASN A 623 3.74 -53.51 31.57
CA ASN A 623 3.18 -54.43 32.56
C ASN A 623 4.28 -55.01 33.45
N ALA B 1 -26.97 -12.38 3.49
CA ALA B 1 -26.62 -11.10 4.12
C ALA B 1 -25.24 -10.63 3.66
N ILE B 2 -25.06 -9.30 3.61
CA ILE B 2 -23.83 -8.66 3.16
C ILE B 2 -23.33 -7.71 4.24
N TRP B 3 -22.03 -7.45 4.20
CA TRP B 3 -21.34 -6.56 5.13
C TRP B 3 -20.20 -5.91 4.37
N ILE B 4 -19.98 -4.61 4.58
CA ILE B 4 -18.98 -3.87 3.81
C ILE B 4 -17.67 -3.92 4.58
N LEU B 5 -16.67 -4.61 4.00
CA LEU B 5 -15.34 -4.66 4.60
C LEU B 5 -14.50 -3.54 4.00
N ILE B 6 -13.91 -2.72 4.87
CA ILE B 6 -13.20 -1.51 4.49
C ILE B 6 -11.72 -1.73 4.74
N THR B 7 -10.88 -1.28 3.78
CA THR B 7 -9.43 -1.37 3.80
C THR B 7 -8.95 0.06 3.64
N PRO B 8 -8.84 0.82 4.73
CA PRO B 8 -8.49 2.25 4.60
C PRO B 8 -7.25 2.53 3.75
N ASP B 9 -6.24 1.66 3.77
CA ASP B 9 -5.01 1.98 3.03
C ASP B 9 -5.18 1.83 1.52
N LYS B 10 -6.25 1.20 1.05
CA LYS B 10 -6.56 1.21 -0.37
C LYS B 10 -7.43 2.41 -0.76
N CYS B 11 -7.82 3.25 0.20
CA CYS B 11 -8.69 4.39 -0.11
C CYS B 11 -7.87 5.54 -0.70
N SER B 12 -8.23 5.93 -1.92
CA SER B 12 -7.61 7.04 -2.64
C SER B 12 -8.15 8.43 -2.22
N GLY B 13 -9.28 8.51 -1.52
CA GLY B 13 -9.88 9.81 -1.30
C GLY B 13 -10.66 10.36 -2.48
N CYS B 14 -10.99 9.51 -3.46
CA CYS B 14 -11.75 9.99 -4.61
C CYS B 14 -13.15 10.44 -4.20
N ARG B 15 -13.69 9.89 -3.11
CA ARG B 15 -15.02 10.21 -2.60
C ARG B 15 -16.11 10.01 -3.65
N LEU B 16 -15.90 9.09 -4.60
CA LEU B 16 -16.98 8.79 -5.53
C LEU B 16 -18.09 8.02 -4.82
N CYS B 17 -17.74 7.32 -3.75
CA CYS B 17 -18.74 6.69 -2.89
C CYS B 17 -19.68 7.73 -2.29
N GLU B 18 -19.14 8.87 -1.81
CA GLU B 18 -19.99 9.94 -1.25
C GLU B 18 -20.90 10.55 -2.32
N VAL B 19 -20.37 10.77 -3.51
CA VAL B 19 -21.15 11.30 -4.62
C VAL B 19 -22.28 10.34 -4.99
N THR B 20 -21.94 9.05 -5.16
CA THR B 20 -22.92 8.03 -5.54
C THR B 20 -24.00 7.85 -4.47
N CYS B 21 -23.61 7.78 -3.21
CA CYS B 21 -24.58 7.56 -2.15
C CYS B 21 -25.48 8.76 -1.98
N SER B 22 -24.92 9.97 -1.97
CA SER B 22 -25.78 11.12 -1.74
C SER B 22 -26.64 11.43 -2.97
N LEU B 23 -26.14 11.23 -4.20
CA LEU B 23 -27.03 11.33 -5.35
C LEU B 23 -28.16 10.31 -5.28
N GLU B 24 -27.84 9.10 -4.85
CA GLU B 24 -28.85 8.04 -4.80
C GLU B 24 -29.94 8.35 -3.77
N HIS B 25 -29.56 8.88 -2.61
CA HIS B 25 -30.51 8.99 -1.51
C HIS B 25 -31.09 10.39 -1.39
N GLU B 26 -30.38 11.40 -1.83
CA GLU B 26 -30.81 12.77 -1.72
C GLU B 26 -31.11 13.42 -3.06
N GLY B 27 -30.75 12.78 -4.18
CA GLY B 27 -30.91 13.37 -5.50
C GLY B 27 -29.98 14.51 -5.81
N ILE B 28 -29.19 14.98 -4.85
CA ILE B 28 -28.27 16.11 -5.02
C ILE B 28 -26.92 15.71 -4.43
N ILE B 29 -25.88 16.40 -4.86
CA ILE B 29 -24.58 16.30 -4.20
C ILE B 29 -24.67 16.93 -2.82
N TRP B 30 -24.24 16.18 -1.81
CA TRP B 30 -24.41 16.61 -0.43
C TRP B 30 -23.45 15.79 0.41
N PRO B 31 -22.19 16.22 0.56
CA PRO B 31 -21.20 15.37 1.24
C PRO B 31 -21.63 14.91 2.62
N GLU B 32 -22.17 15.82 3.45
CA GLU B 32 -22.48 15.43 4.80
C GLU B 32 -23.76 14.61 4.91
N ALA B 33 -24.55 14.48 3.85
CA ALA B 33 -25.69 13.57 3.85
C ALA B 33 -25.37 12.19 3.29
N SER B 34 -24.16 11.97 2.77
CA SER B 34 -23.80 10.63 2.35
C SER B 34 -23.74 9.70 3.57
N ARG B 35 -24.16 8.43 3.36
CA ARG B 35 -24.15 7.45 4.45
C ARG B 35 -22.80 6.77 4.61
N ILE B 36 -21.86 7.03 3.69
CA ILE B 36 -20.46 6.68 3.85
C ILE B 36 -19.68 7.97 3.74
N ARG B 37 -18.85 8.25 4.73
CA ARG B 37 -18.11 9.49 4.67
C ARG B 37 -16.63 9.19 4.87
N VAL B 38 -15.80 9.85 4.08
CA VAL B 38 -14.36 9.63 4.08
C VAL B 38 -13.72 10.73 4.89
N PHE B 39 -12.89 10.37 5.84
CA PHE B 39 -12.25 11.33 6.72
C PHE B 39 -10.79 11.44 6.32
N GLU B 40 -10.36 12.66 6.02
CA GLU B 40 -9.00 12.95 5.58
C GLU B 40 -8.45 14.00 6.51
N LEU B 41 -8.12 13.57 7.72
CA LEU B 41 -7.67 14.50 8.75
C LEU B 41 -6.22 14.94 8.55
N PHE B 42 -5.44 14.14 7.84
CA PHE B 42 -4.12 14.51 7.41
C PHE B 42 -4.03 14.13 5.94
N PRO B 43 -3.45 15.00 5.09
CA PRO B 43 -3.38 14.71 3.65
C PRO B 43 -2.88 13.31 3.37
N GLY B 44 -3.64 12.57 2.56
CA GLY B 44 -3.22 11.26 2.13
C GLY B 44 -3.56 10.09 3.06
N ILE B 45 -4.13 10.35 4.25
CA ILE B 45 -4.60 9.32 5.17
C ILE B 45 -6.12 9.36 5.08
N ASN B 46 -6.71 8.42 4.35
CA ASN B 46 -8.14 8.46 4.04
C ASN B 46 -8.82 7.29 4.72
N VAL B 47 -9.86 7.59 5.49
CA VAL B 47 -10.54 6.60 6.31
C VAL B 47 -12.02 6.63 5.96
N PRO B 48 -12.50 5.68 5.15
CA PRO B 48 -13.93 5.59 4.88
C PRO B 48 -14.64 5.08 6.13
N HIS B 49 -15.85 5.58 6.37
CA HIS B 49 -16.52 5.32 7.66
C HIS B 49 -18.00 5.12 7.38
N THR B 50 -18.57 4.01 7.85
CA THR B 50 -20.00 3.78 7.63
C THR B 50 -20.53 2.81 8.69
N CYS B 51 -21.81 2.50 8.58
CA CYS B 51 -22.48 1.59 9.51
C CYS B 51 -21.93 0.17 9.40
N VAL B 52 -21.89 -0.55 10.53
CA VAL B 52 -21.46 -1.95 10.57
C VAL B 52 -22.59 -2.90 10.97
N GLN B 53 -23.83 -2.40 11.16
CA GLN B 53 -24.99 -3.21 11.51
C GLN B 53 -24.73 -4.03 12.78
N CYS B 54 -24.33 -3.32 13.86
CA CYS B 54 -24.19 -3.92 15.18
C CYS B 54 -25.37 -4.86 15.43
N PRO B 55 -25.12 -6.12 15.86
CA PRO B 55 -26.25 -7.04 16.10
C PRO B 55 -27.21 -6.55 17.19
N ASP B 56 -26.73 -5.75 18.15
CA ASP B 56 -27.56 -5.17 19.19
C ASP B 56 -28.12 -3.79 18.82
N TYR B 57 -27.82 -3.29 17.61
CA TYR B 57 -28.31 -2.00 17.12
C TYR B 57 -28.48 -0.95 18.21
N PRO B 58 -27.37 -0.48 18.79
CA PRO B 58 -27.48 0.60 19.79
C PRO B 58 -28.32 1.78 19.31
N CYS B 59 -28.10 2.25 18.07
CA CYS B 59 -28.90 3.35 17.55
C CYS B 59 -30.40 3.03 17.65
N VAL B 60 -30.84 1.91 17.07
CA VAL B 60 -32.26 1.60 17.01
C VAL B 60 -32.87 1.56 18.43
N ASN B 61 -32.13 1.02 19.40
CA ASN B 61 -32.68 0.87 20.74
C ASN B 61 -32.62 2.16 21.54
N ALA B 62 -31.78 3.10 21.12
CA ALA B 62 -31.77 4.37 21.81
C ALA B 62 -32.78 5.37 21.25
N CYS B 63 -33.41 5.10 20.11
CA CYS B 63 -34.26 6.09 19.48
C CYS B 63 -35.55 6.32 20.27
N PRO B 64 -35.80 7.53 20.78
CA PRO B 64 -36.96 7.74 21.65
C PRO B 64 -38.29 7.77 20.91
N THR B 65 -38.31 8.09 19.61
CA THR B 65 -39.54 8.19 18.85
C THR B 65 -39.75 7.02 17.90
N ASN B 66 -38.91 5.98 17.99
CA ASN B 66 -39.02 4.80 17.13
C ASN B 66 -38.89 5.14 15.65
N ALA B 67 -38.11 6.18 15.32
CA ALA B 67 -37.80 6.51 13.94
C ALA B 67 -36.94 5.44 13.26
N LEU B 68 -36.20 4.65 14.02
CA LEU B 68 -35.26 3.66 13.51
C LEU B 68 -35.82 2.25 13.64
N SER B 69 -35.59 1.44 12.62
CA SER B 69 -35.95 0.02 12.64
C SER B 69 -34.87 -0.77 11.90
N VAL B 70 -35.03 -2.08 11.87
CA VAL B 70 -34.11 -3.00 11.21
C VAL B 70 -34.83 -3.68 10.07
N ASP B 71 -34.29 -3.56 8.86
CA ASP B 71 -34.82 -4.28 7.70
C ASP B 71 -34.64 -5.78 7.90
N GLU B 72 -35.71 -6.52 7.65
CA GLU B 72 -35.78 -7.96 7.91
C GLU B 72 -34.84 -8.73 6.99
N LYS B 73 -34.75 -8.31 5.72
CA LYS B 73 -33.96 -9.01 4.72
C LYS B 73 -32.47 -8.65 4.81
N THR B 74 -32.14 -7.35 4.88
CA THR B 74 -30.74 -6.94 4.82
C THR B 74 -30.07 -6.84 6.19
N GLY B 75 -30.82 -6.63 7.26
CA GLY B 75 -30.19 -6.29 8.51
C GLY B 75 -29.74 -4.84 8.60
N ALA B 76 -30.03 -4.00 7.61
CA ALA B 76 -29.63 -2.60 7.66
C ALA B 76 -30.56 -1.80 8.58
N VAL B 77 -30.03 -0.71 9.13
CA VAL B 77 -30.88 0.25 9.82
C VAL B 77 -31.69 1.02 8.79
N VAL B 78 -32.96 1.27 9.10
CA VAL B 78 -33.89 2.03 8.27
C VAL B 78 -34.36 3.26 9.06
N VAL B 79 -34.28 4.43 8.44
CA VAL B 79 -34.69 5.67 9.07
C VAL B 79 -36.08 6.05 8.54
N ASN B 80 -37.04 6.27 9.45
CA ASN B 80 -38.25 7.02 9.14
C ASN B 80 -37.99 8.50 9.43
N GLU B 81 -37.67 9.26 8.38
CA GLU B 81 -37.28 10.66 8.57
C GLU B 81 -38.41 11.51 9.17
N GLU B 82 -39.65 11.10 8.97
CA GLU B 82 -40.80 11.88 9.46
C GLU B 82 -40.87 11.80 10.98
N LYS B 83 -40.50 10.66 11.55
CA LYS B 83 -40.53 10.50 12.99
C LYS B 83 -39.32 11.10 13.67
N CYS B 84 -38.25 11.39 12.92
CA CYS B 84 -36.99 11.77 13.55
C CYS B 84 -37.04 13.22 14.04
N ILE B 85 -36.70 13.41 15.32
CA ILE B 85 -36.70 14.72 15.93
C ILE B 85 -35.29 15.28 16.08
N THR B 86 -34.29 14.63 15.44
CA THR B 86 -32.88 15.07 15.44
C THR B 86 -32.37 15.41 16.83
N CYS B 87 -32.63 14.51 17.77
CA CYS B 87 -32.18 14.63 19.16
C CYS B 87 -30.72 14.17 19.40
N GLY B 88 -30.10 13.44 18.47
CA GLY B 88 -28.75 12.96 18.72
C GLY B 88 -28.59 11.73 19.61
N ALA B 89 -29.67 11.06 20.02
CA ALA B 89 -29.47 9.91 20.92
C ALA B 89 -28.77 8.75 20.19
N CYS B 90 -29.19 8.43 18.97
CA CYS B 90 -28.51 7.41 18.20
C CYS B 90 -27.06 7.79 17.94
N VAL B 91 -26.79 9.07 17.65
CA VAL B 91 -25.40 9.54 17.50
C VAL B 91 -24.56 9.12 18.69
N LEU B 92 -25.06 9.40 19.90
CA LEU B 92 -24.32 9.10 21.12
C LEU B 92 -24.30 7.61 21.48
N ALA B 93 -25.36 6.85 21.16
CA ALA B 93 -25.36 5.41 21.42
C ALA B 93 -24.37 4.67 20.52
N CYS B 94 -24.09 5.20 19.33
CA CYS B 94 -23.29 4.44 18.35
C CYS B 94 -21.83 4.34 18.75
N PRO B 95 -21.28 3.12 18.90
CA PRO B 95 -19.85 2.97 19.24
C PRO B 95 -18.92 3.63 18.24
N GLY B 96 -19.32 3.77 16.98
CA GLY B 96 -18.48 4.44 16.00
C GLY B 96 -18.90 5.84 15.61
N LYS B 97 -19.89 6.44 16.28
CA LYS B 97 -20.39 7.77 15.91
C LYS B 97 -20.75 7.85 14.43
N VAL B 98 -21.48 6.85 13.95
CA VAL B 98 -21.87 6.76 12.54
C VAL B 98 -23.06 7.66 12.22
N PRO B 99 -24.17 7.66 12.98
CA PRO B 99 -25.34 8.45 12.57
C PRO B 99 -24.94 9.90 12.38
N ARG B 100 -25.49 10.53 11.34
CA ARG B 100 -25.11 11.89 11.00
C ARG B 100 -26.36 12.72 10.71
N ILE B 101 -26.42 13.91 11.30
CA ILE B 101 -27.53 14.83 11.03
C ILE B 101 -27.00 15.99 10.20
N PRO B 102 -27.23 16.00 8.89
CA PRO B 102 -26.68 17.08 8.07
C PRO B 102 -27.51 18.36 8.20
N ALA B 103 -26.88 19.48 7.89
CA ALA B 103 -27.47 20.79 8.15
C ALA B 103 -28.73 20.99 7.30
N GLY B 104 -29.86 21.23 7.96
CA GLY B 104 -31.12 21.51 7.29
C GLY B 104 -31.92 20.31 6.87
N LYS B 105 -31.40 19.09 7.05
CA LYS B 105 -32.13 17.88 6.65
C LYS B 105 -33.38 17.66 7.51
N GLY B 106 -33.28 17.80 8.83
CA GLY B 106 -34.40 17.46 9.68
C GLY B 106 -34.53 15.99 10.05
N SER B 107 -33.47 15.20 9.85
CA SER B 107 -33.45 13.78 10.16
C SER B 107 -31.99 13.29 10.14
N VAL B 108 -31.71 12.21 10.90
CA VAL B 108 -30.43 11.49 10.71
C VAL B 108 -30.35 10.89 9.33
N VAL B 109 -29.14 10.51 8.97
CA VAL B 109 -28.89 9.56 7.89
C VAL B 109 -28.00 8.45 8.43
N ILE B 110 -28.34 7.22 8.07
CA ILE B 110 -27.62 6.02 8.40
C ILE B 110 -27.72 5.10 7.20
N CYS B 111 -26.63 4.39 6.90
CA CYS B 111 -26.57 3.49 5.74
C CYS B 111 -27.74 2.50 5.76
N ASP B 112 -28.42 2.38 4.63
CA ASP B 112 -29.43 1.33 4.53
C ASP B 112 -28.98 0.19 3.62
N LEU B 113 -27.66 0.07 3.36
CA LEU B 113 -27.08 -0.93 2.46
C LEU B 113 -27.67 -0.87 1.06
N CYS B 114 -28.27 0.25 0.67
CA CYS B 114 -28.91 0.35 -0.65
C CYS B 114 -29.87 -0.81 -0.89
N GLY B 115 -30.56 -1.24 0.17
CA GLY B 115 -31.47 -2.37 0.07
C GLY B 115 -30.81 -3.69 -0.27
N GLY B 116 -29.50 -3.81 -0.08
CA GLY B 116 -28.80 -5.04 -0.36
C GLY B 116 -27.93 -5.02 -1.60
N ASN B 117 -27.64 -3.86 -2.17
CA ASN B 117 -26.72 -3.76 -3.30
C ASN B 117 -25.94 -2.45 -3.24
N PRO B 118 -24.99 -2.35 -2.30
CA PRO B 118 -24.25 -1.09 -2.09
C PRO B 118 -23.73 -0.41 -3.35
N LYS B 119 -24.13 0.84 -3.58
CA LYS B 119 -23.61 1.54 -4.75
C LYS B 119 -22.23 2.11 -4.50
N CYS B 120 -21.86 2.31 -3.23
CA CYS B 120 -20.50 2.74 -2.90
C CYS B 120 -19.48 1.65 -3.26
N VAL B 121 -19.77 0.40 -2.89
CA VAL B 121 -18.87 -0.70 -3.24
C VAL B 121 -18.71 -0.82 -4.75
N GLU B 122 -19.81 -0.69 -5.49
CA GLU B 122 -19.73 -0.84 -6.93
C GLU B 122 -18.81 0.19 -7.56
N ILE B 123 -18.93 1.47 -7.14
CA ILE B 123 -18.13 2.48 -7.80
C ILE B 123 -16.67 2.38 -7.36
N CYS B 124 -16.43 2.02 -6.10
CA CYS B 124 -15.07 1.84 -5.62
C CYS B 124 -14.37 0.71 -6.38
N HIS B 125 -15.12 -0.35 -6.70
CA HIS B 125 -14.61 -1.46 -7.49
C HIS B 125 -14.38 -1.02 -8.93
N GLU B 126 -15.36 -0.33 -9.53
CA GLU B 126 -15.22 0.20 -10.88
C GLU B 126 -13.99 1.11 -11.01
N ALA B 127 -13.77 1.99 -10.02
CA ALA B 127 -12.59 2.84 -10.03
C ALA B 127 -11.30 2.06 -9.85
N GLY B 128 -11.37 0.78 -9.47
CA GLY B 128 -10.16 -0.01 -9.28
C GLY B 128 -9.48 0.17 -7.93
N HIS B 129 -10.10 0.88 -7.00
CA HIS B 129 -9.51 1.07 -5.67
C HIS B 129 -9.76 -0.11 -4.74
N ASP B 130 -10.99 -0.65 -4.77
CA ASP B 130 -11.40 -1.76 -3.89
C ASP B 130 -11.12 -1.51 -2.41
N ALA B 131 -11.22 -0.25 -1.98
CA ALA B 131 -11.17 -0.01 -0.53
C ALA B 131 -12.43 -0.51 0.16
N LEU B 132 -13.52 -0.70 -0.58
CA LEU B 132 -14.75 -1.31 -0.06
C LEU B 132 -15.02 -2.60 -0.84
N LYS B 133 -15.31 -3.67 -0.09
CA LYS B 133 -15.70 -4.96 -0.65
C LYS B 133 -16.87 -5.50 0.16
N ILE B 134 -17.64 -6.38 -0.48
CA ILE B 134 -18.75 -7.04 0.19
C ILE B 134 -18.31 -8.43 0.64
N VAL B 135 -18.60 -8.74 1.91
CA VAL B 135 -18.53 -10.08 2.46
C VAL B 135 -19.96 -10.61 2.54
N THR B 136 -20.20 -11.79 1.97
CA THR B 136 -21.51 -12.41 2.04
C THR B 136 -21.46 -13.59 3.01
N GLY B 137 -22.50 -13.71 3.83
CA GLY B 137 -22.56 -14.79 4.78
C GLY B 137 -23.06 -14.28 6.10
N ASN B 138 -22.99 -15.14 7.11
CA ASN B 138 -23.55 -14.80 8.41
C ASN B 138 -22.71 -13.74 9.11
N TYR B 139 -23.36 -12.97 9.97
CA TYR B 139 -22.67 -11.90 10.68
C TYR B 139 -21.62 -12.50 11.61
N ARG B 140 -20.46 -11.88 11.66
CA ARG B 140 -19.45 -12.29 12.63
C ARG B 140 -19.34 -11.22 13.71
N PRO B 141 -19.35 -11.59 15.01
CA PRO B 141 -19.27 -10.54 16.04
C PRO B 141 -18.08 -9.60 15.90
N ILE B 142 -16.98 -10.04 15.27
CA ILE B 142 -15.84 -9.12 15.15
C ILE B 142 -16.19 -7.92 14.27
N TYR B 143 -17.16 -8.06 13.35
CA TYR B 143 -17.58 -6.92 12.51
C TYR B 143 -17.92 -5.71 13.37
N ARG B 144 -18.47 -5.95 14.56
CA ARG B 144 -18.98 -4.86 15.39
C ARG B 144 -17.85 -4.01 15.90
N THR B 145 -16.66 -4.59 16.07
CA THR B 145 -15.52 -3.82 16.53
C THR B 145 -15.00 -2.84 15.47
N PHE B 146 -15.47 -2.90 14.23
CA PHE B 146 -15.08 -1.87 13.26
C PHE B 146 -15.82 -0.55 13.48
N ALA B 147 -16.84 -0.52 14.32
CA ALA B 147 -17.52 0.74 14.63
C ALA B 147 -16.71 1.44 15.72
N LYS B 148 -15.77 2.28 15.29
CA LYS B 148 -14.96 3.07 16.20
C LYS B 148 -14.74 4.44 15.59
N ASP B 149 -14.33 5.38 16.44
CA ASP B 149 -14.21 6.78 16.08
C ASP B 149 -13.30 6.93 14.86
N PRO B 150 -13.73 7.62 13.80
CA PRO B 150 -12.85 7.82 12.65
C PRO B 150 -11.55 8.56 12.98
N GLN B 151 -11.54 9.41 14.01
CA GLN B 151 -10.30 10.08 14.36
C GLN B 151 -9.28 9.13 14.99
N GLU B 152 -9.72 8.09 15.69
CA GLU B 152 -8.73 7.16 16.23
C GLU B 152 -8.15 6.29 15.14
N LYS B 153 -8.99 5.86 14.19
CA LYS B 153 -8.48 5.14 13.04
C LYS B 153 -7.47 6.00 12.26
N SER B 154 -7.74 7.31 12.14
CA SER B 154 -6.85 8.18 11.35
C SER B 154 -5.52 8.37 12.05
N LEU B 155 -5.54 8.61 13.36
CA LEU B 155 -4.29 8.75 14.08
C LEU B 155 -3.51 7.43 14.09
N ASP B 156 -4.19 6.30 14.25
CA ASP B 156 -3.52 4.99 14.15
C ASP B 156 -2.76 4.89 12.83
N ILE B 157 -3.44 5.17 11.71
CA ILE B 157 -2.81 4.96 10.40
C ILE B 157 -1.63 5.91 10.20
N ALA B 158 -1.78 7.18 10.63
CA ALA B 158 -0.73 8.18 10.45
C ALA B 158 0.54 7.79 11.19
N ARG B 159 0.41 7.23 12.41
CA ARG B 159 1.57 6.79 13.15
C ARG B 159 2.20 5.54 12.53
N LYS B 160 1.38 4.65 11.98
CA LYS B 160 1.92 3.48 11.28
C LYS B 160 2.76 3.88 10.07
N VAL B 161 2.28 4.85 9.29
CA VAL B 161 2.95 5.29 8.07
C VAL B 161 4.14 6.19 8.39
N PHE B 162 3.94 7.20 9.25
CA PHE B 162 4.98 8.21 9.41
C PHE B 162 5.81 8.04 10.69
N GLY B 163 5.38 7.20 11.62
CA GLY B 163 6.30 6.76 12.66
C GLY B 163 6.48 7.82 13.74
N GLU B 164 7.69 7.89 14.30
CA GLU B 164 7.98 8.91 15.32
C GLU B 164 8.01 10.33 14.75
N ASP B 165 8.00 10.50 13.43
CA ASP B 165 8.01 11.83 12.85
C ASP B 165 6.61 12.41 12.73
N PHE B 166 5.56 11.66 13.06
CA PHE B 166 4.25 12.24 12.96
C PHE B 166 3.96 13.01 14.25
N MET C 1 -31.72 30.28 -7.07
CA MET C 1 -30.74 30.20 -8.16
C MET C 1 -30.20 28.77 -8.29
N TYR C 2 -30.05 28.30 -9.53
CA TYR C 2 -29.49 26.98 -9.80
C TYR C 2 -27.96 27.04 -9.80
N ALA C 3 -27.33 26.01 -9.20
CA ALA C 3 -25.88 25.80 -9.29
C ALA C 3 -25.05 26.79 -8.47
N TYR C 4 -25.60 27.95 -8.18
CA TYR C 4 -24.95 28.96 -7.36
C TYR C 4 -25.80 29.23 -6.13
N ASN C 5 -25.16 29.66 -5.04
CA ASN C 5 -25.91 30.22 -3.92
C ASN C 5 -26.38 31.65 -4.21
N GLY C 6 -25.74 32.34 -5.15
CA GLY C 6 -26.06 33.73 -5.39
C GLY C 6 -25.45 34.74 -4.45
N LYS C 7 -24.35 34.41 -3.78
CA LYS C 7 -23.80 35.38 -2.85
C LYS C 7 -22.32 35.10 -2.58
N LEU C 8 -21.60 36.18 -2.28
CA LEU C 8 -20.21 36.12 -1.83
C LEU C 8 -20.10 36.59 -0.40
N LEU C 9 -19.14 36.03 0.33
CA LEU C 9 -18.64 36.69 1.51
C LEU C 9 -17.78 37.88 1.10
N ASP C 10 -17.91 38.98 1.85
CA ASP C 10 -17.10 40.18 1.67
C ASP C 10 -16.41 40.45 3.00
N VAL C 11 -15.08 40.28 3.05
CA VAL C 11 -14.33 40.29 4.29
C VAL C 11 -13.36 41.48 4.24
N ASP C 12 -13.54 42.43 5.18
CA ASP C 12 -12.66 43.60 5.31
C ASP C 12 -11.73 43.35 6.48
N LEU C 13 -10.50 42.95 6.21
CA LEU C 13 -9.56 42.67 7.29
C LEU C 13 -9.13 43.93 8.02
N THR C 14 -9.23 45.09 7.36
CA THR C 14 -8.80 46.33 7.99
C THR C 14 -9.77 46.75 9.08
N ARG C 15 -11.07 46.90 8.73
CA ARG C 15 -12.13 47.20 9.70
C ARG C 15 -12.56 45.97 10.50
N GLU C 16 -12.05 44.79 10.17
CA GLU C 16 -12.46 43.52 10.76
C GLU C 16 -13.97 43.31 10.69
N LYS C 17 -14.52 43.53 9.50
CA LYS C 17 -15.95 43.33 9.30
C LYS C 17 -16.19 42.32 8.18
N VAL C 18 -17.34 41.67 8.25
CA VAL C 18 -17.72 40.57 7.37
C VAL C 18 -19.17 40.80 6.97
N LYS C 19 -19.48 40.63 5.69
CA LYS C 19 -20.87 40.72 5.26
C LYS C 19 -21.07 39.90 4.00
N GLU C 20 -22.32 39.60 3.70
CA GLU C 20 -22.69 38.90 2.48
C GLU C 20 -23.14 39.91 1.45
N VAL C 21 -22.68 39.73 0.21
CA VAL C 21 -23.07 40.57 -0.90
C VAL C 21 -23.72 39.69 -1.95
N GLU C 22 -24.59 40.28 -2.76
CA GLU C 22 -25.44 39.51 -3.63
C GLU C 22 -24.77 39.36 -4.98
N LEU C 23 -24.87 38.17 -5.57
CA LEU C 23 -24.31 37.84 -6.88
C LEU C 23 -25.46 37.77 -7.87
N SER C 24 -25.58 38.79 -8.71
CA SER C 24 -26.74 38.86 -9.59
C SER C 24 -26.64 37.84 -10.72
N GLU C 25 -27.81 37.39 -11.19
CA GLU C 25 -27.86 36.49 -12.33
C GLU C 25 -27.22 37.13 -13.56
N ASP C 26 -27.32 38.45 -13.70
CA ASP C 26 -26.77 39.09 -14.89
C ASP C 26 -25.25 39.06 -14.89
N VAL C 27 -24.62 39.25 -13.73
CA VAL C 27 -23.17 39.14 -13.67
C VAL C 27 -22.72 37.71 -14.01
N LEU C 28 -23.46 36.72 -13.51
CA LEU C 28 -23.08 35.32 -13.67
C LEU C 28 -23.26 34.85 -15.11
N LYS C 29 -24.33 35.29 -15.78
CA LYS C 29 -24.45 35.00 -17.21
C LYS C 29 -23.39 35.70 -18.05
N LYS C 30 -22.84 36.82 -17.55
CA LYS C 30 -21.86 37.55 -18.34
C LYS C 30 -20.43 37.01 -18.16
N PHE C 31 -20.10 36.52 -16.95
CA PHE C 31 -18.74 36.17 -16.58
C PHE C 31 -18.58 34.77 -16.00
N TYR C 32 -19.68 34.09 -15.65
CA TYR C 32 -19.75 32.65 -15.37
C TYR C 32 -19.27 32.32 -13.96
N GLY C 33 -18.03 32.65 -13.65
CA GLY C 33 -17.47 32.24 -12.38
C GLY C 33 -15.97 32.36 -12.41
N GLY C 34 -15.35 31.94 -11.29
CA GLY C 34 -13.91 31.80 -11.17
C GLY C 34 -13.09 32.92 -11.80
N ARG C 35 -12.24 32.55 -12.75
CA ARG C 35 -11.30 33.50 -13.35
C ARG C 35 -12.05 34.69 -13.99
N GLY C 36 -13.09 34.41 -14.76
CA GLY C 36 -13.89 35.50 -15.34
C GLY C 36 -14.56 36.38 -14.30
N LEU C 37 -15.28 35.77 -13.36
CA LEU C 37 -15.94 36.55 -12.30
C LEU C 37 -14.93 37.41 -11.55
N GLY C 38 -13.78 36.83 -11.22
CA GLY C 38 -12.77 37.59 -10.50
C GLY C 38 -12.21 38.74 -11.32
N THR C 39 -12.00 38.52 -12.62
CA THR C 39 -11.48 39.56 -13.50
C THR C 39 -12.45 40.74 -13.52
N TYR C 40 -13.76 40.46 -13.63
CA TYR C 40 -14.79 41.50 -13.54
C TYR C 40 -14.73 42.27 -12.23
N ILE C 41 -14.76 41.56 -11.09
CA ILE C 41 -14.74 42.25 -9.80
C ILE C 41 -13.51 43.12 -9.69
N LEU C 42 -12.35 42.65 -10.16
CA LEU C 42 -11.12 43.43 -10.09
C LEU C 42 -11.18 44.67 -10.99
N TRP C 43 -11.69 44.51 -12.21
CA TRP C 43 -11.85 45.67 -13.10
C TRP C 43 -12.89 46.65 -12.55
N LYS C 44 -14.02 46.15 -12.05
CA LYS C 44 -15.06 47.02 -11.52
C LYS C 44 -14.57 47.79 -10.30
N GLU C 45 -13.88 47.13 -9.37
CA GLU C 45 -13.50 47.83 -8.14
C GLU C 45 -12.24 48.69 -8.33
N LEU C 46 -11.33 48.26 -9.20
CA LEU C 46 -9.98 48.81 -9.21
C LEU C 46 -9.52 49.28 -10.57
N GLY C 47 -10.26 48.97 -11.64
CA GLY C 47 -9.76 49.20 -12.97
C GLY C 47 -9.50 50.66 -13.29
N GLU C 48 -10.28 51.56 -12.67
CA GLU C 48 -10.08 52.98 -12.93
C GLU C 48 -8.80 53.51 -12.31
N LYS C 49 -8.27 52.85 -11.28
CA LYS C 49 -7.03 53.25 -10.64
C LYS C 49 -5.97 52.15 -10.67
N TRP C 50 -6.05 51.25 -11.67
CA TRP C 50 -5.29 50.00 -11.64
C TRP C 50 -3.80 50.27 -11.46
N GLU C 51 -3.24 51.14 -12.31
CA GLU C 51 -1.80 51.37 -12.33
C GLU C 51 -1.29 51.96 -11.03
N LYS C 52 -2.16 52.47 -10.15
CA LYS C 52 -1.79 52.87 -8.79
C LYS C 52 -1.99 51.79 -7.74
N VAL C 53 -2.55 50.63 -8.08
CA VAL C 53 -2.83 49.61 -7.07
C VAL C 53 -1.58 48.76 -6.89
N ASP C 54 -0.94 48.88 -5.73
CA ASP C 54 0.17 47.98 -5.41
C ASP C 54 -0.38 46.58 -5.09
N PRO C 55 0.00 45.53 -5.82
CA PRO C 55 -0.54 44.19 -5.49
C PRO C 55 -0.21 43.75 -4.08
N LEU C 56 0.87 44.27 -3.51
CA LEU C 56 1.29 43.96 -2.16
C LEU C 56 0.80 44.96 -1.13
N GLY C 57 -0.01 45.93 -1.54
CA GLY C 57 -0.60 46.87 -0.61
C GLY C 57 -2.05 46.55 -0.29
N GLU C 58 -2.61 47.33 0.65
CA GLU C 58 -3.89 46.96 1.23
C GLU C 58 -5.08 47.23 0.31
N GLU C 59 -4.87 47.91 -0.81
CA GLU C 59 -5.93 48.16 -1.77
C GLU C 59 -6.19 46.97 -2.70
N ASN C 60 -5.30 45.98 -2.75
CA ASN C 60 -5.53 44.82 -3.60
C ASN C 60 -6.69 43.98 -3.05
N LEU C 61 -7.40 43.31 -3.96
CA LEU C 61 -8.43 42.35 -3.58
C LEU C 61 -7.93 40.92 -3.82
N LEU C 62 -8.15 40.05 -2.84
CA LEU C 62 -7.87 38.61 -2.98
C LEU C 62 -9.20 37.88 -3.10
N LEU C 63 -9.45 37.25 -4.23
CA LEU C 63 -10.76 36.66 -4.51
C LEU C 63 -10.62 35.16 -4.51
N ILE C 64 -11.42 34.47 -3.68
CA ILE C 64 -11.48 33.02 -3.61
C ILE C 64 -12.82 32.63 -4.23
N LEU C 65 -12.81 31.97 -5.40
CA LEU C 65 -14.04 31.87 -6.18
C LEU C 65 -14.35 30.45 -6.61
N THR C 66 -15.63 30.21 -6.90
CA THR C 66 -16.14 29.00 -7.53
C THR C 66 -16.79 29.37 -8.85
N GLY C 67 -17.24 28.35 -9.57
CA GLY C 67 -18.12 28.51 -10.70
C GLY C 67 -19.28 27.58 -10.52
N PRO C 68 -20.24 27.62 -11.46
CA PRO C 68 -21.41 26.74 -11.33
C PRO C 68 -21.09 25.25 -11.36
N LEU C 69 -20.05 24.81 -12.08
CA LEU C 69 -19.75 23.37 -12.13
C LEU C 69 -18.99 22.90 -10.89
N THR C 70 -18.42 23.83 -10.13
CA THR C 70 -17.69 23.45 -8.92
C THR C 70 -18.61 22.72 -7.96
N GLY C 71 -18.22 21.49 -7.60
CA GLY C 71 -18.96 20.65 -6.68
C GLY C 71 -19.81 19.59 -7.36
N TYR C 72 -20.13 19.76 -8.64
CA TYR C 72 -20.90 18.79 -9.40
C TYR C 72 -20.08 18.06 -10.44
N TYR C 73 -19.29 18.79 -11.24
CA TYR C 73 -18.43 18.16 -12.25
C TYR C 73 -17.34 17.35 -11.54
N PRO C 74 -16.90 16.23 -12.12
CA PRO C 74 -15.84 15.44 -11.46
C PRO C 74 -14.58 16.25 -11.19
N GLY C 75 -13.88 15.88 -10.12
CA GLY C 75 -12.70 16.62 -9.69
C GLY C 75 -13.07 17.79 -8.81
N MET C 76 -12.06 18.50 -8.34
CA MET C 76 -12.33 19.63 -7.43
C MET C 76 -11.23 20.66 -7.61
N LYS C 77 -11.65 21.90 -7.89
CA LYS C 77 -10.78 23.06 -7.96
C LYS C 77 -11.46 24.25 -7.32
N THR C 78 -10.66 25.06 -6.65
CA THR C 78 -11.08 26.37 -6.19
C THR C 78 -10.26 27.40 -6.96
N SER C 79 -10.89 28.51 -7.34
CA SER C 79 -10.25 29.56 -8.13
C SER C 79 -9.69 30.67 -7.24
N ILE C 80 -8.51 31.19 -7.60
CA ILE C 80 -7.92 32.32 -6.89
C ILE C 80 -7.56 33.39 -7.91
N VAL C 81 -7.98 34.62 -7.65
CA VAL C 81 -7.81 35.74 -8.58
C VAL C 81 -7.48 36.99 -7.79
N SER C 82 -6.49 37.73 -8.27
CA SER C 82 -6.07 38.97 -7.63
C SER C 82 -5.26 39.78 -8.64
N LYS C 83 -4.77 40.94 -8.21
CA LYS C 83 -3.76 41.60 -9.01
C LYS C 83 -2.42 40.93 -8.74
N SER C 84 -1.69 40.56 -9.82
CA SER C 84 -0.53 39.68 -9.67
C SER C 84 0.73 40.46 -9.31
N PRO C 85 1.41 40.13 -8.19
CA PRO C 85 2.71 40.74 -7.90
C PRO C 85 3.74 40.51 -8.97
N GLU C 86 3.53 39.54 -9.86
CA GLU C 86 4.50 39.20 -10.89
C GLU C 86 4.30 40.04 -12.16
N SER C 87 3.16 39.88 -12.83
CA SER C 87 2.92 40.53 -14.11
C SER C 87 2.20 41.88 -13.98
N ASN C 88 1.69 42.21 -12.80
CA ASN C 88 0.79 43.34 -12.54
C ASN C 88 -0.50 43.25 -13.34
N GLY C 89 -0.77 42.11 -13.94
CA GLY C 89 -2.06 41.82 -14.52
C GLY C 89 -2.86 40.92 -13.60
N VAL C 90 -3.61 40.01 -14.21
CA VAL C 90 -4.49 39.11 -13.49
C VAL C 90 -4.20 37.68 -13.93
N VAL C 91 -4.19 36.75 -12.97
CA VAL C 91 -4.02 35.32 -13.28
C VAL C 91 -5.21 34.57 -12.69
N GLY C 92 -5.93 33.85 -13.55
CA GLY C 92 -6.93 32.93 -13.05
C GLY C 92 -6.26 31.64 -12.63
N SER C 93 -5.81 31.57 -11.38
CA SER C 93 -5.14 30.41 -10.82
C SER C 93 -6.17 29.48 -10.17
N VAL C 94 -5.81 28.19 -10.05
CA VAL C 94 -6.67 27.20 -9.39
C VAL C 94 -5.81 26.25 -8.54
N LEU C 95 -6.45 25.63 -7.55
CA LEU C 95 -5.81 24.56 -6.78
C LEU C 95 -6.91 23.60 -6.32
N SER C 96 -6.53 22.34 -6.12
CA SER C 96 -7.50 21.28 -5.78
C SER C 96 -7.82 21.27 -4.27
N SER C 97 -8.26 22.43 -3.80
CA SER C 97 -8.83 22.51 -2.45
C SER C 97 -10.34 22.35 -2.51
N GLU C 98 -10.88 21.56 -1.58
CA GLU C 98 -12.32 21.44 -1.30
C GLU C 98 -12.94 22.73 -0.70
N LEU C 99 -12.13 23.78 -0.57
CA LEU C 99 -12.62 25.04 -0.04
C LEU C 99 -13.85 25.53 -0.81
N GLY C 100 -13.79 25.42 -2.14
CA GLY C 100 -14.91 25.87 -2.93
C GLY C 100 -16.15 25.04 -2.69
N LEU C 101 -15.97 23.73 -2.51
CA LEU C 101 -17.07 22.82 -2.22
C LEU C 101 -17.68 23.09 -0.83
N GLU C 102 -16.84 23.33 0.17
CA GLU C 102 -17.37 23.58 1.51
C GLU C 102 -18.07 24.93 1.54
N LEU C 103 -17.48 25.94 0.91
CA LEU C 103 -18.16 27.22 0.78
C LEU C 103 -19.54 27.04 0.18
N LYS C 104 -19.65 26.23 -0.88
CA LYS C 104 -20.94 26.11 -1.54
C LYS C 104 -21.94 25.35 -0.67
N ALA C 105 -21.47 24.34 0.06
CA ALA C 105 -22.31 23.65 1.03
C ALA C 105 -22.68 24.53 2.23
N ALA C 106 -21.92 25.58 2.52
CA ALA C 106 -22.25 26.51 3.59
C ALA C 106 -23.13 27.66 3.14
N GLY C 107 -23.38 27.80 1.84
CA GLY C 107 -24.23 28.84 1.33
C GLY C 107 -23.55 29.97 0.57
N TYR C 108 -22.25 29.90 0.30
CA TYR C 108 -21.59 30.98 -0.44
C TYR C 108 -20.90 30.46 -1.69
N ASP C 109 -20.67 31.38 -2.64
CA ASP C 109 -19.99 31.06 -3.88
C ASP C 109 -18.55 31.55 -3.91
N GLY C 110 -18.09 32.24 -2.88
CA GLY C 110 -16.75 32.79 -2.94
C GLY C 110 -16.57 33.83 -1.85
N ILE C 111 -15.36 34.37 -1.81
CA ILE C 111 -14.94 35.31 -0.79
C ILE C 111 -14.22 36.45 -1.50
N ILE C 112 -14.58 37.69 -1.19
CA ILE C 112 -13.79 38.87 -1.57
C ILE C 112 -13.04 39.31 -0.31
N ILE C 113 -11.71 39.30 -0.35
CA ILE C 113 -10.91 39.67 0.83
C ILE C 113 -10.22 40.99 0.55
N ARG C 114 -10.57 42.03 1.34
CA ARG C 114 -10.06 43.39 1.19
C ARG C 114 -9.17 43.76 2.36
N GLY C 115 -8.39 44.81 2.15
CA GLY C 115 -7.75 45.42 3.28
C GLY C 115 -6.58 44.60 3.79
N LYS C 116 -6.35 44.71 5.09
CA LYS C 116 -5.13 44.18 5.70
C LYS C 116 -5.35 44.10 7.20
N ALA C 117 -5.12 42.92 7.77
CA ALA C 117 -5.30 42.75 9.21
C ALA C 117 -4.09 43.33 9.94
N LYS C 118 -4.34 43.89 11.14
CA LYS C 118 -3.28 44.54 11.89
C LYS C 118 -2.17 43.58 12.27
N SER C 119 -2.54 42.34 12.56
CA SER C 119 -1.65 41.25 12.92
C SER C 119 -2.15 39.95 12.27
N PRO C 120 -1.38 38.86 12.31
CA PRO C 120 -1.82 37.62 11.66
C PRO C 120 -3.18 37.13 12.11
N VAL C 121 -4.05 36.88 11.12
CA VAL C 121 -5.39 36.36 11.34
C VAL C 121 -5.57 35.15 10.43
N TYR C 122 -6.62 34.38 10.72
CA TYR C 122 -7.12 33.40 9.78
C TYR C 122 -8.62 33.56 9.72
N LEU C 123 -9.20 33.18 8.60
CA LEU C 123 -10.63 33.27 8.36
C LEU C 123 -11.25 31.91 8.60
N PHE C 124 -12.30 31.87 9.44
CA PHE C 124 -12.99 30.66 9.85
C PHE C 124 -14.41 30.74 9.34
N ILE C 125 -14.83 29.76 8.54
CA ILE C 125 -16.18 29.73 8.01
C ILE C 125 -16.79 28.38 8.34
N HIS C 126 -17.87 28.38 9.10
CA HIS C 126 -18.57 27.14 9.44
C HIS C 126 -20.07 27.40 9.30
N ASN C 127 -20.63 26.95 8.18
CA ASN C 127 -22.03 27.19 7.82
C ASN C 127 -22.35 28.68 7.95
N ASP C 128 -23.18 29.07 8.92
CA ASP C 128 -23.56 30.47 9.13
C ASP C 128 -22.48 31.31 9.78
N THR C 129 -21.58 30.69 10.54
CA THR C 129 -20.59 31.41 11.33
C THR C 129 -19.40 31.79 10.46
N VAL C 130 -19.09 33.09 10.39
CA VAL C 130 -17.89 33.59 9.72
C VAL C 130 -17.12 34.45 10.74
N GLU C 131 -15.85 34.12 10.97
CA GLU C 131 -15.06 34.84 11.97
C GLU C 131 -13.64 35.09 11.49
N ILE C 132 -13.15 36.31 11.74
CA ILE C 132 -11.73 36.62 11.65
C ILE C 132 -11.10 36.30 13.01
N ARG C 133 -10.05 35.46 13.02
CA ARG C 133 -9.46 35.01 14.28
C ARG C 133 -7.96 35.24 14.29
N ASP C 134 -7.42 35.46 15.48
CA ASP C 134 -5.99 35.58 15.71
C ASP C 134 -5.24 34.36 15.17
N ALA C 135 -4.19 34.60 14.36
CA ALA C 135 -3.38 33.50 13.83
C ALA C 135 -1.94 33.62 14.29
N THR C 136 -1.69 34.32 15.38
CA THR C 136 -0.30 34.65 15.70
C THR C 136 0.50 33.41 16.05
N LYS C 137 -0.12 32.47 16.74
CA LYS C 137 0.56 31.23 17.09
C LYS C 137 0.97 30.44 15.84
N TYR C 138 0.22 30.58 14.76
CA TYR C 138 0.49 29.76 13.58
C TYR C 138 1.38 30.45 12.56
N TRP C 139 1.60 31.75 12.70
CA TRP C 139 2.49 32.46 11.79
C TRP C 139 3.87 31.82 11.81
N GLY C 140 4.37 31.45 10.66
CA GLY C 140 5.68 30.82 10.56
C GLY C 140 5.62 29.33 10.33
N MET C 141 4.43 28.74 10.43
CA MET C 141 4.28 27.30 10.27
C MET C 141 4.22 26.92 8.80
N GLY C 142 4.89 25.81 8.46
CA GLY C 142 4.69 25.14 7.20
C GLY C 142 3.41 24.32 7.24
N GLY C 143 3.09 23.70 6.09
CA GLY C 143 1.80 23.06 5.96
C GLY C 143 1.62 21.83 6.84
N ILE C 144 2.67 21.03 7.02
CA ILE C 144 2.57 19.83 7.86
C ILE C 144 2.15 20.22 9.26
N GLU C 145 2.90 21.16 9.85
CA GLU C 145 2.61 21.58 11.21
C GLU C 145 1.26 22.28 11.27
N LEU C 146 0.88 22.98 10.20
CA LEU C 146 -0.42 23.65 10.20
C LEU C 146 -1.57 22.65 10.24
N TYR C 147 -1.45 21.54 9.49
CA TYR C 147 -2.47 20.49 9.53
C TYR C 147 -2.52 19.81 10.91
N LYS C 148 -1.37 19.64 11.56
CA LYS C 148 -1.32 18.98 12.85
C LYS C 148 -1.81 19.85 14.00
N THR C 149 -1.81 21.17 13.86
CA THR C 149 -2.24 22.05 14.93
C THR C 149 -3.53 22.77 14.56
N LEU C 150 -3.40 23.89 13.83
CA LEU C 150 -4.55 24.74 13.48
C LEU C 150 -5.72 23.92 12.93
N LEU C 151 -5.50 23.18 11.85
CA LEU C 151 -6.60 22.44 11.22
C LEU C 151 -7.16 21.40 12.18
N LYS C 152 -6.30 20.70 12.92
CA LYS C 152 -6.78 19.72 13.89
C LYS C 152 -7.63 20.39 14.98
N GLU C 153 -7.11 21.45 15.61
CA GLU C 153 -7.87 22.15 16.63
C GLU C 153 -9.21 22.65 16.11
N VAL C 154 -9.24 23.16 14.88
CA VAL C 154 -10.49 23.67 14.33
C VAL C 154 -11.46 22.53 14.09
N HIS C 155 -10.97 21.37 13.64
CA HIS C 155 -11.83 20.21 13.47
C HIS C 155 -12.42 19.77 14.81
N GLU C 156 -11.60 19.77 15.86
CA GLU C 156 -12.12 19.38 17.16
C GLU C 156 -13.12 20.39 17.68
N GLU C 157 -12.91 21.68 17.40
CA GLU C 157 -13.91 22.68 17.77
C GLU C 157 -15.25 22.42 17.06
N ILE C 158 -15.20 22.13 15.76
CA ILE C 158 -16.41 21.83 14.99
C ILE C 158 -17.07 20.57 15.53
N ARG C 159 -16.26 19.56 15.89
CA ARG C 159 -16.80 18.33 16.47
C ARG C 159 -17.55 18.62 17.75
N LYS C 160 -16.92 19.36 18.67
CA LYS C 160 -17.56 19.70 19.94
C LYS C 160 -18.86 20.44 19.72
N LYS C 161 -18.87 21.42 18.81
CA LYS C 161 -20.09 22.17 18.53
C LYS C 161 -21.18 21.27 17.96
N GLU C 162 -20.81 20.40 17.05
CA GLU C 162 -21.76 19.50 16.41
C GLU C 162 -21.75 18.13 17.07
N LYS C 163 -21.58 18.09 18.38
CA LYS C 163 -21.56 16.81 19.10
C LYS C 163 -22.85 16.01 18.93
N LEU C 164 -24.02 16.65 19.02
CA LEU C 164 -25.30 15.95 18.92
C LEU C 164 -25.77 15.76 17.48
N LYS C 165 -25.01 16.22 16.49
CA LYS C 165 -25.27 16.00 15.08
C LYS C 165 -24.34 14.97 14.43
N GLY C 166 -23.40 14.42 15.20
CA GLY C 166 -22.43 13.47 14.66
C GLY C 166 -21.08 14.13 14.39
N VAL C 167 -20.19 13.35 13.77
CA VAL C 167 -18.81 13.77 13.54
C VAL C 167 -18.72 14.40 12.15
N PRO C 168 -18.45 15.70 12.04
CA PRO C 168 -18.25 16.31 10.71
C PRO C 168 -16.98 15.81 10.03
N LYS C 169 -17.02 15.81 8.69
CA LYS C 169 -15.78 15.61 7.94
C LYS C 169 -14.86 16.80 8.22
N GLU C 170 -13.61 16.66 7.80
CA GLU C 170 -12.66 17.72 8.07
C GLU C 170 -12.99 18.99 7.28
N PRO C 171 -12.70 20.16 7.83
CA PRO C 171 -12.80 21.39 7.04
C PRO C 171 -11.69 21.46 5.99
N ALA C 172 -11.91 22.27 4.97
CA ALA C 172 -10.88 22.49 3.97
C ALA C 172 -10.09 23.74 4.34
N MET C 173 -8.84 23.77 3.92
CA MET C 173 -7.94 24.83 4.34
C MET C 173 -7.03 25.19 3.17
N ILE C 174 -6.92 26.49 2.88
CA ILE C 174 -5.86 27.05 2.06
C ILE C 174 -5.04 27.96 2.95
N TYR C 175 -3.76 28.09 2.65
CA TYR C 175 -2.83 28.72 3.58
C TYR C 175 -1.59 29.16 2.83
N ILE C 176 -0.75 29.92 3.51
CA ILE C 176 0.55 30.32 3.01
C ILE C 176 1.60 29.75 3.93
N GLY C 177 2.80 29.57 3.39
CA GLY C 177 3.98 29.27 4.17
C GLY C 177 4.85 30.51 4.36
N LYS C 178 6.11 30.28 4.74
CA LYS C 178 6.97 31.43 5.07
C LYS C 178 7.23 32.32 3.86
N GLY C 179 7.37 31.73 2.67
CA GLY C 179 7.55 32.54 1.48
C GLY C 179 6.46 33.59 1.34
N GLY C 180 5.21 33.19 1.62
CA GLY C 180 4.10 34.11 1.52
C GLY C 180 4.08 35.13 2.62
N GLU C 181 4.38 34.71 3.85
CA GLU C 181 4.43 35.62 4.98
C GLU C 181 5.46 36.71 4.78
N ASN C 182 6.54 36.41 4.06
CA ASN C 182 7.60 37.37 3.79
C ASN C 182 7.45 38.10 2.46
N LYS C 183 6.32 37.92 1.78
CA LYS C 183 6.01 38.63 0.53
C LYS C 183 7.02 38.36 -0.58
N VAL C 184 7.61 37.16 -0.59
CA VAL C 184 8.35 36.73 -1.77
C VAL C 184 7.41 36.73 -2.94
N ARG C 185 7.79 37.48 -3.98
CA ARG C 185 6.98 37.74 -5.17
C ARG C 185 6.29 36.55 -5.86
N PHE C 186 6.89 35.39 -5.75
CA PHE C 186 6.39 34.18 -6.39
C PHE C 186 5.96 33.14 -5.35
N ALA C 187 5.54 33.62 -4.18
CA ALA C 187 4.93 32.76 -3.18
C ALA C 187 3.56 32.30 -3.66
N ALA C 188 3.22 31.04 -3.36
CA ALA C 188 1.97 30.40 -3.74
C ALA C 188 1.02 30.35 -2.55
N ILE C 189 -0.25 30.10 -2.85
CA ILE C 189 -1.22 29.67 -1.85
C ILE C 189 -1.34 28.16 -1.93
N MET C 190 -1.28 27.48 -0.79
CA MET C 190 -1.15 26.02 -0.74
C MET C 190 -2.43 25.37 -0.19
N THR C 191 -2.55 24.05 -0.42
CA THR C 191 -3.54 23.23 0.26
C THR C 191 -3.06 21.79 0.29
N LYS C 192 -3.33 21.10 1.40
CA LYS C 192 -3.02 19.68 1.52
C LYS C 192 -1.55 19.37 1.19
N LEU C 193 -0.65 20.24 1.67
CA LEU C 193 0.81 20.09 1.57
C LEU C 193 1.37 20.34 0.18
N MET C 194 0.78 19.76 -0.87
CA MET C 194 1.47 19.74 -2.14
C MET C 194 0.66 20.22 -3.33
N HIS C 195 -0.51 20.82 -3.10
CA HIS C 195 -1.29 21.45 -4.14
C HIS C 195 -1.09 22.96 -4.01
N ALA C 196 -1.16 23.66 -5.14
CA ALA C 196 -0.81 25.07 -5.14
C ALA C 196 -1.70 25.86 -6.09
N ALA C 197 -2.05 27.07 -5.69
CA ALA C 197 -2.37 28.14 -6.63
C ALA C 197 -1.00 28.71 -7.02
N GLY C 198 -0.38 28.14 -8.06
CA GLY C 198 1.04 28.37 -8.31
C GLY C 198 1.41 29.67 -9.01
N TYR C 199 0.81 29.94 -10.15
CA TYR C 199 1.19 31.13 -10.90
C TYR C 199 0.51 32.36 -10.31
N GLY C 200 1.21 33.49 -10.33
CA GLY C 200 0.63 34.78 -10.03
C GLY C 200 1.20 35.46 -8.81
N GLY C 201 1.87 34.72 -7.91
CA GLY C 201 2.36 35.36 -6.70
C GLY C 201 1.32 35.65 -5.65
N TYR C 202 0.18 34.95 -5.70
CA TYR C 202 -0.92 35.20 -4.78
C TYR C 202 -0.59 34.86 -3.33
N GLY C 203 0.43 34.04 -3.06
CA GLY C 203 0.85 33.85 -1.67
C GLY C 203 1.39 35.13 -1.06
N ALA C 204 2.00 35.97 -1.88
CA ALA C 204 2.50 37.26 -1.42
C ALA C 204 1.36 38.24 -1.18
N VAL C 205 0.30 38.17 -2.00
CA VAL C 205 -0.87 39.00 -1.76
C VAL C 205 -1.53 38.61 -0.44
N MET C 206 -1.71 37.31 -0.24
CA MET C 206 -2.33 36.86 0.99
C MET C 206 -1.44 37.18 2.18
N GLY C 207 -0.13 36.99 2.04
CA GLY C 207 0.78 37.35 3.11
C GLY C 207 0.76 38.83 3.40
N SER C 208 0.56 39.65 2.37
CA SER C 208 0.58 41.10 2.55
C SER C 208 -0.61 41.57 3.38
N LYS C 209 -1.71 40.80 3.40
CA LYS C 209 -2.88 41.11 4.21
C LYS C 209 -2.85 40.46 5.58
N ASN C 210 -1.75 39.79 5.95
CA ASN C 210 -1.62 39.16 7.26
C ASN C 210 -2.60 38.00 7.44
N LEU C 211 -3.00 37.40 6.33
CA LEU C 211 -3.96 36.30 6.33
C LEU C 211 -3.17 34.99 6.21
N LYS C 212 -3.11 34.22 7.31
CA LYS C 212 -2.37 32.96 7.34
C LYS C 212 -3.09 31.88 6.56
N ALA C 213 -4.43 31.85 6.67
CA ALA C 213 -5.21 30.70 6.19
C ALA C 213 -6.67 31.08 6.08
N VAL C 214 -7.36 30.37 5.19
CA VAL C 214 -8.82 30.28 5.18
C VAL C 214 -9.22 28.84 5.43
N ILE C 215 -10.19 28.63 6.34
CA ILE C 215 -10.71 27.32 6.73
C ILE C 215 -12.22 27.35 6.60
N ALA C 216 -12.79 26.39 5.87
CA ALA C 216 -14.23 26.41 5.64
C ALA C 216 -14.79 25.01 5.77
N LYS C 217 -16.00 24.96 6.33
CA LYS C 217 -16.74 23.73 6.55
C LYS C 217 -18.21 24.04 6.32
N GLY C 218 -18.84 23.28 5.44
CA GLY C 218 -20.28 23.36 5.26
C GLY C 218 -20.88 21.99 5.35
N SER C 219 -22.13 21.93 5.85
CA SER C 219 -22.75 20.62 5.91
C SER C 219 -24.15 20.59 5.32
N GLY C 220 -24.55 21.63 4.60
CA GLY C 220 -25.77 21.60 3.84
C GLY C 220 -25.54 21.01 2.47
N PRO C 221 -26.60 20.86 1.69
CA PRO C 221 -26.46 20.43 0.29
C PRO C 221 -25.85 21.54 -0.58
N LEU C 222 -25.40 21.14 -1.77
CA LEU C 222 -25.07 22.11 -2.80
C LEU C 222 -26.35 22.71 -3.35
N PRO C 223 -26.29 23.88 -4.02
CA PRO C 223 -27.49 24.43 -4.66
C PRO C 223 -28.23 23.39 -5.50
N GLU C 224 -29.54 23.57 -5.57
CA GLU C 224 -30.37 22.84 -6.53
C GLU C 224 -29.82 23.05 -7.93
N VAL C 225 -30.06 22.08 -8.81
CA VAL C 225 -29.61 22.20 -10.19
C VAL C 225 -30.82 22.11 -11.10
N TYR C 226 -30.66 22.63 -12.31
CA TYR C 226 -31.77 22.75 -13.23
C TYR C 226 -32.29 21.39 -13.68
N ASP C 227 -31.39 20.51 -14.10
CA ASP C 227 -31.78 19.20 -14.62
C ASP C 227 -30.92 18.11 -13.91
N LYS C 228 -31.38 17.70 -12.72
CA LYS C 228 -30.61 16.77 -11.90
C LYS C 228 -30.48 15.40 -12.56
N GLU C 229 -31.50 14.98 -13.31
CA GLU C 229 -31.45 13.67 -13.94
C GLU C 229 -30.40 13.65 -15.03
N LYS C 230 -30.33 14.74 -15.82
CA LYS C 230 -29.30 14.87 -16.84
C LYS C 230 -27.92 14.94 -16.21
N MET C 231 -27.78 15.74 -15.14
CA MET C 231 -26.52 15.76 -14.42
C MET C 231 -26.06 14.34 -14.04
N LYS C 232 -26.98 13.53 -13.51
CA LYS C 232 -26.66 12.17 -13.10
C LYS C 232 -26.23 11.31 -14.28
N VAL C 233 -26.94 11.41 -15.40
CA VAL C 233 -26.57 10.59 -16.56
C VAL C 233 -25.17 10.96 -17.02
N LEU C 234 -24.89 12.25 -17.14
CA LEU C 234 -23.60 12.69 -17.69
C LEU C 234 -22.43 12.31 -16.78
N LEU C 235 -22.66 12.37 -15.46
CA LEU C 235 -21.63 11.99 -14.49
C LEU C 235 -21.18 10.55 -14.68
N ARG C 236 -22.13 9.61 -14.78
CA ARG C 236 -21.79 8.21 -15.01
C ARG C 236 -20.96 8.07 -16.28
N GLU C 237 -21.41 8.69 -17.37
CA GLU C 237 -20.68 8.62 -18.62
C GLU C 237 -19.29 9.24 -18.48
N PHE C 238 -19.18 10.37 -17.79
CA PHE C 238 -17.87 11.00 -17.61
C PHE C 238 -16.94 10.08 -16.80
N TRP C 239 -17.45 9.49 -15.71
CA TRP C 239 -16.62 8.57 -14.92
C TRP C 239 -16.06 7.43 -15.77
N LYS C 240 -16.94 6.82 -16.58
CA LYS C 240 -16.54 5.65 -17.35
C LYS C 240 -15.45 6.00 -18.36
N GLU C 241 -15.53 7.19 -18.94
CA GLU C 241 -14.51 7.65 -19.87
C GLU C 241 -13.20 7.94 -19.15
N LEU C 242 -13.29 8.65 -18.03
CA LEU C 242 -12.10 9.07 -17.29
C LEU C 242 -11.38 7.87 -16.68
N PHE C 243 -12.13 6.82 -16.28
CA PHE C 243 -11.50 5.63 -15.70
C PHE C 243 -10.48 5.00 -16.66
N SER C 244 -10.67 5.15 -17.99
CA SER C 244 -9.90 4.45 -19.02
C SER C 244 -8.53 5.05 -19.28
N MET C 245 -8.22 6.21 -18.71
CA MET C 245 -6.94 6.89 -18.93
C MET C 245 -5.85 6.26 -18.05
N THR C 246 -5.49 5.04 -18.42
CA THR C 246 -4.72 4.15 -17.56
C THR C 246 -3.39 4.76 -17.09
N THR C 247 -2.54 5.19 -18.04
CA THR C 247 -1.22 5.65 -17.61
C THR C 247 -1.31 6.96 -16.83
N PHE C 248 -2.26 7.83 -17.17
CA PHE C 248 -2.36 9.06 -16.40
C PHE C 248 -2.86 8.80 -14.99
N ARG C 249 -3.73 7.81 -14.81
CA ARG C 249 -4.18 7.47 -13.47
C ARG C 249 -3.07 6.81 -12.66
N GLU C 250 -2.25 5.94 -13.32
CA GLU C 250 -1.18 5.22 -12.62
C GLU C 250 0.02 6.11 -12.33
N TRP C 251 0.36 7.05 -13.25
CA TRP C 251 1.58 7.83 -13.12
C TRP C 251 1.39 9.33 -12.96
N GLY C 252 0.20 9.89 -13.30
CA GLY C 252 0.01 11.34 -13.21
C GLY C 252 0.94 12.08 -14.18
N THR C 253 1.42 13.25 -13.76
CA THR C 253 2.41 13.94 -14.59
C THR C 253 3.82 13.44 -14.30
N GLY C 254 3.95 12.37 -13.51
CA GLY C 254 5.23 11.90 -13.02
C GLY C 254 6.12 11.28 -14.08
N ALA C 255 5.56 10.88 -15.23
CA ALA C 255 6.39 10.43 -16.34
C ALA C 255 6.98 11.62 -17.13
N GLY C 256 6.63 12.85 -16.77
CA GLY C 256 7.08 13.97 -17.55
C GLY C 256 8.55 14.28 -17.39
N GLY C 257 9.10 14.10 -16.18
CA GLY C 257 10.49 14.47 -15.95
C GLY C 257 11.44 13.80 -16.92
N TYR C 258 11.11 12.57 -17.33
CA TYR C 258 11.88 11.93 -18.39
C TYR C 258 11.32 12.26 -19.77
N SER C 259 10.01 12.13 -19.95
CA SER C 259 9.48 12.11 -21.31
C SER C 259 9.51 13.49 -21.95
N VAL C 260 9.29 14.57 -21.19
CA VAL C 260 9.28 15.86 -21.87
C VAL C 260 10.64 16.16 -22.50
N GLY C 261 11.73 15.93 -21.77
CA GLY C 261 13.02 16.24 -22.37
C GLY C 261 13.51 15.22 -23.40
N HIS C 262 13.27 13.95 -23.11
CA HIS C 262 13.74 12.88 -23.99
C HIS C 262 12.91 12.76 -25.26
N ASP C 263 11.58 12.82 -25.13
CA ASP C 263 10.71 12.58 -26.29
C ASP C 263 10.39 13.84 -27.04
N ARG C 264 10.31 14.97 -26.35
CA ARG C 264 9.85 16.22 -26.93
C ARG C 264 10.90 17.31 -26.94
N SER C 265 12.04 17.09 -26.30
CA SER C 265 13.14 18.04 -26.26
C SER C 265 12.65 19.47 -25.94
N SER C 266 11.82 19.58 -24.90
CA SER C 266 11.19 20.87 -24.59
C SER C 266 11.19 21.13 -23.09
N GLU C 267 12.08 20.49 -22.35
CA GLU C 267 12.17 20.52 -20.90
C GLU C 267 13.30 21.44 -20.47
N PRO C 268 13.14 22.36 -19.51
CA PRO C 268 14.28 23.24 -19.16
C PRO C 268 15.40 22.47 -18.48
N ILE C 269 16.61 22.55 -19.03
CA ILE C 269 17.78 21.93 -18.42
C ILE C 269 18.83 23.01 -18.22
N ARG C 270 19.24 23.22 -16.97
CA ARG C 270 20.20 24.27 -16.58
C ARG C 270 19.79 25.64 -17.15
N ASN C 271 18.67 26.16 -16.61
CA ASN C 271 18.08 27.44 -17.03
C ASN C 271 17.88 27.49 -18.55
N TRP C 272 17.34 26.40 -19.11
CA TRP C 272 16.97 26.31 -20.51
C TRP C 272 18.17 26.28 -21.46
N GLN C 273 19.40 26.09 -20.95
CA GLN C 273 20.54 26.02 -21.86
C GLN C 273 20.48 24.78 -22.76
N GLU C 274 19.95 23.67 -22.25
CA GLU C 274 19.51 22.56 -23.08
C GLU C 274 18.03 22.33 -22.84
N GLU C 275 17.40 21.57 -23.73
CA GLU C 275 16.04 21.16 -23.52
C GLU C 275 15.85 19.66 -23.72
N TYR C 276 16.93 18.92 -23.97
CA TYR C 276 16.89 17.48 -24.23
C TYR C 276 17.78 16.74 -23.25
N HIS C 277 17.32 15.59 -22.80
CA HIS C 277 18.24 14.74 -22.05
C HIS C 277 17.91 13.28 -22.32
N ASP C 278 18.83 12.43 -21.88
CA ASP C 278 18.78 11.00 -22.07
C ASP C 278 18.82 10.26 -20.73
N ASN C 279 18.50 10.93 -19.61
CA ASN C 279 18.83 10.42 -18.29
C ASN C 279 17.65 9.67 -17.70
N GLU C 280 17.82 8.36 -17.47
CA GLU C 280 16.75 7.48 -17.01
C GLU C 280 16.60 7.48 -15.50
N GLU C 281 17.54 8.07 -14.75
CA GLU C 281 17.37 8.21 -13.31
C GLU C 281 16.02 8.88 -12.98
N ILE C 282 15.60 9.85 -13.81
CA ILE C 282 14.40 10.62 -13.49
C ILE C 282 13.10 9.95 -13.97
N SER C 283 13.19 8.77 -14.56
CA SER C 283 11.99 8.07 -14.98
C SER C 283 11.06 7.81 -13.80
N VAL C 284 9.75 7.81 -14.09
CA VAL C 284 8.71 7.52 -13.10
C VAL C 284 8.93 6.18 -12.38
N VAL C 285 9.48 5.17 -13.06
CA VAL C 285 9.74 3.87 -12.40
C VAL C 285 10.63 4.06 -11.17
N ASN C 286 11.58 4.99 -11.22
CA ASN C 286 12.44 5.22 -10.08
C ASN C 286 11.78 6.09 -9.00
N PHE C 287 10.96 7.08 -9.37
CA PHE C 287 10.15 7.77 -8.35
C PHE C 287 9.24 6.77 -7.64
N GLU C 288 8.56 5.91 -8.39
CA GLU C 288 7.62 4.99 -7.79
C GLU C 288 8.32 4.00 -6.87
N ASN C 289 9.40 3.38 -7.34
CA ASN C 289 10.05 2.35 -6.52
C ASN C 289 10.83 2.96 -5.36
N ARG C 290 11.40 4.16 -5.53
CA ARG C 290 12.20 4.70 -4.44
C ARG C 290 11.42 5.56 -3.47
N THR C 291 10.27 6.13 -3.86
CA THR C 291 9.72 7.23 -3.06
C THR C 291 8.21 7.22 -2.86
N TRP C 292 7.41 6.62 -3.74
CA TRP C 292 5.96 6.77 -3.68
C TRP C 292 5.38 5.90 -2.55
N ILE C 293 4.75 6.53 -1.55
CA ILE C 293 4.06 5.76 -0.51
C ILE C 293 2.56 5.71 -0.74
N LYS C 294 2.03 6.50 -1.67
CA LYS C 294 0.62 6.42 -2.06
C LYS C 294 0.57 6.59 -3.56
N LYS C 295 0.13 5.57 -4.27
CA LYS C 295 0.09 5.63 -5.71
C LYS C 295 -1.18 6.25 -6.28
N TYR C 296 -2.29 6.22 -5.54
CA TYR C 296 -3.58 6.71 -6.04
C TYR C 296 -4.13 7.66 -4.99
N TRP C 297 -4.11 8.94 -5.28
CA TRP C 297 -4.62 9.94 -4.37
C TRP C 297 -5.47 10.90 -5.19
N ALA C 298 -6.62 11.26 -4.64
CA ALA C 298 -7.60 11.92 -5.47
C ALA C 298 -8.18 13.09 -4.70
N ASP C 299 -8.64 14.09 -5.44
CA ASP C 299 -9.43 15.17 -4.85
C ASP C 299 -10.91 14.81 -4.94
N TYR C 300 -11.79 15.67 -4.39
CA TYR C 300 -13.19 15.32 -4.19
C TYR C 300 -13.89 14.93 -5.49
N GLY C 301 -14.54 13.76 -5.51
CA GLY C 301 -15.28 13.34 -6.68
C GLY C 301 -14.44 13.11 -7.93
N CYS C 302 -13.15 12.85 -7.79
CA CYS C 302 -12.30 12.66 -8.97
C CYS C 302 -12.04 11.21 -9.37
N PRO C 303 -12.51 10.81 -10.57
CA PRO C 303 -12.26 9.45 -11.06
C PRO C 303 -10.86 9.24 -11.61
N VAL C 304 -10.06 10.29 -11.68
CA VAL C 304 -8.76 10.20 -12.32
C VAL C 304 -7.66 9.86 -11.32
N ASN C 305 -7.69 10.43 -10.12
CA ASN C 305 -6.68 10.13 -9.08
C ASN C 305 -5.26 10.23 -9.64
N CYS C 306 -4.97 11.37 -10.27
CA CYS C 306 -3.66 11.67 -10.85
C CYS C 306 -2.60 11.90 -9.80
N MET C 307 -2.97 12.07 -8.54
CA MET C 307 -1.96 12.47 -7.56
C MET C 307 -1.29 11.27 -6.92
N LYS C 308 -0.09 11.50 -6.40
CA LYS C 308 0.69 10.49 -5.70
C LYS C 308 1.33 11.21 -4.52
N ILE C 309 1.81 10.44 -3.54
CA ILE C 309 2.57 11.02 -2.45
C ILE C 309 3.93 10.33 -2.40
N SER C 310 4.99 11.15 -2.48
CA SER C 310 6.37 10.71 -2.33
C SER C 310 6.86 11.04 -0.93
N TYR C 311 7.63 10.13 -0.34
CA TYR C 311 8.08 10.28 1.05
C TYR C 311 9.42 9.57 1.22
N LEU C 312 10.40 10.24 1.81
CA LEU C 312 11.74 9.69 1.95
C LEU C 312 11.93 9.17 3.38
N ARG C 313 12.19 7.86 3.50
CA ARG C 313 12.48 7.27 4.81
C ARG C 313 13.97 7.06 5.03
N TYR C 314 14.81 7.48 4.08
CA TYR C 314 16.23 7.18 4.11
C TYR C 314 17.01 8.42 3.70
N GLY C 315 18.33 8.34 3.85
CA GLY C 315 19.21 9.36 3.35
C GLY C 315 19.14 10.67 4.12
N PRO C 316 19.95 11.64 3.69
CA PRO C 316 20.03 12.92 4.41
C PRO C 316 18.75 13.73 4.36
N TYR C 317 17.84 13.48 3.41
CA TYR C 317 16.63 14.27 3.29
C TYR C 317 15.41 13.52 3.81
N LYS C 318 15.65 12.50 4.63
CA LYS C 318 14.60 11.71 5.25
C LYS C 318 13.57 12.63 5.91
N GLY C 319 12.30 12.35 5.67
CA GLY C 319 11.23 13.21 6.12
C GLY C 319 10.62 14.08 5.04
N SER C 320 11.27 14.23 3.90
CA SER C 320 10.69 15.05 2.82
C SER C 320 9.44 14.40 2.27
N ILE C 321 8.37 15.18 2.11
CA ILE C 321 7.15 14.68 1.48
C ILE C 321 6.73 15.59 0.34
N SER C 322 6.28 14.99 -0.77
CA SER C 322 5.76 15.77 -1.90
C SER C 322 4.81 14.87 -2.69
N ASP C 323 4.46 15.27 -3.91
CA ASP C 323 3.57 14.48 -4.75
C ASP C 323 4.41 13.64 -5.71
N ALA C 324 4.06 13.52 -7.00
CA ALA C 324 4.75 12.54 -7.82
C ALA C 324 6.27 12.71 -7.82
N PRO C 325 6.86 13.91 -7.69
CA PRO C 325 6.38 15.29 -7.71
C PRO C 325 5.75 15.60 -9.04
N ASP C 326 4.91 16.65 -9.09
CA ASP C 326 4.36 17.14 -10.35
C ASP C 326 5.49 17.39 -11.36
N TYR C 327 5.21 17.05 -12.63
CA TYR C 327 6.18 17.32 -13.68
C TYR C 327 6.88 18.69 -13.55
N GLU C 328 6.12 19.77 -13.34
CA GLU C 328 6.76 21.10 -13.35
C GLU C 328 7.81 21.22 -12.25
N LEU C 329 7.61 20.52 -11.13
CA LEU C 329 8.63 20.46 -10.09
C LEU C 329 9.78 19.54 -10.49
N GLN C 330 9.49 18.44 -11.18
CA GLN C 330 10.57 17.57 -11.59
C GLN C 330 11.50 18.29 -12.55
N ALA C 331 10.94 19.15 -13.41
CA ALA C 331 11.74 19.97 -14.31
C ALA C 331 12.32 21.17 -13.59
N TYR C 332 11.49 21.98 -12.94
CA TYR C 332 12.03 23.26 -12.49
C TYR C 332 12.84 23.15 -11.18
N MET C 333 12.51 22.21 -10.30
CA MET C 333 13.32 21.95 -9.13
C MET C 333 14.25 20.78 -9.35
N GLY C 334 14.37 20.32 -10.59
CA GLY C 334 15.17 19.16 -10.93
C GLY C 334 16.07 19.42 -12.12
N THR C 335 15.62 19.05 -13.33
CA THR C 335 16.50 19.15 -14.50
C THR C 335 16.95 20.57 -14.77
N ASN C 336 16.10 21.57 -14.45
CA ASN C 336 16.47 22.96 -14.65
C ASN C 336 17.67 23.37 -13.80
N LEU C 337 17.89 22.67 -12.69
CA LEU C 337 19.02 22.89 -11.81
C LEU C 337 20.11 21.84 -12.02
N GLY C 338 19.98 21.02 -13.06
CA GLY C 338 20.93 19.95 -13.32
C GLY C 338 20.79 18.76 -12.40
N ILE C 339 19.62 18.54 -11.82
CA ILE C 339 19.41 17.48 -10.82
C ILE C 339 18.47 16.45 -11.42
N PHE C 340 18.92 15.20 -11.52
CA PHE C 340 18.07 14.17 -12.08
C PHE C 340 17.68 13.06 -11.11
N GLU C 341 18.20 13.06 -9.89
CA GLU C 341 17.93 11.96 -8.94
C GLU C 341 16.60 12.19 -8.23
N PRO C 342 15.67 11.22 -8.24
CA PRO C 342 14.40 11.36 -7.49
C PRO C 342 14.54 11.80 -6.03
N GLU C 343 15.46 11.21 -5.27
CA GLU C 343 15.65 11.59 -3.89
C GLU C 343 15.87 13.10 -3.74
N LYS C 344 16.75 13.67 -4.58
CA LYS C 344 17.03 15.10 -4.50
C LYS C 344 15.86 15.93 -5.00
N ILE C 345 15.11 15.42 -5.97
CA ILE C 345 13.98 16.18 -6.50
C ILE C 345 12.83 16.18 -5.49
N VAL C 346 12.58 15.04 -4.81
CA VAL C 346 11.55 15.00 -3.77
C VAL C 346 11.92 15.98 -2.66
N TYR C 347 13.20 15.99 -2.28
CA TYR C 347 13.67 16.94 -1.27
C TYR C 347 13.36 18.39 -1.64
N LEU C 348 13.75 18.81 -2.85
CA LEU C 348 13.57 20.21 -3.25
C LEU C 348 12.11 20.54 -3.48
N SER C 349 11.34 19.56 -3.96
CA SER C 349 9.89 19.75 -4.12
C SER C 349 9.23 19.89 -2.76
N TYR C 350 9.66 19.09 -1.79
CA TYR C 350 9.14 19.22 -0.43
C TYR C 350 9.45 20.61 0.16
N LEU C 351 10.66 21.14 -0.10
CA LEU C 351 11.03 22.42 0.53
C LEU C 351 10.17 23.55 0.01
N VAL C 352 9.92 23.55 -1.30
CA VAL C 352 9.16 24.57 -1.98
C VAL C 352 7.68 24.50 -1.56
N ASP C 353 7.12 23.27 -1.47
CA ASP C 353 5.78 23.07 -0.90
C ASP C 353 5.72 23.59 0.54
N GLU C 354 6.69 23.17 1.36
CA GLU C 354 6.65 23.52 2.77
C GLU C 354 6.81 25.02 2.99
N LEU C 355 7.64 25.69 2.19
CA LEU C 355 7.82 27.14 2.27
C LEU C 355 6.70 27.91 1.59
N GLY C 356 5.84 27.26 0.81
CA GLY C 356 4.77 27.96 0.11
C GLY C 356 5.27 28.82 -1.04
N LEU C 357 6.26 28.32 -1.77
CA LEU C 357 6.81 29.01 -2.93
C LEU C 357 6.37 28.27 -4.17
N ASP C 358 5.94 29.01 -5.20
CA ASP C 358 5.63 28.37 -6.47
C ASP C 358 6.89 27.71 -7.05
N GLY C 359 6.82 26.39 -7.28
CA GLY C 359 7.99 25.67 -7.75
C GLY C 359 8.50 26.16 -9.10
N ILE C 360 7.60 26.66 -9.95
CA ILE C 360 8.01 27.08 -11.30
C ILE C 360 8.86 28.33 -11.25
N ASN C 361 8.30 29.40 -10.69
CA ASN C 361 9.06 30.64 -10.61
C ASN C 361 10.20 30.52 -9.60
N THR C 362 10.14 29.55 -8.68
CA THR C 362 11.27 29.34 -7.76
C THR C 362 12.42 28.66 -8.50
N GLY C 363 12.16 27.55 -9.15
CA GLY C 363 13.21 26.93 -9.92
C GLY C 363 13.75 27.85 -10.99
N ASN C 364 12.90 28.69 -11.55
CA ASN C 364 13.38 29.62 -12.56
C ASN C 364 14.37 30.62 -11.95
N ILE C 365 14.03 31.22 -10.82
CA ILE C 365 15.00 32.15 -10.20
C ILE C 365 16.28 31.42 -9.78
N LEU C 366 16.15 30.19 -9.27
CA LEU C 366 17.34 29.43 -8.85
C LEU C 366 18.22 29.08 -10.04
N GLY C 367 17.63 28.60 -11.14
CA GLY C 367 18.44 28.30 -12.31
C GLY C 367 19.05 29.55 -12.92
N PHE C 368 18.33 30.68 -12.82
CA PHE C 368 18.86 31.94 -13.30
C PHE C 368 20.13 32.32 -12.52
N ALA C 369 20.04 32.28 -11.18
CA ALA C 369 21.21 32.51 -10.35
C ALA C 369 22.35 31.53 -10.68
N ALA C 370 22.04 30.23 -10.84
CA ALA C 370 23.09 29.27 -11.13
C ALA C 370 23.76 29.56 -12.47
N GLU C 371 23.00 30.06 -13.46
CA GLU C 371 23.66 30.38 -14.72
C GLU C 371 24.50 31.66 -14.59
N LEU C 372 24.04 32.63 -13.80
CA LEU C 372 24.87 33.81 -13.54
C LEU C 372 26.18 33.42 -12.82
N TYR C 373 26.10 32.46 -11.89
CA TYR C 373 27.30 31.94 -11.23
C TYR C 373 28.21 31.25 -12.21
N GLN C 374 27.65 30.35 -13.05
CA GLN C 374 28.42 29.68 -14.08
C GLN C 374 29.13 30.66 -15.00
N ARG C 375 28.52 31.81 -15.25
CA ARG C 375 29.11 32.78 -16.18
C ARG C 375 30.00 33.80 -15.49
N GLY C 376 30.12 33.78 -14.17
CA GLY C 376 30.97 34.68 -13.44
C GLY C 376 30.35 36.01 -13.08
N ILE C 377 29.07 36.21 -13.42
CA ILE C 377 28.39 37.46 -13.13
C ILE C 377 28.01 37.56 -11.66
N LEU C 378 27.50 36.48 -11.08
CA LEU C 378 27.33 36.37 -9.63
C LEU C 378 28.49 35.57 -9.10
N THR C 379 29.25 36.14 -8.17
CA THR C 379 30.44 35.46 -7.69
C THR C 379 30.11 34.69 -6.42
N LYS C 380 31.05 33.82 -6.06
CA LYS C 380 30.98 33.17 -4.75
C LYS C 380 30.80 34.21 -3.65
N GLU C 381 31.48 35.34 -3.77
CA GLU C 381 31.35 36.38 -2.75
C GLU C 381 29.95 37.03 -2.77
N ASP C 382 29.30 37.10 -3.94
CA ASP C 382 27.95 37.66 -4.00
C ASP C 382 26.93 36.74 -3.34
N LEU C 383 27.08 35.42 -3.53
CA LEU C 383 26.15 34.43 -3.00
C LEU C 383 26.48 34.04 -1.57
N GLY C 384 27.77 33.99 -1.24
CA GLY C 384 28.25 33.42 0.00
C GLY C 384 28.68 31.97 -0.08
N PHE C 385 28.66 31.37 -1.27
CA PHE C 385 28.99 29.97 -1.47
C PHE C 385 28.94 29.71 -2.97
N GLU C 386 29.41 28.53 -3.37
CA GLU C 386 29.36 28.14 -4.77
C GLU C 386 28.00 27.55 -5.12
N LEU C 387 27.51 27.90 -6.30
CA LEU C 387 26.19 27.48 -6.79
C LEU C 387 26.41 26.70 -8.08
N ASN C 388 26.81 25.45 -7.95
CA ASN C 388 27.06 24.57 -9.07
C ASN C 388 25.81 23.79 -9.45
N TRP C 389 25.63 23.57 -10.75
CA TRP C 389 24.58 22.66 -11.21
C TRP C 389 24.67 21.31 -10.48
N GLY C 390 23.52 20.73 -10.18
CA GLY C 390 23.46 19.43 -9.52
C GLY C 390 23.59 19.47 -8.01
N ASP C 391 23.95 20.60 -7.41
CA ASP C 391 24.19 20.64 -5.98
C ASP C 391 22.90 21.00 -5.24
N GLU C 392 22.15 19.98 -4.82
CA GLU C 392 20.88 20.24 -4.15
C GLU C 392 21.06 20.99 -2.83
N LYS C 393 22.21 20.85 -2.16
CA LYS C 393 22.38 21.59 -0.91
C LYS C 393 22.59 23.08 -1.15
N ALA C 394 23.35 23.42 -2.19
CA ALA C 394 23.52 24.82 -2.59
C ALA C 394 22.18 25.46 -2.93
N PHE C 395 21.40 24.80 -3.78
CA PHE C 395 20.06 25.32 -4.09
C PHE C 395 19.19 25.45 -2.84
N ALA C 396 19.27 24.49 -1.89
CA ALA C 396 18.44 24.61 -0.69
C ALA C 396 18.87 25.79 0.18
N LYS C 397 20.18 25.98 0.36
CA LYS C 397 20.65 27.14 1.10
C LYS C 397 20.17 28.45 0.45
N LEU C 398 20.19 28.52 -0.89
CA LEU C 398 19.68 29.71 -1.58
C LEU C 398 18.18 29.90 -1.36
N LEU C 399 17.39 28.82 -1.39
CA LEU C 399 15.97 28.89 -1.08
C LEU C 399 15.72 29.59 0.25
N HIS C 400 16.57 29.32 1.23
CA HIS C 400 16.32 29.88 2.55
C HIS C 400 16.75 31.35 2.62
N LEU C 401 17.81 31.73 1.91
CA LEU C 401 18.16 33.15 1.77
C LEU C 401 17.02 33.94 1.14
N ILE C 402 16.39 33.37 0.11
CA ILE C 402 15.26 33.99 -0.55
C ILE C 402 14.10 34.24 0.43
N VAL C 403 13.68 33.19 1.16
CA VAL C 403 12.54 33.32 2.03
C VAL C 403 12.82 34.29 3.16
N GLU C 404 14.06 34.31 3.65
CA GLU C 404 14.40 35.27 4.70
C GLU C 404 14.81 36.63 4.14
N LYS C 405 14.88 36.77 2.82
CA LYS C 405 15.31 38.01 2.17
C LYS C 405 16.65 38.47 2.74
N GLU C 406 17.63 37.57 2.79
CA GLU C 406 18.94 37.89 3.34
C GLU C 406 19.99 37.83 2.25
N GLY C 407 20.89 38.81 2.27
CA GLY C 407 21.94 38.87 1.25
C GLY C 407 21.33 38.96 -0.12
N ILE C 408 21.90 38.20 -1.07
CA ILE C 408 21.38 38.13 -2.43
C ILE C 408 19.93 37.65 -2.43
N GLY C 409 19.47 37.00 -1.34
CA GLY C 409 18.08 36.59 -1.24
C GLY C 409 17.10 37.74 -1.33
N LYS C 410 17.48 38.92 -0.85
CA LYS C 410 16.55 40.06 -0.91
C LYS C 410 16.29 40.48 -2.35
N ILE C 411 17.30 40.43 -3.21
CA ILE C 411 17.09 40.75 -4.62
C ILE C 411 16.31 39.63 -5.30
N LEU C 412 16.73 38.39 -5.05
CA LEU C 412 16.12 37.25 -5.73
C LEU C 412 14.65 37.07 -5.37
N ALA C 413 14.26 37.49 -4.16
CA ALA C 413 12.89 37.30 -3.68
C ALA C 413 11.89 38.14 -4.45
N GLU C 414 12.36 39.02 -5.35
CA GLU C 414 11.49 39.82 -6.18
C GLU C 414 11.09 39.12 -7.47
N GLY C 415 11.59 37.91 -7.73
CA GLY C 415 11.26 37.24 -8.96
C GLY C 415 12.27 37.48 -10.07
N THR C 416 12.28 36.57 -11.04
CA THR C 416 13.35 36.58 -12.04
C THR C 416 13.40 37.89 -12.83
N TYR C 417 12.24 38.43 -13.21
CA TYR C 417 12.23 39.63 -14.04
C TYR C 417 12.83 40.82 -13.29
N ARG C 418 12.22 41.16 -12.13
CA ARG C 418 12.71 42.28 -11.34
C ARG C 418 14.16 42.06 -10.87
N ALA C 419 14.53 40.83 -10.55
CA ALA C 419 15.90 40.59 -10.10
C ALA C 419 16.89 40.79 -11.23
N ALA C 420 16.53 40.38 -12.46
CA ALA C 420 17.40 40.54 -13.60
C ALA C 420 17.65 42.02 -13.92
N LEU C 421 16.65 42.89 -13.69
CA LEU C 421 16.83 44.33 -13.91
C LEU C 421 17.75 44.91 -12.85
N LYS C 422 17.51 44.57 -11.57
CA LYS C 422 18.38 45.04 -10.49
C LYS C 422 19.83 44.57 -10.68
N ILE C 423 20.02 43.29 -11.00
CA ILE C 423 21.38 42.81 -11.21
C ILE C 423 22.00 43.48 -12.43
N SER C 424 21.22 43.68 -13.49
CA SER C 424 21.74 44.37 -14.67
C SER C 424 22.24 45.77 -14.30
N GLU C 425 21.40 46.52 -13.58
CA GLU C 425 21.74 47.86 -13.13
C GLU C 425 22.99 47.85 -12.23
N ILE C 426 23.07 46.89 -11.31
CA ILE C 426 24.20 46.78 -10.38
C ILE C 426 25.48 46.42 -11.11
N LYS C 427 25.43 45.46 -12.03
CA LYS C 427 26.63 44.95 -12.66
C LYS C 427 26.98 45.62 -13.99
N GLY C 428 26.10 46.46 -14.54
CA GLY C 428 26.39 47.11 -15.82
C GLY C 428 26.48 46.13 -16.96
N ILE C 429 25.73 45.03 -16.86
CA ILE C 429 25.71 43.93 -17.82
C ILE C 429 24.25 43.58 -18.04
N ASP C 430 23.88 43.25 -19.26
CA ASP C 430 22.49 42.86 -19.53
C ASP C 430 22.29 41.39 -19.15
N VAL C 431 21.79 41.13 -17.93
CA VAL C 431 21.47 39.75 -17.57
C VAL C 431 20.01 39.38 -17.85
N THR C 432 19.22 40.31 -18.42
CA THR C 432 17.88 39.94 -18.86
C THR C 432 17.93 38.90 -19.97
N LYS C 433 19.04 38.84 -20.73
CA LYS C 433 19.12 37.82 -21.77
C LYS C 433 19.11 36.39 -21.19
N TYR C 434 19.39 36.21 -19.89
CA TYR C 434 19.28 34.88 -19.27
C TYR C 434 17.99 34.68 -18.49
N ALA C 435 17.08 35.64 -18.51
CA ALA C 435 15.84 35.53 -17.76
C ALA C 435 14.77 34.97 -18.69
N VAL C 436 14.23 33.80 -18.35
CA VAL C 436 13.28 33.13 -19.23
C VAL C 436 11.92 33.38 -18.59
N HIS C 437 11.31 34.49 -19.00
CA HIS C 437 10.03 34.95 -18.48
C HIS C 437 9.24 35.51 -19.65
N VAL C 438 7.93 35.65 -19.47
CA VAL C 438 7.11 36.48 -20.35
C VAL C 438 6.17 37.28 -19.47
N LYS C 439 6.10 38.58 -19.72
CA LYS C 439 5.33 39.51 -18.88
C LYS C 439 5.61 39.32 -17.38
N GLY C 440 6.87 39.05 -17.01
CA GLY C 440 7.27 38.96 -15.61
C GLY C 440 6.93 37.64 -14.94
N ILE C 441 6.41 36.68 -15.69
CA ILE C 441 6.07 35.36 -15.18
C ILE C 441 7.00 34.35 -15.83
N ALA C 442 7.73 33.58 -15.00
CA ALA C 442 8.58 32.51 -15.49
C ALA C 442 7.81 31.63 -16.48
N VAL C 443 8.48 31.28 -17.58
CA VAL C 443 7.88 30.40 -18.58
C VAL C 443 7.77 29.01 -17.99
N GLY C 444 6.56 28.45 -18.01
CA GLY C 444 6.37 27.06 -17.64
C GLY C 444 7.28 26.10 -18.39
N ALA C 445 7.49 24.92 -17.80
CA ALA C 445 8.49 23.98 -18.30
C ALA C 445 8.08 23.25 -19.58
N HIS C 446 7.60 23.99 -20.60
CA HIS C 446 7.30 23.46 -21.93
C HIS C 446 7.84 24.47 -22.93
N GLY C 447 9.00 24.17 -23.54
CA GLY C 447 9.65 25.09 -24.45
C GLY C 447 9.01 25.09 -25.84
N ILE C 448 9.44 26.05 -26.67
CA ILE C 448 8.87 26.20 -28.01
C ILE C 448 9.84 25.82 -29.13
N ARG C 449 11.13 25.63 -28.84
CA ARG C 449 12.12 25.55 -29.92
C ARG C 449 12.01 24.25 -30.71
N SER C 450 11.69 23.14 -30.07
CA SER C 450 11.63 21.87 -30.79
C SER C 450 10.36 21.73 -31.59
N GLU C 451 9.29 22.42 -31.19
CA GLU C 451 7.94 22.24 -31.74
C GLU C 451 7.40 20.80 -31.60
N LEU C 452 8.01 19.98 -30.74
CA LEU C 452 7.46 18.66 -30.45
C LEU C 452 6.50 18.67 -29.26
N ASP C 453 6.39 19.79 -28.56
CA ASP C 453 5.46 19.91 -27.46
C ASP C 453 4.23 20.69 -27.90
N TYR C 454 3.22 20.74 -27.00
CA TYR C 454 2.02 21.48 -27.36
C TYR C 454 2.29 22.99 -27.47
N THR C 455 3.40 23.47 -26.93
CA THR C 455 3.70 24.90 -26.93
C THR C 455 4.57 25.28 -28.13
N LYS C 456 4.17 26.33 -28.85
CA LYS C 456 4.88 26.78 -30.04
C LYS C 456 4.76 28.29 -30.16
N ASP C 457 5.61 28.84 -31.04
CA ASP C 457 5.72 30.26 -31.42
C ASP C 457 5.07 31.28 -30.49
N ILE C 458 3.76 31.53 -30.58
CA ILE C 458 3.16 32.65 -29.85
C ILE C 458 2.47 32.20 -28.54
N SER C 459 2.63 30.93 -28.13
CA SER C 459 1.91 30.37 -26.97
C SER C 459 2.02 31.23 -25.73
N TYR C 460 3.25 31.64 -25.37
CA TYR C 460 3.45 32.54 -24.23
C TYR C 460 3.38 34.01 -24.63
N ALA C 461 3.76 34.31 -25.88
CA ALA C 461 4.10 35.67 -26.31
C ALA C 461 2.92 36.62 -26.20
N VAL C 462 1.73 36.19 -26.62
CA VAL C 462 0.55 37.05 -26.64
C VAL C 462 -0.40 36.80 -25.46
N SER C 463 -0.13 35.78 -24.63
CA SER C 463 -1.05 35.36 -23.57
C SER C 463 -1.25 36.43 -22.49
N VAL C 464 -2.48 36.60 -22.03
CA VAL C 464 -2.74 37.52 -20.93
C VAL C 464 -2.22 37.00 -19.59
N GLN C 465 -1.70 35.77 -19.55
CA GLN C 465 -1.06 35.25 -18.34
C GLN C 465 0.43 34.98 -18.57
N GLY C 466 1.03 35.51 -19.64
CA GLY C 466 2.49 35.53 -19.77
C GLY C 466 3.10 34.15 -19.87
N GLY C 467 4.10 33.89 -19.03
CA GLY C 467 4.77 32.59 -19.11
C GLY C 467 3.96 31.40 -18.59
N ASP C 468 2.75 31.65 -18.09
CA ASP C 468 1.86 30.61 -17.57
C ASP C 468 1.53 29.55 -18.64
N HIS C 469 2.22 28.40 -18.58
CA HIS C 469 2.02 27.33 -19.55
C HIS C 469 0.62 26.70 -19.48
N THR C 470 -0.15 26.97 -18.43
CA THR C 470 -1.48 26.37 -18.33
C THR C 470 -2.57 27.21 -18.98
N SER C 471 -2.24 28.40 -19.50
CA SER C 471 -3.22 29.20 -20.24
C SER C 471 -2.53 29.83 -21.45
N THR C 472 -2.01 29.00 -22.37
CA THR C 472 -1.29 29.58 -23.50
C THR C 472 -2.23 29.96 -24.64
N ALA C 473 -1.73 30.81 -25.50
CA ALA C 473 -2.51 31.16 -26.67
C ALA C 473 -2.20 30.20 -27.82
N ALA C 474 -3.12 30.16 -28.78
CA ALA C 474 -3.00 29.32 -29.96
C ALA C 474 -3.59 30.06 -31.16
N LEU C 475 -3.27 29.55 -32.35
CA LEU C 475 -3.82 30.03 -33.61
C LEU C 475 -4.52 28.86 -34.27
N PRO C 476 -5.84 28.93 -34.54
CA PRO C 476 -6.80 30.04 -34.44
C PRO C 476 -7.03 30.56 -33.00
N ALA C 477 -7.25 31.87 -32.86
CA ALA C 477 -7.37 32.44 -31.52
C ALA C 477 -8.63 31.94 -30.80
N LYS C 478 -9.75 31.78 -31.52
CA LYS C 478 -10.87 31.01 -30.99
C LYS C 478 -10.55 29.54 -31.16
N GLY C 479 -11.54 28.67 -31.18
CA GLY C 479 -11.23 27.26 -31.31
C GLY C 479 -10.70 26.66 -30.01
N TYR C 480 -10.52 25.35 -30.03
CA TYR C 480 -10.70 24.52 -28.84
C TYR C 480 -9.43 24.33 -28.02
N THR C 481 -8.31 24.81 -28.52
CA THR C 481 -7.15 25.07 -27.69
C THR C 481 -6.98 26.59 -27.66
N GLY C 482 -6.23 27.07 -26.70
CA GLY C 482 -6.00 28.49 -26.60
C GLY C 482 -6.65 29.07 -25.35
N GLU C 483 -6.49 30.38 -25.23
CA GLU C 483 -6.76 31.10 -24.00
C GLU C 483 -8.23 31.04 -23.63
N LEU C 484 -9.12 30.99 -24.64
CA LEU C 484 -10.56 31.11 -24.39
C LEU C 484 -11.10 29.83 -23.76
N VAL C 485 -10.64 28.67 -24.22
CA VAL C 485 -11.08 27.42 -23.63
C VAL C 485 -10.43 27.23 -22.26
N GLU C 486 -9.18 27.68 -22.08
CA GLU C 486 -8.59 27.61 -20.75
C GLU C 486 -9.32 28.51 -19.77
N ALA C 487 -9.68 29.71 -20.20
CA ALA C 487 -10.45 30.61 -19.34
C ALA C 487 -11.80 30.00 -18.97
N PHE C 488 -12.37 29.15 -19.84
CA PHE C 488 -13.59 28.47 -19.44
C PHE C 488 -13.35 27.54 -18.24
N TYR C 489 -12.38 26.62 -18.37
CA TYR C 489 -12.11 25.70 -17.26
C TYR C 489 -11.69 26.45 -16.00
N ASP C 490 -10.94 27.55 -16.15
CA ASP C 490 -10.61 28.36 -14.98
C ASP C 490 -11.80 29.16 -14.45
N SER C 491 -12.90 29.25 -15.19
CA SER C 491 -14.09 29.92 -14.70
C SER C 491 -15.19 28.94 -14.30
N ALA C 492 -15.11 27.68 -14.72
CA ALA C 492 -16.19 26.72 -14.51
C ALA C 492 -16.31 26.30 -13.06
N VAL C 493 -15.31 26.68 -12.27
CA VAL C 493 -14.01 26.02 -12.02
C VAL C 493 -13.95 24.50 -11.90
N ILE C 494 -13.26 23.89 -12.87
CA ILE C 494 -13.00 22.48 -12.89
C ILE C 494 -11.51 22.25 -13.18
N CYS C 495 -11.06 21.05 -12.84
CA CYS C 495 -9.70 20.62 -13.13
C CYS C 495 -9.52 20.27 -14.60
N ASN C 496 -8.44 20.83 -15.21
CA ASN C 496 -8.03 20.56 -16.59
C ASN C 496 -7.85 19.10 -16.91
N PHE C 497 -7.43 18.31 -15.92
CA PHE C 497 -7.08 16.92 -16.18
C PHE C 497 -8.30 16.06 -16.39
N VAL C 498 -9.47 16.60 -16.09
CA VAL C 498 -10.73 15.86 -16.08
C VAL C 498 -11.61 16.29 -17.25
N THR C 499 -11.02 16.88 -18.29
CA THR C 499 -11.81 17.44 -19.38
C THR C 499 -11.87 16.53 -20.59
N LYS C 500 -11.50 15.26 -20.44
CA LYS C 500 -11.62 14.31 -21.55
C LYS C 500 -12.95 14.36 -22.29
N PRO C 501 -14.11 14.52 -21.66
CA PRO C 501 -15.37 14.57 -22.43
C PRO C 501 -15.41 15.67 -23.48
N GLY C 502 -14.61 16.72 -23.36
CA GLY C 502 -14.54 17.73 -24.39
C GLY C 502 -15.27 19.01 -23.98
N PHE C 503 -14.74 20.14 -24.47
CA PHE C 503 -15.29 21.48 -24.23
C PHE C 503 -16.81 21.55 -24.41
N GLU C 504 -17.33 20.99 -25.51
CA GLU C 504 -18.76 21.08 -25.79
C GLU C 504 -19.59 20.34 -24.76
N LYS C 505 -19.21 19.10 -24.46
CA LYS C 505 -19.97 18.33 -23.47
C LYS C 505 -19.86 18.96 -22.09
N ILE C 506 -18.77 19.67 -21.82
CA ILE C 506 -18.65 20.29 -20.51
C ILE C 506 -19.53 21.52 -20.39
N ILE C 507 -19.67 22.27 -21.49
CA ILE C 507 -20.64 23.36 -21.53
C ILE C 507 -22.05 22.82 -21.36
N GLU C 508 -22.38 21.73 -22.06
CA GLU C 508 -23.72 21.16 -21.94
C GLU C 508 -23.99 20.70 -20.52
N PHE C 509 -22.98 20.12 -19.86
CA PHE C 509 -23.10 19.80 -18.45
C PHE C 509 -23.35 21.06 -17.63
N GLY C 510 -22.62 22.14 -17.92
CA GLY C 510 -22.83 23.38 -17.22
C GLY C 510 -24.26 23.90 -17.36
N ASN C 511 -24.85 23.77 -18.55
CA ASN C 511 -26.23 24.22 -18.75
C ASN C 511 -27.24 23.37 -17.98
N ALA C 512 -26.97 22.07 -17.84
CA ALA C 512 -27.85 21.22 -17.05
C ALA C 512 -27.82 21.58 -15.58
N LEU C 513 -26.74 22.21 -15.13
CA LEU C 513 -26.69 22.63 -13.74
C LEU C 513 -27.43 23.96 -13.53
N SER C 514 -27.14 24.94 -14.37
CA SER C 514 -27.50 26.32 -14.08
C SER C 514 -28.82 26.75 -14.71
N GLY C 515 -29.35 25.99 -15.67
CA GLY C 515 -30.46 26.48 -16.45
C GLY C 515 -30.12 27.54 -17.48
N PHE C 516 -28.84 27.91 -17.62
CA PHE C 516 -28.38 28.72 -18.75
C PHE C 516 -28.41 27.89 -20.03
N ASN C 517 -28.26 28.58 -21.15
CA ASN C 517 -28.14 27.90 -22.43
C ASN C 517 -26.98 28.47 -23.22
N ILE C 518 -25.84 28.64 -22.54
CA ILE C 518 -24.58 29.00 -23.18
C ILE C 518 -24.20 27.94 -24.22
N THR C 519 -23.79 28.38 -25.43
CA THR C 519 -23.25 27.52 -26.47
C THR C 519 -21.74 27.68 -26.54
N PRO C 520 -21.04 26.72 -27.15
CA PRO C 520 -19.61 26.93 -27.41
C PRO C 520 -19.30 28.22 -28.16
N GLU C 521 -20.14 28.57 -29.13
CA GLU C 521 -19.90 29.77 -29.92
C GLU C 521 -19.97 31.03 -29.07
N GLN C 522 -20.94 31.12 -28.13
CA GLN C 522 -20.97 32.35 -27.34
C GLN C 522 -19.88 32.39 -26.27
N TRP C 523 -19.40 31.23 -25.81
CA TRP C 523 -18.22 31.26 -24.96
C TRP C 523 -17.03 31.84 -25.72
N LEU C 524 -16.76 31.32 -26.93
CA LEU C 524 -15.61 31.76 -27.71
C LEU C 524 -15.73 33.20 -28.20
N ASN C 525 -16.95 33.65 -28.53
CA ASN C 525 -17.14 34.96 -29.16
C ASN C 525 -17.58 36.03 -28.20
N GLU C 526 -17.97 35.68 -26.97
CA GLU C 526 -18.47 36.70 -26.05
C GLU C 526 -17.95 36.58 -24.63
N ILE C 527 -18.35 35.52 -23.91
CA ILE C 527 -18.05 35.43 -22.47
C ILE C 527 -16.56 35.26 -22.25
N GLY C 528 -15.98 34.21 -22.86
CA GLY C 528 -14.54 34.05 -22.83
C GLY C 528 -13.80 35.24 -23.40
N LEU C 529 -14.28 35.78 -24.54
CA LEU C 529 -13.59 36.92 -25.17
C LEU C 529 -13.59 38.14 -24.26
N ARG C 530 -14.69 38.39 -23.52
CA ARG C 530 -14.67 39.55 -22.64
C ARG C 530 -13.79 39.35 -21.41
N ILE C 531 -13.64 38.09 -20.97
CA ILE C 531 -12.71 37.80 -19.87
C ILE C 531 -11.28 38.09 -20.32
N ILE C 532 -10.90 37.58 -21.48
CA ILE C 532 -9.55 37.78 -22.02
C ILE C 532 -9.28 39.26 -22.26
N HIS C 533 -10.29 40.03 -22.71
CA HIS C 533 -10.04 41.44 -23.05
C HIS C 533 -9.83 42.26 -21.78
N LEU C 534 -10.61 41.98 -20.74
CA LEU C 534 -10.40 42.69 -19.48
C LEU C 534 -9.05 42.31 -18.86
N GLN C 535 -8.65 41.04 -19.00
CA GLN C 535 -7.33 40.65 -18.53
C GLN C 535 -6.23 41.33 -19.35
N ARG C 536 -6.40 41.37 -20.68
CA ARG C 536 -5.45 42.11 -21.49
C ARG C 536 -5.37 43.58 -21.08
N ILE C 537 -6.52 44.21 -20.81
CA ILE C 537 -6.52 45.63 -20.45
C ILE C 537 -5.78 45.86 -19.14
N LEU C 538 -6.11 45.06 -18.12
CA LEU C 538 -5.49 45.21 -16.79
C LEU C 538 -3.99 44.96 -16.83
N LEU C 539 -3.54 43.99 -17.64
CA LEU C 539 -2.11 43.72 -17.81
C LEU C 539 -1.41 44.89 -18.51
N LEU C 540 -2.08 45.50 -19.49
CA LEU C 540 -1.48 46.67 -20.18
C LEU C 540 -1.46 47.90 -19.26
N LEU C 541 -2.44 48.05 -18.36
CA LEU C 541 -2.36 49.14 -17.39
C LEU C 541 -1.20 48.92 -16.42
N GLY C 542 -1.02 47.68 -15.90
CA GLY C 542 0.23 47.44 -15.22
C GLY C 542 0.24 48.08 -13.87
N GLY C 543 1.17 47.58 -13.07
CA GLY C 543 1.27 47.94 -11.68
C GLY C 543 2.01 49.22 -11.44
N PRO C 544 2.32 49.46 -10.17
CA PRO C 544 3.05 50.74 -9.97
C PRO C 544 4.50 50.70 -10.44
N ASP C 545 5.15 49.53 -10.40
CA ASP C 545 6.59 49.45 -10.63
C ASP C 545 6.97 48.98 -12.02
N VAL C 546 6.15 48.17 -12.68
CA VAL C 546 6.49 47.51 -13.93
C VAL C 546 5.33 47.74 -14.89
N TYR C 547 5.64 48.10 -16.12
CA TYR C 547 4.65 48.30 -17.16
C TYR C 547 5.09 47.52 -18.38
N TRP C 548 4.14 47.00 -19.12
CA TRP C 548 4.42 46.30 -20.35
C TRP C 548 4.12 47.17 -21.56
N ASP C 549 4.93 47.03 -22.60
CA ASP C 549 4.69 47.65 -23.91
C ASP C 549 4.54 46.54 -24.94
N PRO C 550 3.37 46.39 -25.54
CA PRO C 550 3.15 45.26 -26.47
C PRO C 550 4.08 45.24 -27.66
N ARG C 551 4.61 46.38 -28.07
CA ARG C 551 5.55 46.42 -29.19
C ARG C 551 6.87 45.75 -28.84
N LYS C 552 7.16 45.61 -27.55
CA LYS C 552 8.37 45.00 -27.01
C LYS C 552 8.10 43.68 -26.30
N ASP C 553 7.00 43.57 -25.57
CA ASP C 553 6.88 42.51 -24.59
C ASP C 553 5.92 41.42 -25.01
N ASP C 554 5.28 41.55 -26.17
CA ASP C 554 4.57 40.43 -26.79
C ASP C 554 5.57 39.61 -27.60
N ASP C 555 6.48 38.99 -26.88
CA ASP C 555 7.59 38.29 -27.52
C ASP C 555 8.09 37.20 -26.59
N ASN C 556 8.83 36.28 -27.16
CA ASN C 556 9.52 35.23 -26.44
C ASN C 556 10.83 35.76 -25.84
N PRO C 557 11.25 35.21 -24.71
CA PRO C 557 12.57 35.54 -24.20
C PRO C 557 13.65 35.21 -25.20
N PRO C 558 14.78 35.93 -25.18
CA PRO C 558 15.81 35.74 -26.22
C PRO C 558 16.38 34.32 -26.28
N ARG C 559 16.48 33.62 -25.15
CA ARG C 559 16.99 32.26 -25.21
C ARG C 559 16.16 31.40 -26.16
N PHE C 560 14.88 31.71 -26.33
CA PHE C 560 14.09 30.83 -27.20
C PHE C 560 14.37 31.06 -28.70
N TYR C 561 15.20 32.06 -29.05
CA TYR C 561 15.66 32.19 -30.44
C TYR C 561 17.05 31.58 -30.69
N GLU C 562 17.80 31.18 -29.65
CA GLU C 562 19.06 30.45 -29.90
C GLU C 562 18.77 29.00 -30.33
N PRO C 563 19.49 28.47 -31.33
CA PRO C 563 19.24 27.09 -31.76
C PRO C 563 19.49 26.08 -30.64
N LEU C 564 18.67 25.03 -30.61
CA LEU C 564 18.81 23.97 -29.60
C LEU C 564 20.19 23.32 -29.70
N PRO C 565 20.89 23.15 -28.59
CA PRO C 565 22.29 22.68 -28.64
C PRO C 565 22.46 21.17 -28.72
N SER C 566 21.38 20.40 -28.59
CA SER C 566 21.50 18.97 -28.35
C SER C 566 20.15 18.34 -28.65
N GLY C 567 20.18 17.01 -28.80
CA GLY C 567 18.99 16.22 -28.97
C GLY C 567 18.63 15.97 -30.41
N PRO C 568 17.52 15.26 -30.63
CA PRO C 568 17.08 14.94 -31.99
C PRO C 568 16.76 16.13 -32.89
N VAL C 569 16.52 17.33 -32.36
CA VAL C 569 16.29 18.47 -33.24
C VAL C 569 17.24 19.59 -32.88
N LYS C 570 18.47 19.21 -32.51
CA LYS C 570 19.62 20.12 -32.53
C LYS C 570 19.54 21.07 -33.72
N GLY C 571 19.71 22.35 -33.44
CA GLY C 571 19.69 23.39 -34.44
C GLY C 571 18.39 24.16 -34.55
N LYS C 572 17.28 23.61 -34.03
CA LYS C 572 15.96 24.20 -34.24
C LYS C 572 15.69 25.34 -33.26
N ALA C 573 14.98 26.37 -33.74
CA ALA C 573 14.48 27.53 -32.99
C ALA C 573 13.62 28.35 -33.92
N PRO C 574 12.62 29.08 -33.40
CA PRO C 574 11.79 29.91 -34.28
C PRO C 574 12.55 31.13 -34.78
N ASN C 575 12.02 31.71 -35.85
CA ASN C 575 12.55 32.96 -36.38
C ASN C 575 11.68 34.11 -35.87
N ARG C 576 12.31 35.16 -35.32
CA ARG C 576 11.57 36.24 -34.71
C ARG C 576 10.65 36.97 -35.69
N GLU C 577 10.90 36.87 -37.00
CA GLU C 577 10.01 37.51 -37.97
C GLU C 577 8.71 36.74 -38.12
N ASP C 578 8.79 35.41 -38.19
CA ASP C 578 7.55 34.62 -38.23
C ASP C 578 6.75 34.79 -36.94
N ILE C 579 7.43 34.88 -35.79
CA ILE C 579 6.69 35.14 -34.54
C ILE C 579 5.92 36.45 -34.66
N LYS C 580 6.60 37.53 -35.11
CA LYS C 580 5.94 38.83 -35.30
C LYS C 580 4.72 38.71 -36.20
N ALA C 581 4.89 38.07 -37.36
CA ALA C 581 3.75 37.82 -38.24
C ALA C 581 2.62 37.15 -37.48
N LYS C 582 2.92 36.10 -36.73
CA LYS C 582 1.87 35.39 -35.99
C LYS C 582 1.28 36.26 -34.88
N VAL C 583 2.08 37.12 -34.23
CA VAL C 583 1.54 37.97 -33.19
C VAL C 583 0.55 38.97 -33.77
N LYS C 584 0.90 39.58 -34.90
CA LYS C 584 -0.03 40.51 -35.53
C LYS C 584 -1.28 39.79 -35.98
N GLN C 585 -1.14 38.56 -36.49
CA GLN C 585 -2.33 37.81 -36.84
C GLN C 585 -3.16 37.45 -35.60
N TYR C 586 -2.51 37.17 -34.47
CA TYR C 586 -3.28 36.85 -33.28
C TYR C 586 -4.11 38.04 -32.84
N TYR C 587 -3.52 39.24 -32.90
CA TYR C 587 -4.24 40.49 -32.65
C TYR C 587 -5.54 40.59 -33.47
N GLU C 588 -5.46 40.28 -34.78
CA GLU C 588 -6.62 40.39 -35.65
C GLU C 588 -7.74 39.47 -35.19
N GLU C 589 -7.41 38.20 -34.94
CA GLU C 589 -8.43 37.22 -34.63
C GLU C 589 -9.04 37.44 -33.26
N ILE C 590 -8.28 37.98 -32.30
CA ILE C 590 -8.79 38.12 -30.93
C ILE C 590 -9.47 39.47 -30.68
N GLY C 591 -9.33 40.44 -31.59
CA GLY C 591 -9.98 41.73 -31.45
C GLY C 591 -9.16 42.83 -30.81
N TYR C 592 -7.83 42.75 -30.85
CA TYR C 592 -6.93 43.82 -30.50
C TYR C 592 -6.62 44.63 -31.76
N ASP C 593 -6.20 45.88 -31.57
CA ASP C 593 -5.84 46.71 -32.71
C ASP C 593 -4.42 46.35 -33.18
N GLU C 594 -3.88 47.17 -34.08
CA GLU C 594 -2.59 46.92 -34.72
C GLU C 594 -1.45 46.82 -33.69
N HIS C 595 -1.58 47.53 -32.57
CA HIS C 595 -0.59 47.57 -31.53
C HIS C 595 -0.90 46.63 -30.36
N GLY C 596 -1.89 45.75 -30.52
CA GLY C 596 -2.24 44.79 -29.48
C GLY C 596 -3.10 45.33 -28.35
N ILE C 597 -3.75 46.48 -28.53
CA ILE C 597 -4.66 47.06 -27.53
C ILE C 597 -6.08 46.73 -27.96
N PRO C 598 -6.93 46.22 -27.06
CA PRO C 598 -8.30 45.86 -27.44
C PRO C 598 -9.01 46.98 -28.21
N LYS C 599 -9.71 46.61 -29.29
CA LYS C 599 -10.45 47.57 -30.10
C LYS C 599 -11.64 48.14 -29.33
N GLU C 600 -11.74 49.48 -29.30
CA GLU C 600 -12.92 50.10 -28.70
C GLU C 600 -14.22 49.52 -29.26
N GLU C 601 -14.30 49.29 -30.57
CA GLU C 601 -15.48 48.65 -31.15
C GLU C 601 -15.80 47.34 -30.42
N VAL C 602 -14.81 46.45 -30.34
CA VAL C 602 -15.03 45.12 -29.77
C VAL C 602 -15.51 45.24 -28.33
N LEU C 603 -14.86 46.10 -27.54
CA LEU C 603 -15.32 46.34 -26.18
C LEU C 603 -16.81 46.70 -26.12
N GLU C 604 -17.29 47.54 -27.06
CA GLU C 604 -18.72 47.88 -27.04
C GLU C 604 -19.59 46.66 -27.33
N GLU C 605 -19.27 45.91 -28.40
CA GLU C 605 -20.08 44.72 -28.69
C GLU C 605 -20.03 43.73 -27.52
N LEU C 606 -18.85 43.50 -26.95
CA LEU C 606 -18.72 42.60 -25.80
C LEU C 606 -19.51 43.09 -24.58
N GLY C 607 -20.02 44.32 -24.59
CA GLY C 607 -20.77 44.83 -23.46
C GLY C 607 -19.94 45.42 -22.34
N ILE C 608 -18.65 45.66 -22.57
CA ILE C 608 -17.76 46.25 -21.57
C ILE C 608 -17.24 47.58 -22.13
N GLY C 609 -18.14 48.38 -22.72
CA GLY C 609 -17.73 49.63 -23.32
C GLY C 609 -17.04 50.57 -22.34
N GLU C 610 -17.37 50.48 -21.05
CA GLU C 610 -16.72 51.42 -20.14
C GLU C 610 -15.23 51.22 -20.03
N ALA C 611 -14.72 50.04 -20.40
CA ALA C 611 -13.28 49.78 -20.35
C ALA C 611 -12.51 50.62 -21.36
N LYS C 612 -13.19 51.32 -22.27
CA LYS C 612 -12.53 52.30 -23.14
C LYS C 612 -11.80 53.36 -22.32
N ARG C 613 -12.40 53.76 -21.20
CA ARG C 613 -11.70 54.68 -20.30
C ARG C 613 -10.33 54.12 -19.92
N GLU C 614 -10.22 52.79 -19.71
CA GLU C 614 -8.90 52.22 -19.41
C GLU C 614 -8.02 52.16 -20.64
N VAL C 615 -8.58 51.78 -21.80
CA VAL C 615 -7.80 51.77 -23.03
C VAL C 615 -7.15 53.14 -23.31
N LYS C 616 -7.81 54.24 -22.94
CA LYS C 616 -7.24 55.56 -23.24
C LYS C 616 -6.08 55.87 -22.33
N ARG C 617 -6.16 55.46 -21.06
CA ARG C 617 -5.00 55.60 -20.19
C ARG C 617 -3.81 54.81 -20.73
N ILE C 618 -4.07 53.66 -21.35
CA ILE C 618 -2.97 52.84 -21.89
C ILE C 618 -2.30 53.53 -23.08
N LYS C 619 -3.09 54.09 -24.00
CA LYS C 619 -2.50 54.81 -25.13
C LYS C 619 -1.81 56.10 -24.69
N LYS C 620 -2.33 56.76 -23.66
CA LYS C 620 -1.65 57.93 -23.12
C LYS C 620 -0.25 57.59 -22.63
N ARG C 621 -0.13 56.52 -21.83
CA ARG C 621 1.19 56.08 -21.35
C ARG C 621 2.07 55.62 -22.50
N LEU C 622 1.50 54.92 -23.49
CA LEU C 622 2.32 54.40 -24.58
C LEU C 622 2.52 55.42 -25.68
N ASN C 623 2.02 56.64 -25.46
CA ASN C 623 1.84 57.68 -26.47
C ASN C 623 1.41 57.06 -27.80
N LEU C 624 0.24 56.41 -27.71
CA LEU C 624 -0.42 55.68 -28.79
C LEU C 624 0.47 54.57 -29.38
N ALA D 1 -2.35 -2.36 -29.77
CA ALA D 1 -1.08 -2.55 -29.05
C ALA D 1 -1.24 -2.48 -27.52
N ILE D 2 -0.74 -3.49 -26.82
CA ILE D 2 -0.85 -3.57 -25.37
C ILE D 2 0.53 -3.54 -24.73
N TRP D 3 0.58 -3.05 -23.49
CA TRP D 3 1.80 -3.06 -22.70
C TRP D 3 1.44 -3.37 -21.25
N ILE D 4 2.26 -4.18 -20.56
CA ILE D 4 1.92 -4.59 -19.20
C ILE D 4 2.57 -3.61 -18.22
N LEU D 5 1.72 -2.83 -17.53
CA LEU D 5 2.19 -1.90 -16.52
C LEU D 5 2.16 -2.60 -15.16
N ILE D 6 3.28 -2.56 -14.45
CA ILE D 6 3.48 -3.31 -13.23
C ILE D 6 3.57 -2.34 -12.06
N THR D 7 2.89 -2.70 -10.96
CA THR D 7 2.86 -1.92 -9.72
C THR D 7 3.42 -2.86 -8.66
N PRO D 8 4.73 -2.83 -8.42
CA PRO D 8 5.31 -3.83 -7.50
C PRO D 8 4.70 -3.78 -6.10
N ASP D 9 4.23 -2.62 -5.62
CA ASP D 9 3.70 -2.60 -4.26
C ASP D 9 2.32 -3.24 -4.13
N LYS D 10 1.62 -3.51 -5.24
CA LYS D 10 0.40 -4.31 -5.23
C LYS D 10 0.67 -5.82 -5.38
N CYS D 11 1.92 -6.25 -5.54
CA CYS D 11 2.21 -7.66 -5.77
C CYS D 11 2.23 -8.43 -4.44
N SER D 12 1.39 -9.46 -4.32
CA SER D 12 1.30 -10.30 -3.13
C SER D 12 2.32 -11.45 -3.12
N GLY D 13 2.98 -11.74 -4.24
CA GLY D 13 3.80 -12.92 -4.34
C GLY D 13 3.02 -14.21 -4.45
N CYS D 14 1.75 -14.15 -4.88
CA CYS D 14 1.00 -15.38 -5.06
C CYS D 14 1.56 -16.23 -6.21
N ARG D 15 2.29 -15.59 -7.12
CA ARG D 15 2.94 -16.24 -8.27
C ARG D 15 1.96 -17.07 -9.09
N LEU D 16 0.68 -16.72 -9.04
CA LEU D 16 -0.27 -17.39 -9.94
C LEU D 16 0.01 -17.02 -11.38
N CYS D 17 0.61 -15.82 -11.61
CA CYS D 17 1.09 -15.45 -12.93
C CYS D 17 2.15 -16.42 -13.44
N GLU D 18 3.09 -16.84 -12.57
CA GLU D 18 4.10 -17.83 -12.95
C GLU D 18 3.46 -19.17 -13.29
N VAL D 19 2.45 -19.57 -12.51
CA VAL D 19 1.82 -20.87 -12.75
C VAL D 19 1.04 -20.87 -14.05
N THR D 20 0.27 -19.80 -14.29
CA THR D 20 -0.50 -19.66 -15.52
C THR D 20 0.42 -19.59 -16.74
N CYS D 21 1.47 -18.78 -16.68
CA CYS D 21 2.34 -18.62 -17.84
C CYS D 21 3.08 -19.90 -18.16
N SER D 22 3.66 -20.56 -17.15
CA SER D 22 4.41 -21.78 -17.46
C SER D 22 3.48 -22.90 -17.92
N LEU D 23 2.33 -23.09 -17.25
CA LEU D 23 1.37 -24.09 -17.73
C LEU D 23 0.95 -23.79 -19.16
N GLU D 24 0.71 -22.52 -19.47
CA GLU D 24 0.29 -22.15 -20.81
C GLU D 24 1.39 -22.45 -21.83
N HIS D 25 2.65 -22.14 -21.52
CA HIS D 25 3.68 -22.20 -22.55
C HIS D 25 4.48 -23.47 -22.53
N GLU D 26 4.64 -24.11 -21.38
CA GLU D 26 5.36 -25.37 -21.30
C GLU D 26 4.45 -26.58 -21.08
N GLY D 27 3.16 -26.38 -20.78
CA GLY D 27 2.26 -27.45 -20.42
C GLY D 27 2.52 -28.08 -19.06
N ILE D 28 3.46 -27.53 -18.28
CA ILE D 28 3.87 -28.09 -17.01
C ILE D 28 4.20 -26.89 -16.12
N ILE D 29 4.17 -27.11 -14.82
CA ILE D 29 4.57 -26.10 -13.86
C ILE D 29 6.10 -26.06 -13.80
N TRP D 30 6.64 -24.87 -13.95
CA TRP D 30 8.09 -24.74 -14.18
C TRP D 30 8.43 -23.29 -13.91
N PRO D 31 8.71 -22.93 -12.65
CA PRO D 31 8.84 -21.50 -12.29
C PRO D 31 9.83 -20.75 -13.15
N GLU D 32 11.02 -21.32 -13.38
CA GLU D 32 12.05 -20.61 -14.14
C GLU D 32 11.77 -20.60 -15.63
N ALA D 33 10.81 -21.38 -16.13
CA ALA D 33 10.39 -21.22 -17.52
C ALA D 33 9.27 -20.21 -17.71
N SER D 34 8.68 -19.69 -16.63
CA SER D 34 7.67 -18.63 -16.78
C SER D 34 8.27 -17.39 -17.41
N ARG D 35 7.50 -16.73 -18.27
CA ARG D 35 7.97 -15.53 -18.93
C ARG D 35 7.74 -14.27 -18.10
N ILE D 36 7.00 -14.41 -17.00
CA ILE D 36 6.95 -13.43 -15.92
C ILE D 36 7.45 -14.11 -14.66
N ARG D 37 8.42 -13.50 -14.00
CA ARG D 37 9.00 -14.13 -12.82
C ARG D 37 9.01 -13.11 -11.70
N VAL D 38 8.60 -13.55 -10.50
CA VAL D 38 8.48 -12.68 -9.35
C VAL D 38 9.70 -12.87 -8.48
N PHE D 39 10.38 -11.78 -8.15
CA PHE D 39 11.58 -11.83 -7.33
C PHE D 39 11.24 -11.37 -5.92
N GLU D 40 11.67 -12.14 -4.93
CA GLU D 40 11.35 -11.85 -3.53
C GLU D 40 12.66 -11.99 -2.77
N LEU D 41 13.53 -11.01 -2.98
CA LEU D 41 14.86 -11.04 -2.40
C LEU D 41 14.83 -10.79 -0.90
N PHE D 42 13.82 -10.08 -0.42
CA PHE D 42 13.58 -9.95 1.00
C PHE D 42 12.10 -10.23 1.24
N PRO D 43 11.75 -11.00 2.27
CA PRO D 43 10.36 -11.38 2.49
C PRO D 43 9.43 -10.20 2.40
N GLY D 44 8.38 -10.34 1.59
CA GLY D 44 7.38 -9.28 1.50
C GLY D 44 7.67 -8.17 0.50
N ILE D 45 8.84 -8.16 -0.13
CA ILE D 45 9.16 -7.19 -1.21
C ILE D 45 9.11 -7.98 -2.51
N ASN D 46 8.02 -7.88 -3.25
CA ASN D 46 7.75 -8.76 -4.38
C ASN D 46 7.81 -7.92 -5.66
N VAL D 47 8.69 -8.32 -6.58
CA VAL D 47 8.96 -7.54 -7.79
C VAL D 47 8.70 -8.41 -9.00
N PRO D 48 7.55 -8.26 -9.66
CA PRO D 48 7.30 -9.00 -10.90
C PRO D 48 8.10 -8.40 -12.03
N HIS D 49 8.55 -9.27 -12.93
CA HIS D 49 9.59 -8.85 -13.87
C HIS D 49 9.33 -9.51 -15.21
N THR D 50 9.23 -8.73 -16.28
CA THR D 50 8.95 -9.32 -17.58
C THR D 50 9.44 -8.39 -18.69
N CYS D 51 9.23 -8.81 -19.94
CA CYS D 51 9.65 -8.02 -21.09
C CYS D 51 8.81 -6.73 -21.22
N VAL D 52 9.46 -5.64 -21.67
CA VAL D 52 8.80 -4.36 -21.92
C VAL D 52 8.69 -4.02 -23.41
N GLN D 53 9.17 -4.90 -24.31
CA GLN D 53 9.13 -4.68 -25.75
C GLN D 53 9.83 -3.38 -26.14
N CYS D 54 11.12 -3.29 -25.77
CA CYS D 54 12.01 -2.22 -26.19
C CYS D 54 11.80 -1.97 -27.69
N PRO D 55 11.52 -0.72 -28.11
CA PRO D 55 11.30 -0.49 -29.53
C PRO D 55 12.53 -0.79 -30.39
N ASP D 56 13.75 -0.74 -29.82
CA ASP D 56 14.97 -1.15 -30.51
C ASP D 56 15.35 -2.62 -30.30
N TYR D 57 14.49 -3.43 -29.63
CA TYR D 57 14.71 -4.86 -29.40
C TYR D 57 16.18 -5.28 -29.28
N PRO D 58 16.88 -4.85 -28.21
CA PRO D 58 18.26 -5.33 -28.01
C PRO D 58 18.42 -6.84 -28.14
N CYS D 59 17.53 -7.65 -27.55
CA CYS D 59 17.64 -9.10 -27.68
C CYS D 59 17.64 -9.54 -29.15
N VAL D 60 16.60 -9.16 -29.90
CA VAL D 60 16.46 -9.59 -31.29
C VAL D 60 17.69 -9.22 -32.11
N ASN D 61 18.24 -8.03 -31.88
CA ASN D 61 19.35 -7.58 -32.70
C ASN D 61 20.68 -8.18 -32.28
N ALA D 62 20.76 -8.74 -31.09
CA ALA D 62 21.99 -9.40 -30.67
C ALA D 62 22.00 -10.89 -31.00
N CYS D 63 20.88 -11.47 -31.41
CA CYS D 63 20.85 -12.92 -31.57
C CYS D 63 21.67 -13.35 -32.79
N PRO D 64 22.68 -14.22 -32.60
CA PRO D 64 23.57 -14.59 -33.73
C PRO D 64 22.93 -15.53 -34.73
N THR D 65 22.00 -16.39 -34.32
CA THR D 65 21.38 -17.37 -35.19
C THR D 65 19.99 -16.97 -35.66
N ASN D 66 19.58 -15.71 -35.42
CA ASN D 66 18.26 -15.21 -35.82
C ASN D 66 17.11 -16.06 -35.28
N ALA D 67 17.29 -16.58 -34.07
CA ALA D 67 16.21 -17.29 -33.36
C ALA D 67 15.11 -16.36 -32.88
N LEU D 68 15.38 -15.06 -32.79
CA LEU D 68 14.46 -14.08 -32.23
C LEU D 68 13.91 -13.19 -33.35
N SER D 69 12.61 -12.95 -33.33
CA SER D 69 11.97 -12.00 -34.24
C SER D 69 10.92 -11.21 -33.47
N VAL D 70 10.24 -10.30 -34.18
CA VAL D 70 9.21 -9.44 -33.62
C VAL D 70 7.89 -9.75 -34.29
N ASP D 71 6.85 -10.06 -33.49
CA ASP D 71 5.52 -10.29 -34.03
C ASP D 71 4.95 -9.00 -34.60
N GLU D 72 4.34 -9.08 -35.80
CA GLU D 72 3.90 -7.84 -36.45
C GLU D 72 2.67 -7.25 -35.78
N LYS D 73 1.75 -8.09 -35.29
CA LYS D 73 0.51 -7.62 -34.67
C LYS D 73 0.75 -7.00 -33.30
N THR D 74 1.25 -7.82 -32.37
CA THR D 74 1.64 -7.40 -31.03
C THR D 74 3.06 -6.90 -31.10
N GLY D 75 3.59 -6.23 -30.15
CA GLY D 75 4.99 -5.93 -30.45
C GLY D 75 5.96 -6.94 -29.83
N ALA D 76 5.50 -8.17 -29.60
CA ALA D 76 6.22 -9.09 -28.72
C ALA D 76 7.37 -9.79 -29.45
N VAL D 77 8.36 -10.20 -28.66
CA VAL D 77 9.45 -11.04 -29.15
C VAL D 77 8.92 -12.45 -29.34
N VAL D 78 9.32 -13.08 -30.44
CA VAL D 78 9.01 -14.49 -30.70
C VAL D 78 10.31 -15.28 -30.74
N VAL D 79 10.33 -16.41 -30.06
CA VAL D 79 11.50 -17.28 -30.01
C VAL D 79 11.28 -18.47 -30.93
N ASN D 80 12.21 -18.71 -31.85
CA ASN D 80 12.30 -19.98 -32.55
C ASN D 80 13.26 -20.85 -31.74
N GLU D 81 12.70 -21.77 -30.95
CA GLU D 81 13.51 -22.51 -29.99
C GLU D 81 14.49 -23.46 -30.68
N GLU D 82 14.13 -23.93 -31.87
CA GLU D 82 15.01 -24.86 -32.58
C GLU D 82 16.26 -24.14 -33.08
N LYS D 83 16.16 -22.84 -33.37
CA LYS D 83 17.35 -22.11 -33.79
C LYS D 83 18.18 -21.60 -32.62
N CYS D 84 17.67 -21.65 -31.41
CA CYS D 84 18.38 -21.06 -30.29
C CYS D 84 19.50 -21.99 -29.83
N ILE D 85 20.72 -21.45 -29.73
CA ILE D 85 21.89 -22.19 -29.26
C ILE D 85 22.23 -21.85 -27.81
N THR D 86 21.33 -21.17 -27.10
CA THR D 86 21.49 -20.84 -25.68
C THR D 86 22.86 -20.23 -25.36
N CYS D 87 23.25 -19.24 -26.13
CA CYS D 87 24.54 -18.56 -26.00
C CYS D 87 24.50 -17.39 -25.00
N GLY D 88 23.32 -16.88 -24.64
CA GLY D 88 23.23 -15.80 -23.69
C GLY D 88 23.44 -14.39 -24.22
N ALA D 89 23.57 -14.19 -25.55
CA ALA D 89 23.79 -12.83 -26.05
C ALA D 89 22.58 -11.93 -25.80
N CYS D 90 21.38 -12.46 -26.00
CA CYS D 90 20.17 -11.69 -25.73
C CYS D 90 20.06 -11.40 -24.23
N VAL D 91 20.41 -12.39 -23.39
CA VAL D 91 20.45 -12.19 -21.93
C VAL D 91 21.28 -10.96 -21.60
N LEU D 92 22.48 -10.86 -22.19
CA LEU D 92 23.40 -9.77 -21.89
C LEU D 92 22.98 -8.44 -22.54
N ALA D 93 22.39 -8.47 -23.73
CA ALA D 93 21.97 -7.23 -24.39
C ALA D 93 20.78 -6.56 -23.68
N CYS D 94 19.96 -7.33 -23.00
CA CYS D 94 18.71 -6.82 -22.43
C CYS D 94 18.97 -5.84 -21.28
N PRO D 95 18.51 -4.58 -21.37
CA PRO D 95 18.66 -3.64 -20.25
C PRO D 95 18.08 -4.17 -18.94
N GLY D 96 17.09 -5.05 -18.98
CA GLY D 96 16.49 -5.56 -17.75
C GLY D 96 16.89 -6.98 -17.38
N LYS D 97 17.83 -7.59 -18.10
CA LYS D 97 18.20 -8.98 -17.83
C LYS D 97 16.97 -9.88 -17.79
N VAL D 98 16.14 -9.77 -18.81
CA VAL D 98 14.83 -10.42 -18.87
C VAL D 98 14.90 -11.81 -19.53
N PRO D 99 15.59 -12.01 -20.67
CA PRO D 99 15.63 -13.37 -21.28
C PRO D 99 16.16 -14.38 -20.29
N ARG D 100 15.57 -15.57 -20.30
CA ARG D 100 15.90 -16.59 -19.30
C ARG D 100 16.06 -17.94 -19.96
N ILE D 101 17.16 -18.62 -19.65
CA ILE D 101 17.40 -19.97 -20.17
C ILE D 101 17.19 -20.95 -19.02
N PRO D 102 16.05 -21.60 -18.92
CA PRO D 102 15.81 -22.51 -17.77
C PRO D 102 16.58 -23.81 -17.96
N ALA D 103 16.73 -24.54 -16.84
CA ALA D 103 17.66 -25.67 -16.84
C ALA D 103 17.09 -26.83 -17.68
N GLY D 104 17.85 -27.27 -18.67
CA GLY D 104 17.47 -28.37 -19.52
C GLY D 104 16.55 -28.03 -20.67
N LYS D 105 16.13 -26.77 -20.82
CA LYS D 105 15.17 -26.44 -21.87
C LYS D 105 15.82 -26.48 -23.26
N GLY D 106 17.02 -25.92 -23.40
CA GLY D 106 17.63 -25.84 -24.72
C GLY D 106 17.26 -24.59 -25.49
N SER D 107 16.63 -23.62 -24.83
CA SER D 107 16.23 -22.40 -25.51
C SER D 107 15.97 -21.33 -24.45
N VAL D 108 16.21 -20.08 -24.84
CA VAL D 108 15.73 -18.93 -24.04
C VAL D 108 14.20 -18.91 -24.03
N VAL D 109 13.64 -18.31 -22.97
CA VAL D 109 12.23 -17.94 -22.99
C VAL D 109 12.11 -16.44 -22.76
N ILE D 110 11.19 -15.82 -23.49
CA ILE D 110 10.89 -14.40 -23.44
C ILE D 110 9.39 -14.26 -23.66
N CYS D 111 8.77 -13.31 -22.95
CA CYS D 111 7.32 -13.11 -23.04
C CYS D 111 6.87 -12.86 -24.47
N ASP D 112 5.84 -13.57 -24.90
CA ASP D 112 5.26 -13.34 -26.21
C ASP D 112 3.89 -12.65 -26.13
N LEU D 113 3.59 -12.04 -24.96
CA LEU D 113 2.33 -11.32 -24.69
C LEU D 113 1.10 -12.18 -24.88
N CYS D 114 1.27 -13.52 -24.87
CA CYS D 114 0.18 -14.47 -25.13
C CYS D 114 -0.55 -14.15 -26.43
N GLY D 115 0.20 -13.72 -27.45
CA GLY D 115 -0.44 -13.35 -28.70
C GLY D 115 -1.35 -12.13 -28.63
N GLY D 116 -1.27 -11.37 -27.54
CA GLY D 116 -2.10 -10.19 -27.41
C GLY D 116 -3.15 -10.27 -26.32
N ASN D 117 -3.20 -11.37 -25.55
CA ASN D 117 -4.15 -11.49 -24.43
C ASN D 117 -3.43 -12.07 -23.22
N PRO D 118 -2.65 -11.23 -22.51
CA PRO D 118 -1.84 -11.72 -21.38
C PRO D 118 -2.62 -12.50 -20.35
N LYS D 119 -2.22 -13.76 -20.14
CA LYS D 119 -2.92 -14.56 -19.14
C LYS D 119 -2.45 -14.28 -17.73
N CYS D 120 -1.22 -13.77 -17.57
CA CYS D 120 -0.76 -13.30 -16.27
C CYS D 120 -1.60 -12.12 -15.75
N VAL D 121 -1.90 -11.14 -16.62
CA VAL D 121 -2.72 -10.02 -16.17
C VAL D 121 -4.11 -10.50 -15.77
N GLU D 122 -4.67 -11.43 -16.55
CA GLU D 122 -6.01 -11.94 -16.24
C GLU D 122 -6.06 -12.56 -14.86
N ILE D 123 -5.12 -13.46 -14.52
CA ILE D 123 -5.20 -14.11 -13.22
C ILE D 123 -4.92 -13.11 -12.10
N CYS D 124 -4.00 -12.17 -12.32
CA CYS D 124 -3.69 -11.16 -11.31
C CYS D 124 -4.91 -10.27 -11.03
N HIS D 125 -5.68 -9.95 -12.07
CA HIS D 125 -6.90 -9.19 -11.89
C HIS D 125 -7.97 -10.02 -11.19
N GLU D 126 -8.12 -11.27 -11.58
CA GLU D 126 -9.12 -12.15 -10.98
C GLU D 126 -8.83 -12.40 -9.50
N ALA D 127 -7.56 -12.51 -9.13
CA ALA D 127 -7.18 -12.61 -7.72
C ALA D 127 -7.39 -11.29 -6.98
N GLY D 128 -7.67 -10.19 -7.67
CA GLY D 128 -7.87 -8.92 -6.99
C GLY D 128 -6.61 -8.17 -6.62
N HIS D 129 -5.42 -8.60 -7.06
CA HIS D 129 -4.20 -7.86 -6.70
C HIS D 129 -3.97 -6.66 -7.62
N ASP D 130 -4.20 -6.82 -8.93
CA ASP D 130 -3.95 -5.81 -9.96
C ASP D 130 -2.54 -5.23 -9.90
N ALA D 131 -1.56 -6.05 -9.50
CA ALA D 131 -0.18 -5.62 -9.69
C ALA D 131 0.20 -5.56 -11.17
N LEU D 132 -0.50 -6.30 -12.04
CA LEU D 132 -0.33 -6.21 -13.49
C LEU D 132 -1.59 -5.62 -14.11
N LYS D 133 -1.41 -4.66 -15.03
CA LYS D 133 -2.50 -4.06 -15.80
C LYS D 133 -2.05 -3.85 -17.24
N ILE D 134 -3.02 -3.86 -18.15
CA ILE D 134 -2.76 -3.60 -19.56
C ILE D 134 -3.02 -2.12 -19.87
N VAL D 135 -2.09 -1.48 -20.58
CA VAL D 135 -2.29 -0.18 -21.22
C VAL D 135 -2.40 -0.41 -22.73
N THR D 136 -3.37 0.23 -23.38
CA THR D 136 -3.62 -0.12 -24.78
C THR D 136 -3.16 0.89 -25.85
N GLY D 137 -2.73 2.09 -25.52
CA GLY D 137 -2.33 2.91 -26.69
C GLY D 137 -1.08 2.59 -27.52
N ASN D 138 -0.51 3.63 -28.11
CA ASN D 138 0.76 3.53 -28.82
C ASN D 138 1.91 3.45 -27.83
N TYR D 139 3.00 2.81 -28.26
CA TYR D 139 4.14 2.66 -27.37
C TYR D 139 4.69 4.03 -26.97
N ARG D 140 4.96 4.22 -25.68
CA ARG D 140 5.65 5.42 -25.19
C ARG D 140 7.09 5.08 -24.84
N PRO D 141 8.06 5.90 -25.27
CA PRO D 141 9.47 5.65 -24.93
C PRO D 141 9.75 5.46 -23.45
N ILE D 142 8.93 6.02 -22.54
CA ILE D 142 9.25 5.81 -21.13
C ILE D 142 9.05 4.34 -20.72
N TYR D 143 8.24 3.57 -21.47
CA TYR D 143 8.08 2.15 -21.14
C TYR D 143 9.43 1.44 -21.09
N ARG D 144 10.37 1.86 -21.93
CA ARG D 144 11.62 1.13 -22.07
C ARG D 144 12.44 1.24 -20.82
N THR D 145 12.36 2.38 -20.14
CA THR D 145 13.04 2.57 -18.88
C THR D 145 12.55 1.61 -17.79
N PHE D 146 11.43 0.90 -18.00
CA PHE D 146 11.02 -0.10 -17.01
C PHE D 146 11.85 -1.38 -17.08
N ALA D 147 12.60 -1.59 -18.16
CA ALA D 147 13.53 -2.72 -18.25
C ALA D 147 14.74 -2.43 -17.37
N LYS D 148 14.73 -2.97 -16.16
CA LYS D 148 15.74 -2.70 -15.13
C LYS D 148 16.02 -3.99 -14.40
N ASP D 149 17.26 -4.12 -13.91
CA ASP D 149 17.64 -5.29 -13.13
C ASP D 149 16.68 -5.48 -11.94
N PRO D 150 16.08 -6.67 -11.78
CA PRO D 150 15.20 -6.89 -10.62
C PRO D 150 15.85 -6.64 -9.27
N GLN D 151 17.16 -6.86 -9.13
CA GLN D 151 17.77 -6.59 -7.84
C GLN D 151 17.80 -5.10 -7.53
N GLU D 152 17.91 -4.26 -8.56
CA GLU D 152 17.88 -2.83 -8.30
C GLU D 152 16.50 -2.37 -7.86
N LYS D 153 15.46 -2.91 -8.50
CA LYS D 153 14.11 -2.54 -8.10
C LYS D 153 13.83 -3.00 -6.67
N SER D 154 14.33 -4.18 -6.27
CA SER D 154 14.02 -4.73 -4.94
C SER D 154 14.67 -3.90 -3.85
N LEU D 155 15.94 -3.59 -4.00
CA LEU D 155 16.65 -2.76 -3.05
C LEU D 155 16.03 -1.36 -2.95
N ASP D 156 15.63 -0.75 -4.09
CA ASP D 156 14.92 0.54 -4.04
C ASP D 156 13.68 0.41 -3.17
N ILE D 157 12.84 -0.59 -3.45
CA ILE D 157 11.60 -0.73 -2.69
C ILE D 157 11.89 -0.99 -1.21
N ALA D 158 12.86 -1.87 -0.91
CA ALA D 158 13.14 -2.19 0.49
C ALA D 158 13.55 -0.94 1.27
N ARG D 159 14.37 -0.10 0.64
CA ARG D 159 14.82 1.12 1.28
C ARG D 159 13.68 2.12 1.48
N LYS D 160 12.74 2.15 0.54
CA LYS D 160 11.60 3.05 0.61
C LYS D 160 10.61 2.66 1.71
N VAL D 161 10.49 1.35 1.97
CA VAL D 161 9.58 0.83 2.99
C VAL D 161 10.23 0.85 4.37
N PHE D 162 11.49 0.40 4.47
CA PHE D 162 12.13 0.20 5.77
C PHE D 162 13.15 1.28 6.14
N GLY D 163 13.55 2.14 5.20
CA GLY D 163 14.33 3.31 5.55
C GLY D 163 15.75 2.96 5.97
N GLU D 164 16.28 3.75 6.93
CA GLU D 164 17.65 3.52 7.40
C GLU D 164 17.79 2.19 8.15
N ASP D 165 16.69 1.67 8.72
CA ASP D 165 16.73 0.36 9.36
C ASP D 165 16.89 -0.79 8.36
N PHE D 166 16.93 -0.58 7.05
CA PHE D 166 17.08 -1.76 6.22
C PHE D 166 18.56 -2.12 6.02
C01 UKM E . -6.21 -21.21 13.19
C02 UKM E . -6.88 -19.94 13.68
C03 UKM E . -8.35 -19.78 13.31
C08 UKM E . -8.86 -18.37 13.69
O05 UKM E . -3.92 -22.53 13.85
O06 UKM E . -4.85 -21.34 15.66
O07 UKM E . -3.69 -19.72 13.52
O09 UKM E . -6.76 -22.45 13.67
S04 UKM E . -4.67 -21.08 14.07
C1 PTE F . 1.13 -21.29 9.17
C2 PTE F . -0.24 -21.76 8.71
C3 PTE F . -1.13 -21.90 9.93
S3 PTE F . -1.13 -20.54 10.93
C4 PTE F . -1.88 -22.96 10.15
S4 PTE F . -2.96 -23.12 11.46
W1 PTE F . -2.05 -21.37 13.05
C5 PTE F . -1.85 -24.10 9.21
N6 PTE F . -1.03 -25.18 9.72
C7 PTE F . -0.95 -26.23 8.86
C8 PTE F . -0.81 -27.61 9.30
O8 PTE F . -0.72 -27.85 10.51
N9 PTE F . -0.74 -28.58 8.38
C10 PTE F . -0.84 -28.32 7.06
N10 PTE F . -0.78 -29.37 6.21
N11 PTE F . -0.98 -27.04 6.56
C12 PTE F . -1.03 -25.99 7.39
N13 PTE F . -1.20 -24.74 6.95
C14 PTE F . -1.38 -23.61 7.83
O2 PTE F . -0.11 -22.97 7.97
C21 PTE F . 1.77 -24.66 13.60
C22 PTE F . 1.88 -23.62 14.69
C23 PTE F . 0.83 -22.62 14.38
S23 PTE F . -0.66 -23.23 13.92
C24 PTE F . 1.02 -21.30 14.42
S24 PTE F . -0.14 -20.18 14.01
C25 PTE F . 2.35 -20.78 14.86
N26 PTE F . 3.15 -20.29 13.78
C27 PTE F . 4.32 -19.80 14.25
C28 PTE F . 5.01 -18.63 13.65
O28 PTE F . 4.52 -18.07 12.65
N29 PTE F . 6.12 -18.20 14.21
C30 PTE F . 6.66 -18.80 15.30
N30 PTE F . 7.81 -18.33 15.81
N31 PTE F . 6.09 -19.87 15.89
C32 PTE F . 4.95 -20.41 15.44
N33 PTE F . 4.40 -21.48 16.04
C34 PTE F . 3.08 -21.90 15.64
O22 PTE F . 3.19 -23.03 14.78
P1 PTE F . 3.63 -21.59 8.48
O1P PTE F . 3.88 -23.19 8.75
O2P PTE F . 4.31 -21.30 7.17
O3P PTE F . 4.05 -20.79 9.71
O4P PTE F . 2.10 -21.27 8.12
P2 PTE F . 3.41 -26.49 12.63
O5P PTE F . 4.39 -25.51 11.79
O6P PTE F . 4.19 -27.62 13.30
O7P PTE F . 2.24 -26.93 11.78
O8P PTE F . 2.76 -25.66 13.84
MG1 PTE F . 3.63 -24.19 10.46
O1G PTE F . 1.79 -25.05 10.04
O2G PTE F . 3.31 -22.50 11.66
FE1 SF4 G . -1.63 -18.66 3.78
FE2 SF4 G . -1.30 -21.42 3.28
FE3 SF4 G . 0.76 -19.53 2.70
FE4 SF4 G . -1.52 -19.61 1.14
S1 SF4 G . -0.05 -21.17 1.56
S2 SF4 G . -0.57 -17.92 2.02
S3 SF4 G . -2.89 -20.05 2.75
S4 SF4 G . -0.20 -20.08 4.57
MG MG H . 3.91 -16.67 11.48
MG MG I . 0.78 -28.74 11.86
P PO4 J . -7.55 -9.40 -2.54
O1 PO4 J . -6.23 -9.40 -3.29
O2 PO4 J . -7.77 -8.01 -1.96
O3 PO4 J . -8.68 -9.53 -3.56
O4 PO4 J . -7.56 -10.51 -1.43
CL CL K . 5.05 13.82 8.83
FE1 SF4 L . -14.79 5.90 -1.43
FE2 SF4 L . -13.40 3.73 -2.48
FE3 SF4 L . -12.06 5.51 -0.77
FE4 SF4 L . -12.83 6.38 -3.38
S1 SF4 L . -11.53 4.76 -2.77
S2 SF4 L . -13.17 7.28 -1.46
S3 SF4 L . -14.65 5.22 -3.45
S4 SF4 L . -13.80 4.27 -0.44
FE1 SF4 M . -26.41 1.76 14.66
FE2 SF4 M . -24.68 1.34 12.59
FE3 SF4 M . -24.10 0.13 15.02
FE4 SF4 M . -23.77 2.84 14.81
S1 SF4 M . -22.85 1.23 13.65
S2 SF4 M . -25.01 1.73 16.25
S3 SF4 M . -25.37 3.22 13.46
S4 SF4 M . -25.80 -0.13 13.76
FE1 SF4 N . -33.14 11.00 17.82
FE2 SF4 N . -34.28 8.65 16.75
FE3 SF4 N . -31.55 9.37 16.13
FE4 SF4 N . -33.68 10.90 15.03
S1 SF4 N . -33.17 8.79 14.87
S2 SF4 N . -31.92 11.50 16.09
S3 SF4 N . -34.97 10.69 16.78
S4 SF4 N . -32.57 8.93 18.00
FE1 SF4 O . -24.83 2.45 2.59
FE2 SF4 O . -25.75 2.39 -0.07
FE3 SF4 O . -22.99 2.56 0.45
FE4 SF4 O . -24.74 4.79 0.85
S1 SF4 O . -24.21 3.67 -0.92
S2 SF4 O . -23.31 3.88 2.12
S3 SF4 O . -26.35 3.58 1.63
S4 SF4 O . -24.43 1.04 0.97
C01 UKM P . 1.41 18.88 -17.40
C02 UKM P . 2.47 17.77 -17.49
C03 UKM P . 2.29 16.81 -18.66
C08 UKM P . 3.14 15.53 -18.54
O05 UKM P . 1.31 21.30 -16.15
O06 UKM P . 2.43 19.13 -14.68
O07 UKM P . 3.42 20.82 -16.84
O09 UKM P . 1.26 19.73 -18.52
S04 UKM P . 2.20 19.95 -16.22
C1 PTE Q . -2.25 20.72 -10.22
C2 PTE Q . -2.87 20.20 -11.50
C3 PTE Q . -1.85 20.40 -12.61
S3 PTE Q . -0.30 19.85 -12.21
C4 PTE Q . -2.12 20.95 -13.81
S4 PTE Q . -0.99 21.07 -15.09
W1 PTE Q . 1.18 20.93 -13.82
C5 PTE Q . -3.50 21.46 -14.05
N6 PTE Q . -3.61 22.90 -13.92
C7 PTE Q . -4.88 23.36 -14.08
C8 PTE Q . -5.19 24.69 -14.65
O8 PTE Q . -4.26 25.47 -14.96
N9 PTE Q . -6.47 25.04 -14.79
C10 PTE Q . -7.49 24.22 -14.45
N10 PTE Q . -8.75 24.70 -14.65
N11 PTE Q . -7.30 22.97 -13.92
C12 PTE Q . -6.04 22.50 -13.71
N13 PTE Q . -5.83 21.27 -13.22
C14 PTE Q . -4.49 20.75 -13.08
O2 PTE Q . -4.07 20.94 -11.73
C21 PTE Q . -0.03 25.57 -12.05
C22 PTE Q . 1.42 25.26 -11.69
C23 PTE Q . 1.64 23.85 -12.13
S23 PTE Q . 0.95 23.43 -13.60
C24 PTE Q . 2.32 22.97 -11.39
S24 PTE Q . 2.53 21.37 -11.82
C25 PTE Q . 2.94 23.37 -10.10
N26 PTE Q . 2.22 22.94 -8.92
C27 PTE Q . 2.85 23.33 -7.81
C28 PTE Q . 2.89 22.51 -6.58
O28 PTE Q . 2.27 21.45 -6.54
N29 PTE Q . 3.58 22.96 -5.54
C30 PTE Q . 4.22 24.14 -5.60
N30 PTE Q . 4.91 24.53 -4.51
N31 PTE Q . 4.23 24.93 -6.68
C32 PTE Q . 3.59 24.58 -7.79
N33 PTE Q . 3.59 25.38 -8.87
C34 PTE Q . 3.05 24.89 -10.11
O22 PTE Q . 1.72 25.38 -10.30
P1 PTE Q . -3.05 21.82 -7.96
O1P PTE Q . -3.55 23.33 -8.38
O2P PTE Q . -4.05 21.35 -6.95
O3P PTE Q . -1.60 21.85 -7.50
O4P PTE Q . -3.19 20.73 -9.15
P2 PTE Q . -1.80 27.31 -11.15
O5P PTE Q . -2.07 26.63 -9.69
O6P PTE Q . -1.72 28.82 -10.99
O7P PTE Q . -2.72 26.76 -12.23
O8P PTE Q . -0.32 26.90 -11.62
MG1 PTE Q . -2.56 24.69 -9.44
O1G PTE Q . -3.36 24.33 -11.31
O2G PTE Q . -0.70 23.72 -9.33
FE1 SF4 R . -5.60 15.08 -10.24
FE2 SF4 R . -7.40 17.13 -11.02
FE3 SF4 R . -7.04 16.41 -8.31
FE4 SF4 R . -8.39 14.72 -9.98
S1 SF4 R . -8.84 16.82 -9.48
S2 SF4 R . -6.81 14.24 -8.61
S3 SF4 R . -7.17 15.07 -11.69
S4 SF4 R . -5.66 17.18 -9.74
MG MG S . 2.03 19.56 -6.22
MG MG T . -3.43 27.46 -14.27
P PO4 U . -6.56 2.60 -10.19
O1 PO4 U . -6.01 3.86 -10.93
O2 PO4 U . -5.59 1.41 -10.15
O3 PO4 U . -7.77 2.03 -10.93
O4 PO4 U . -6.99 2.97 -8.78
CL CL V . 14.21 -4.47 8.22
FE1 SF4 W . 1.89 -12.35 -10.19
FE2 SF4 W . -0.10 -10.46 -9.66
FE3 SF4 W . 2.21 -10.46 -8.10
FE4 SF4 W . 0.35 -12.60 -7.82
S1 SF4 W . 0.09 -10.48 -7.49
S2 SF4 W . 2.47 -12.62 -8.16
S3 SF4 W . -0.21 -12.61 -9.91
S4 SF4 W . 1.97 -10.19 -10.23
FE1 SF4 X . 14.31 -7.87 -25.51
FE2 SF4 X . 12.19 -7.62 -23.79
FE3 SF4 X . 13.77 -5.34 -24.33
FE4 SF4 X . 14.84 -7.34 -22.84
S1 SF4 X . 13.02 -6.18 -22.48
S2 SF4 X . 15.65 -6.47 -24.69
S3 SF4 X . 13.87 -9.01 -23.71
S4 SF4 X . 12.58 -6.54 -25.65
FE1 SF4 Y . 21.69 -16.80 -28.14
FE2 SF4 Y . 19.61 -16.02 -29.90
FE3 SF4 Y . 19.37 -15.51 -27.11
FE4 SF4 Y . 19.19 -18.20 -28.06
S1 SF4 Y . 18.01 -16.44 -28.48
S2 SF4 Y . 20.37 -17.34 -26.52
S3 SF4 Y . 20.63 -17.89 -29.64
S4 SF4 Y . 20.82 -14.86 -28.58
FE1 SF4 Z . 4.00 -12.80 -21.27
FE2 SF4 Z . 1.63 -14.32 -21.58
FE3 SF4 Z . 2.08 -12.90 -19.20
FE4 SF4 Z . 3.59 -15.20 -19.86
S1 SF4 Z . 1.48 -14.94 -19.45
S2 SF4 Z . 4.20 -13.29 -19.20
S3 SF4 Z . 3.74 -14.79 -21.97
S4 SF4 Z . 1.90 -12.21 -21.26
#